data_7XOH
#
_entry.id   7XOH
#
_cell.length_a   1.00
_cell.length_b   1.00
_cell.length_c   1.00
_cell.angle_alpha   90.00
_cell.angle_beta   90.00
_cell.angle_gamma   90.00
#
_symmetry.space_group_name_H-M   'P 1'
#
_entity_poly.entity_id   1
_entity_poly.type   'polypeptide(L)'
_entity_poly.pdbx_seq_one_letter_code
;MARIAQHISELIGGTPLVRLNSVVPDGAGTVAAKVEYLNPGGSS(LLP)DRIAVKMIEAAEASGQLKPGGTIVEPTSGNT
GVGLALVAQRRGYKCVFVCPDKVSEDKRNVLIAYGAEVVVCPTAVPPHDPASYYSVSDRLVRDIDGAWKPDQYANPEGPA
SHYVTTGPEIWADTEGKVTHFVAGIGTGGTITGAGRYLKEVSGGRVRIVGADPEGSVYSGGAGRPYLVEGVGEDFWPAAY
DPSVPDEIIAVSDSDSFDMTRRLAREEAMLVGGSCGMAVVAALKVAEEAGPDALIVVLLPDGGRGYMSKIFNDAWMSSYG
FLRSRLDGSTEQSTVGDVLRRKSGALPALVHTHPSETVRDAIGILREYGVSQMPVVGAEPPVMAGEVAGSVSERELLSAV
FEGRAKLADAVSAHMSPPLRMIGAGELVSAAGKALRDWDALMVVEEGKPVGVITRYDLLGFLSEGAGRRKLAAALEHHHH
HH
;
_entity_poly.pdbx_strand_id   B,A,C,D
#
# COMPACT_ATOMS: atom_id res chain seq x y z
N ILE A 4 -19.15 -53.85 19.00
CA ILE A 4 -19.05 -52.42 19.26
C ILE A 4 -17.80 -52.12 20.08
N ALA A 5 -16.78 -51.57 19.42
CA ALA A 5 -15.55 -51.18 20.10
C ALA A 5 -15.87 -50.28 21.30
N GLN A 6 -15.01 -50.31 22.32
CA GLN A 6 -15.21 -49.48 23.50
C GLN A 6 -14.51 -48.13 23.42
N HIS A 7 -13.69 -47.92 22.40
CA HIS A 7 -13.03 -46.64 22.18
C HIS A 7 -12.31 -46.70 20.84
N ILE A 8 -12.16 -45.55 20.19
CA ILE A 8 -11.55 -45.53 18.87
C ILE A 8 -10.10 -45.98 18.94
N SER A 9 -9.40 -45.65 20.02
CA SER A 9 -7.98 -45.99 20.13
C SER A 9 -7.73 -47.50 20.17
N GLU A 10 -8.78 -48.32 20.08
CA GLU A 10 -8.63 -49.76 20.00
C GLU A 10 -8.55 -50.26 18.56
N LEU A 11 -8.90 -49.43 17.59
CA LEU A 11 -8.85 -49.80 16.18
C LEU A 11 -7.47 -49.57 15.56
N ILE A 12 -6.43 -49.48 16.38
CA ILE A 12 -5.09 -49.16 15.92
C ILE A 12 -4.39 -50.48 15.61
N GLY A 13 -4.43 -50.89 14.35
CA GLY A 13 -3.76 -52.11 13.94
C GLY A 13 -4.49 -52.86 12.84
N GLY A 14 -3.92 -53.99 12.41
CA GLY A 14 -4.54 -54.78 11.37
C GLY A 14 -4.75 -54.03 10.07
N THR A 15 -3.88 -53.08 9.77
CA THR A 15 -4.05 -52.29 8.55
C THR A 15 -3.86 -53.16 7.32
N PRO A 16 -4.56 -52.86 6.23
CA PRO A 16 -4.52 -53.73 5.05
C PRO A 16 -3.14 -53.75 4.42
N LEU A 17 -3.00 -54.57 3.39
CA LEU A 17 -1.75 -54.77 2.67
C LEU A 17 -2.07 -54.74 1.18
N VAL A 18 -1.84 -53.59 0.54
CA VAL A 18 -2.18 -53.41 -0.86
C VAL A 18 -0.97 -53.75 -1.72
N ARG A 19 -1.24 -54.09 -2.98
CA ARG A 19 -0.20 -54.46 -3.95
C ARG A 19 -0.08 -53.35 -4.99
N LEU A 20 1.12 -52.78 -5.11
CA LEU A 20 1.36 -51.78 -6.14
C LEU A 20 1.35 -52.43 -7.51
N ASN A 21 0.63 -51.84 -8.46
CA ASN A 21 0.43 -52.40 -9.78
C ASN A 21 1.05 -51.57 -10.90
N SER A 22 0.73 -50.28 -10.97
CA SER A 22 1.14 -49.45 -12.09
C SER A 22 2.47 -48.75 -11.87
N VAL A 23 3.05 -48.82 -10.67
CA VAL A 23 4.29 -48.10 -10.38
C VAL A 23 5.49 -48.98 -10.68
N VAL A 24 5.51 -50.17 -10.09
CA VAL A 24 6.68 -51.05 -10.24
C VAL A 24 6.85 -51.45 -11.70
N PRO A 25 8.05 -51.34 -12.27
CA PRO A 25 8.25 -51.79 -13.65
C PRO A 25 8.08 -53.30 -13.76
N ASP A 26 7.67 -53.74 -14.94
CA ASP A 26 7.43 -55.15 -15.17
C ASP A 26 8.75 -55.92 -15.19
N GLY A 27 8.66 -57.21 -14.89
CA GLY A 27 9.84 -58.04 -14.80
C GLY A 27 10.44 -58.18 -13.41
N ALA A 28 9.64 -57.97 -12.37
CA ALA A 28 10.13 -58.05 -11.00
C ALA A 28 9.01 -58.57 -10.11
N GLY A 29 9.40 -59.04 -8.93
CA GLY A 29 8.44 -59.58 -7.99
C GLY A 29 7.36 -58.57 -7.64
N THR A 30 6.34 -59.07 -6.93
CA THR A 30 5.24 -58.23 -6.51
C THR A 30 5.69 -57.31 -5.38
N VAL A 31 5.35 -56.03 -5.49
CA VAL A 31 5.71 -55.04 -4.49
C VAL A 31 4.41 -54.63 -3.79
N ALA A 32 4.16 -55.24 -2.63
CA ALA A 32 2.98 -54.94 -1.83
C ALA A 32 3.32 -53.89 -0.78
N ALA A 33 2.45 -52.91 -0.62
CA ALA A 33 2.70 -51.77 0.26
C ALA A 33 1.72 -51.80 1.41
N LYS A 34 2.21 -52.13 2.61
CA LYS A 34 1.38 -52.07 3.80
C LYS A 34 1.00 -50.62 4.06
N VAL A 35 -0.27 -50.30 3.81
CA VAL A 35 -0.75 -48.93 3.91
C VAL A 35 -1.15 -48.63 5.34
N GLU A 36 -0.66 -47.51 5.88
CA GLU A 36 -0.83 -47.20 7.29
C GLU A 36 -1.74 -46.01 7.57
N TYR A 37 -2.20 -45.30 6.53
CA TYR A 37 -3.07 -44.15 6.78
C TYR A 37 -4.51 -44.55 7.01
N LEU A 38 -4.80 -45.83 7.21
CA LEU A 38 -6.14 -46.30 7.54
C LEU A 38 -6.33 -46.49 9.04
N ASN A 39 -5.36 -46.10 9.85
CA ASN A 39 -5.49 -46.15 11.30
C ASN A 39 -6.36 -44.99 11.77
N PRO A 40 -6.90 -45.09 13.00
CA PRO A 40 -7.72 -43.99 13.51
C PRO A 40 -6.95 -42.68 13.62
N GLY A 41 -5.66 -42.73 13.90
CA GLY A 41 -4.90 -41.52 14.14
C GLY A 41 -4.12 -41.03 12.94
N GLY A 42 -4.46 -41.52 11.75
CA GLY A 42 -3.84 -41.03 10.54
C GLY A 42 -2.68 -41.86 10.04
N SER A 43 -1.59 -41.94 10.80
CA SER A 43 -0.35 -42.53 10.33
C SER A 43 0.02 -43.74 11.17
N SER A 44 1.10 -44.41 10.75
CA SER A 44 1.64 -45.56 11.45
C SER A 44 2.43 -45.19 12.69
N ASP A 46 0.96 -44.12 15.47
CA ASP A 46 0.13 -44.36 16.63
C ASP A 46 0.13 -45.81 17.07
N ARG A 47 0.87 -46.68 16.38
CA ARG A 47 1.13 -48.00 16.92
C ARG A 47 2.03 -47.91 18.14
N ILE A 48 3.07 -47.09 18.06
CA ILE A 48 4.00 -46.94 19.17
C ILE A 48 3.36 -46.19 20.33
N ALA A 49 2.42 -45.29 20.02
CA ALA A 49 1.77 -44.53 21.10
C ALA A 49 0.97 -45.45 22.02
N VAL A 50 0.22 -46.39 21.45
CA VAL A 50 -0.57 -47.30 22.26
C VAL A 50 0.33 -48.13 23.17
N LYS A 51 1.38 -48.72 22.58
CA LYS A 51 2.30 -49.54 23.36
C LYS A 51 3.00 -48.73 24.44
N MET A 52 3.43 -47.51 24.10
CA MET A 52 4.12 -46.66 25.07
C MET A 52 3.20 -46.33 26.25
N ILE A 53 1.97 -45.92 25.95
CA ILE A 53 1.04 -45.58 27.03
C ILE A 53 0.76 -46.80 27.89
N GLU A 54 0.53 -47.96 27.25
CA GLU A 54 0.25 -49.17 28.01
C GLU A 54 1.42 -49.52 28.92
N ALA A 55 2.64 -49.47 28.39
CA ALA A 55 3.80 -49.84 29.19
C ALA A 55 4.02 -48.86 30.34
N ALA A 56 3.83 -47.56 30.09
CA ALA A 56 4.03 -46.58 31.14
C ALA A 56 2.91 -46.57 32.16
N GLU A 57 1.74 -47.09 31.81
CA GLU A 57 0.66 -47.24 32.77
C GLU A 57 0.72 -48.56 33.52
N ALA A 58 1.41 -49.56 32.98
CA ALA A 58 1.53 -50.83 33.67
C ALA A 58 2.68 -50.83 34.68
N SER A 59 3.80 -50.21 34.33
CA SER A 59 4.98 -50.18 35.20
C SER A 59 4.97 -48.98 36.13
N GLY A 60 3.81 -48.37 36.37
CA GLY A 60 3.67 -47.35 37.39
C GLY A 60 4.60 -46.16 37.25
N GLN A 61 4.77 -45.66 36.03
CA GLN A 61 5.57 -44.47 35.78
C GLN A 61 4.74 -43.28 35.34
N LEU A 62 3.49 -43.49 34.93
CA LEU A 62 2.55 -42.42 34.62
C LEU A 62 1.34 -42.63 35.52
N LYS A 63 1.41 -42.07 36.73
CA LYS A 63 0.34 -42.28 37.69
C LYS A 63 -0.95 -41.64 37.19
N PRO A 64 -2.10 -42.29 37.40
CA PRO A 64 -3.37 -41.72 36.97
C PRO A 64 -3.51 -40.26 37.38
N GLY A 65 -3.67 -39.38 36.40
CA GLY A 65 -3.71 -37.95 36.62
C GLY A 65 -2.49 -37.22 36.11
N GLY A 66 -1.49 -37.93 35.60
CA GLY A 66 -0.30 -37.28 35.09
C GLY A 66 -0.57 -36.39 33.90
N THR A 67 0.49 -35.83 33.31
CA THR A 67 0.35 -34.92 32.17
C THR A 67 1.49 -35.23 31.19
N ILE A 68 1.16 -35.94 30.11
CA ILE A 68 2.17 -36.26 29.11
C ILE A 68 2.80 -34.97 28.58
N VAL A 69 4.10 -35.03 28.31
CA VAL A 69 4.84 -33.89 27.79
C VAL A 69 5.93 -34.41 26.88
N GLU A 70 5.98 -33.90 25.64
CA GLU A 70 6.97 -34.42 24.71
C GLU A 70 7.20 -33.42 23.60
N PRO A 71 8.43 -33.24 23.13
CA PRO A 71 8.72 -32.41 21.95
C PRO A 71 8.40 -33.18 20.66
N THR A 72 7.12 -33.20 20.32
CA THR A 72 6.64 -34.06 19.25
C THR A 72 6.65 -33.34 17.92
N SER A 73 6.85 -34.12 16.84
CA SER A 73 6.94 -33.59 15.49
C SER A 73 5.58 -33.27 14.88
N GLY A 74 4.49 -33.69 15.52
CA GLY A 74 3.15 -33.44 15.02
C GLY A 74 2.44 -34.68 14.53
N ASN A 75 3.17 -35.72 14.12
CA ASN A 75 2.53 -36.95 13.69
C ASN A 75 2.32 -37.90 14.87
N THR A 76 3.38 -38.13 15.67
CA THR A 76 3.20 -38.89 16.89
C THR A 76 2.31 -38.15 17.88
N GLY A 77 2.25 -36.82 17.78
CA GLY A 77 1.41 -36.06 18.68
C GLY A 77 -0.05 -36.44 18.57
N VAL A 78 -0.53 -36.66 17.34
CA VAL A 78 -1.93 -37.04 17.15
C VAL A 78 -2.22 -38.37 17.83
N GLY A 79 -1.36 -39.36 17.61
CA GLY A 79 -1.56 -40.66 18.23
C GLY A 79 -1.53 -40.59 19.74
N LEU A 80 -0.54 -39.86 20.28
CA LEU A 80 -0.47 -39.72 21.73
C LEU A 80 -1.70 -39.03 22.28
N ALA A 81 -2.16 -37.96 21.63
CA ALA A 81 -3.33 -37.26 22.10
C ALA A 81 -4.55 -38.17 22.12
N LEU A 82 -4.77 -38.90 21.02
CA LEU A 82 -5.93 -39.79 20.94
C LEU A 82 -5.88 -40.84 22.04
N VAL A 83 -4.76 -41.57 22.13
CA VAL A 83 -4.66 -42.68 23.08
C VAL A 83 -4.76 -42.17 24.52
N ALA A 84 -4.04 -41.10 24.84
CA ALA A 84 -4.04 -40.56 26.18
C ALA A 84 -5.43 -40.07 26.58
N GLN A 85 -6.05 -39.25 25.73
CA GLN A 85 -7.36 -38.74 26.06
C GLN A 85 -8.42 -39.82 26.10
N ARG A 86 -8.12 -41.02 25.60
CA ARG A 86 -8.96 -42.17 25.95
C ARG A 86 -9.29 -42.16 27.44
N ARG A 87 -8.27 -41.99 28.29
CA ARG A 87 -8.44 -42.07 29.73
C ARG A 87 -8.36 -40.73 30.44
N GLY A 88 -7.92 -39.67 29.77
CA GLY A 88 -7.94 -38.35 30.36
C GLY A 88 -6.61 -37.86 30.90
N TYR A 89 -5.53 -38.14 30.17
CA TYR A 89 -4.20 -37.65 30.53
C TYR A 89 -3.93 -36.39 29.72
N LYS A 90 -3.69 -35.28 30.41
CA LYS A 90 -3.45 -34.01 29.74
C LYS A 90 -2.15 -34.06 28.95
N CYS A 91 -2.21 -33.64 27.69
CA CYS A 91 -1.04 -33.65 26.81
C CYS A 91 -0.56 -32.22 26.58
N VAL A 92 0.74 -32.01 26.76
CA VAL A 92 1.34 -30.69 26.57
C VAL A 92 2.50 -30.87 25.59
N PHE A 93 2.24 -30.62 24.32
CA PHE A 93 3.23 -30.79 23.27
C PHE A 93 4.05 -29.51 23.09
N VAL A 94 5.28 -29.68 22.63
CA VAL A 94 6.19 -28.57 22.38
C VAL A 94 6.66 -28.69 20.93
N CYS A 95 6.31 -27.70 20.11
CA CYS A 95 6.61 -27.82 18.69
C CYS A 95 7.40 -26.62 18.19
N PRO A 96 8.28 -26.84 17.22
CA PRO A 96 8.98 -25.71 16.60
C PRO A 96 8.09 -25.00 15.60
N ASP A 97 8.38 -23.71 15.41
CA ASP A 97 7.58 -22.91 14.48
C ASP A 97 7.57 -23.48 13.07
N LYS A 98 8.48 -24.41 12.77
CA LYS A 98 8.52 -25.02 11.45
C LYS A 98 7.21 -25.72 11.10
N VAL A 99 6.43 -26.13 12.10
CA VAL A 99 5.18 -26.82 11.85
C VAL A 99 4.16 -25.83 11.29
N SER A 100 3.19 -26.35 10.54
CA SER A 100 2.17 -25.51 9.95
C SER A 100 1.19 -25.05 11.02
N GLU A 101 0.14 -24.34 10.58
CA GLU A 101 -0.92 -23.93 11.51
C GLU A 101 -1.99 -24.99 11.67
N ASP A 102 -2.40 -25.63 10.56
CA ASP A 102 -3.38 -26.69 10.63
C ASP A 102 -2.88 -27.87 11.46
N LYS A 103 -1.57 -28.08 11.52
CA LYS A 103 -1.04 -29.18 12.32
C LYS A 103 -1.28 -28.93 13.81
N ARG A 104 -0.95 -27.73 14.28
CA ARG A 104 -1.25 -27.39 15.67
C ARG A 104 -2.74 -27.36 15.91
N ASN A 105 -3.53 -26.97 14.91
CA ASN A 105 -4.99 -27.02 15.06
C ASN A 105 -5.46 -28.46 15.26
N VAL A 106 -4.88 -29.40 14.52
CA VAL A 106 -5.23 -30.81 14.71
C VAL A 106 -4.83 -31.26 16.11
N LEU A 107 -3.63 -30.86 16.55
CA LEU A 107 -3.19 -31.27 17.89
C LEU A 107 -4.12 -30.74 18.97
N ILE A 108 -4.58 -29.49 18.83
CA ILE A 108 -5.45 -28.89 19.84
C ILE A 108 -6.85 -29.47 19.76
N ALA A 109 -7.35 -29.71 18.55
CA ALA A 109 -8.70 -30.24 18.39
C ALA A 109 -8.88 -31.56 19.13
N TYR A 110 -7.79 -32.23 19.50
CA TYR A 110 -7.83 -33.46 20.26
C TYR A 110 -7.75 -33.23 21.75
N GLY A 111 -7.71 -31.99 22.20
CA GLY A 111 -7.71 -31.70 23.62
C GLY A 111 -6.36 -31.47 24.25
N ALA A 112 -5.31 -31.34 23.46
CA ALA A 112 -3.98 -31.10 23.99
C ALA A 112 -3.71 -29.61 24.10
N GLU A 113 -2.49 -29.26 24.54
CA GLU A 113 -2.04 -27.88 24.57
C GLU A 113 -0.65 -27.84 23.96
N VAL A 114 -0.48 -27.02 22.93
CA VAL A 114 0.75 -27.00 22.14
C VAL A 114 1.44 -25.67 22.37
N VAL A 115 2.64 -25.71 22.95
CA VAL A 115 3.47 -24.52 23.11
C VAL A 115 4.50 -24.50 22.00
N VAL A 116 4.73 -23.32 21.43
CA VAL A 116 5.60 -23.17 20.28
C VAL A 116 6.95 -22.63 20.73
N CYS A 117 7.99 -23.05 20.02
CA CYS A 117 9.35 -22.60 20.25
C CYS A 117 10.03 -22.31 18.91
N PRO A 118 11.05 -21.46 18.91
CA PRO A 118 11.73 -21.12 17.65
C PRO A 118 12.43 -22.32 17.05
N THR A 119 12.59 -22.28 15.73
CA THR A 119 13.27 -23.33 14.98
C THR A 119 14.53 -22.77 14.34
N ALA A 120 15.41 -23.67 13.92
CA ALA A 120 16.71 -23.38 13.33
C ALA A 120 17.72 -22.90 14.35
N VAL A 121 17.31 -22.68 15.61
CA VAL A 121 18.22 -22.27 16.68
C VAL A 121 19.03 -23.47 17.13
N PRO A 122 20.13 -23.27 17.84
CA PRO A 122 20.93 -24.41 18.32
C PRO A 122 20.05 -25.38 19.09
N PRO A 123 20.16 -26.68 18.81
CA PRO A 123 19.24 -27.64 19.43
C PRO A 123 19.28 -27.66 20.95
N HIS A 124 20.45 -27.41 21.55
CA HIS A 124 20.61 -27.55 22.99
C HIS A 124 20.53 -26.22 23.74
N ASP A 125 20.17 -25.14 23.06
CA ASP A 125 20.10 -23.83 23.69
C ASP A 125 18.82 -23.73 24.53
N PRO A 126 18.64 -22.64 25.27
CA PRO A 126 17.45 -22.50 26.11
C PRO A 126 16.20 -22.12 25.35
N ALA A 127 16.28 -21.93 24.03
CA ALA A 127 15.12 -21.57 23.23
C ALA A 127 14.55 -22.72 22.41
N SER A 128 15.34 -23.76 22.14
CA SER A 128 14.84 -24.90 21.40
C SER A 128 13.84 -25.69 22.24
N TYR A 129 13.05 -26.53 21.57
CA TYR A 129 11.98 -27.24 22.25
C TYR A 129 12.48 -28.37 23.14
N TYR A 130 13.69 -28.87 22.92
CA TYR A 130 14.22 -29.92 23.78
C TYR A 130 14.38 -29.43 25.22
N SER A 131 15.06 -28.29 25.40
CA SER A 131 15.30 -27.78 26.74
C SER A 131 13.99 -27.40 27.42
N VAL A 132 13.07 -26.79 26.68
CA VAL A 132 11.79 -26.39 27.26
C VAL A 132 10.99 -27.63 27.67
N SER A 133 11.04 -28.69 26.86
CA SER A 133 10.37 -29.92 27.23
C SER A 133 10.95 -30.52 28.50
N ASP A 134 12.28 -30.51 28.62
CA ASP A 134 12.91 -31.01 29.84
C ASP A 134 12.50 -30.18 31.05
N ARG A 135 12.46 -28.85 30.89
CA ARG A 135 12.01 -27.98 31.96
C ARG A 135 10.58 -28.32 32.39
N LEU A 136 9.69 -28.45 31.42
CA LEU A 136 8.31 -28.83 31.72
C LEU A 136 8.27 -30.14 32.49
N VAL A 137 9.02 -31.14 32.02
CA VAL A 137 9.03 -32.44 32.68
C VAL A 137 9.46 -32.30 34.14
N ARG A 138 10.50 -31.51 34.38
CA ARG A 138 10.99 -31.34 35.75
C ARG A 138 9.95 -30.65 36.62
N ASP A 139 9.39 -29.53 36.13
CA ASP A 139 8.57 -28.68 36.99
C ASP A 139 7.19 -29.31 37.25
N ILE A 140 6.41 -29.50 36.19
CA ILE A 140 5.03 -29.96 36.34
C ILE A 140 5.05 -31.38 36.90
N ASP A 141 4.39 -31.56 38.05
CA ASP A 141 4.34 -32.87 38.67
C ASP A 141 3.48 -33.83 37.85
N GLY A 142 3.87 -35.10 37.85
CA GLY A 142 3.17 -36.10 37.07
C GLY A 142 3.54 -36.13 35.61
N ALA A 143 4.54 -35.34 35.19
CA ALA A 143 4.94 -35.29 33.80
C ALA A 143 5.64 -36.59 33.40
N TRP A 144 5.63 -36.85 32.10
CA TRP A 144 6.29 -38.05 31.55
C TRP A 144 6.68 -37.77 30.11
N LYS A 145 7.98 -37.59 29.87
CA LYS A 145 8.48 -37.41 28.52
C LYS A 145 8.69 -38.78 27.88
N PRO A 146 7.80 -39.21 26.99
CA PRO A 146 7.94 -40.55 26.40
C PRO A 146 9.26 -40.74 25.67
N ASP A 147 9.81 -39.68 25.08
CA ASP A 147 11.10 -39.72 24.39
C ASP A 147 11.10 -40.81 23.32
N GLN A 148 10.24 -40.58 22.32
CA GLN A 148 10.07 -41.52 21.23
C GLN A 148 11.37 -41.83 20.49
N TYR A 149 12.45 -41.12 20.78
CA TYR A 149 13.72 -41.31 20.09
C TYR A 149 14.65 -42.28 20.79
N ALA A 150 14.46 -42.55 22.08
CA ALA A 150 15.29 -43.49 22.81
C ALA A 150 14.45 -44.38 23.70
N ASN A 151 13.23 -44.68 23.26
CA ASN A 151 12.29 -45.48 24.04
C ASN A 151 12.13 -46.85 23.41
N PRO A 152 12.55 -47.93 24.07
CA PRO A 152 12.47 -49.26 23.45
C PRO A 152 11.04 -49.65 23.08
N GLU A 153 10.06 -48.98 23.67
CA GLU A 153 8.66 -49.30 23.39
C GLU A 153 8.35 -49.18 21.90
N GLY A 154 8.97 -48.23 21.21
CA GLY A 154 8.75 -48.05 19.80
C GLY A 154 9.03 -49.31 19.00
N PRO A 155 10.30 -49.73 19.02
CA PRO A 155 10.66 -50.98 18.32
C PRO A 155 9.92 -52.19 18.88
N ALA A 156 9.66 -52.23 20.18
CA ALA A 156 8.95 -53.37 20.75
C ALA A 156 7.55 -53.49 20.17
N SER A 157 6.85 -52.37 20.03
CA SER A 157 5.51 -52.41 19.45
C SER A 157 5.57 -52.70 17.96
N HIS A 158 6.50 -52.09 17.24
CA HIS A 158 6.62 -52.40 15.82
C HIS A 158 7.09 -53.83 15.58
N TYR A 159 7.59 -54.50 16.61
CA TYR A 159 7.96 -55.91 16.56
C TYR A 159 6.79 -56.82 16.93
N VAL A 160 5.98 -56.42 17.90
CA VAL A 160 4.87 -57.25 18.36
C VAL A 160 3.66 -57.16 17.44
N THR A 161 3.40 -55.98 16.86
CA THR A 161 2.16 -55.76 16.12
C THR A 161 2.38 -55.13 14.75
N THR A 162 3.59 -55.20 14.22
CA THR A 162 3.83 -54.73 12.85
C THR A 162 4.59 -55.78 12.05
N GLY A 163 5.34 -56.63 12.75
CA GLY A 163 6.05 -57.71 12.12
C GLY A 163 5.16 -58.90 11.86
N PRO A 164 4.50 -59.39 12.92
CA PRO A 164 3.61 -60.56 12.74
C PRO A 164 2.58 -60.36 11.65
N GLU A 165 2.09 -59.14 11.45
CA GLU A 165 1.11 -58.91 10.39
C GLU A 165 1.73 -59.10 9.01
N ILE A 166 2.96 -58.61 8.81
CA ILE A 166 3.61 -58.78 7.52
C ILE A 166 3.75 -60.25 7.19
N TRP A 167 4.16 -61.06 8.17
CA TRP A 167 4.41 -62.48 7.96
C TRP A 167 3.14 -63.30 7.98
N ALA A 168 2.03 -62.74 8.48
CA ALA A 168 0.77 -63.47 8.56
C ALA A 168 -0.13 -63.21 7.36
N ASP A 169 -0.15 -61.98 6.85
CA ASP A 169 -0.96 -61.66 5.68
C ASP A 169 -0.33 -62.12 4.37
N THR A 170 0.89 -62.65 4.41
CA THR A 170 1.56 -63.15 3.22
C THR A 170 1.92 -64.63 3.30
N GLU A 171 1.66 -65.30 4.42
CA GLU A 171 2.02 -66.70 4.61
C GLU A 171 3.53 -66.91 4.47
N GLY A 172 4.28 -66.11 5.23
CA GLY A 172 5.72 -66.26 5.32
C GLY A 172 6.47 -66.11 4.01
N LYS A 173 5.75 -65.76 2.94
CA LYS A 173 6.36 -65.62 1.61
C LYS A 173 6.70 -64.15 1.36
N VAL A 174 7.60 -63.62 2.17
CA VAL A 174 8.08 -62.26 2.03
C VAL A 174 9.60 -62.30 1.93
N THR A 175 10.14 -61.85 0.80
CA THR A 175 11.59 -61.89 0.59
C THR A 175 12.28 -60.66 1.18
N HIS A 176 11.73 -59.47 0.92
CA HIS A 176 12.34 -58.23 1.38
C HIS A 176 11.33 -57.44 2.20
N PHE A 177 11.84 -56.49 2.98
CA PHE A 177 10.99 -55.59 3.76
C PHE A 177 11.71 -54.24 3.82
N VAL A 178 11.34 -53.35 2.91
CA VAL A 178 11.91 -52.01 2.84
C VAL A 178 10.96 -51.05 3.55
N ALA A 179 11.52 -50.21 4.42
CA ALA A 179 10.70 -49.26 5.17
C ALA A 179 11.56 -48.07 5.54
N GLY A 180 11.13 -46.86 5.16
CA GLY A 180 11.86 -45.66 5.47
C GLY A 180 12.28 -45.61 6.93
N ILE A 181 13.55 -45.32 7.18
CA ILE A 181 14.11 -45.31 8.53
C ILE A 181 14.54 -43.90 8.87
N GLY A 182 13.91 -43.34 9.88
CA GLY A 182 14.31 -42.09 10.49
C GLY A 182 14.81 -42.37 11.88
N THR A 183 13.93 -42.20 12.87
CA THR A 183 14.26 -42.41 14.26
C THR A 183 14.61 -43.86 14.58
N GLY A 184 14.40 -44.78 13.66
CA GLY A 184 14.73 -46.18 13.88
C GLY A 184 13.78 -46.89 14.82
N GLY A 185 12.55 -47.11 14.37
CA GLY A 185 11.61 -47.84 15.20
C GLY A 185 10.87 -48.95 14.47
N THR A 186 10.93 -48.94 13.14
CA THR A 186 10.22 -49.93 12.33
C THR A 186 11.16 -50.90 11.63
N ILE A 187 12.34 -50.44 11.19
CA ILE A 187 13.32 -51.40 10.69
C ILE A 187 13.88 -52.23 11.83
N THR A 188 13.96 -51.65 13.03
CA THR A 188 14.47 -52.37 14.19
C THR A 188 13.45 -53.34 14.76
N GLY A 189 12.17 -53.01 14.68
CA GLY A 189 11.14 -53.87 15.24
C GLY A 189 10.58 -54.84 14.23
N ALA A 190 10.17 -54.34 13.06
CA ALA A 190 9.70 -55.21 12.00
C ALA A 190 10.83 -56.01 11.36
N GLY A 191 12.08 -55.70 11.68
CA GLY A 191 13.21 -56.43 11.14
C GLY A 191 13.60 -57.60 12.04
N ARG A 192 13.68 -57.34 13.35
CA ARG A 192 14.01 -58.42 14.28
C ARG A 192 13.07 -59.60 14.11
N TYR A 193 11.77 -59.33 13.97
CA TYR A 193 10.81 -60.42 13.83
C TYR A 193 11.00 -61.15 12.52
N LEU A 194 10.89 -60.43 11.40
CA LEU A 194 11.01 -61.09 10.10
C LEU A 194 12.37 -61.75 9.90
N LYS A 195 13.34 -61.47 10.76
CA LYS A 195 14.60 -62.21 10.74
C LYS A 195 14.58 -63.42 11.67
N GLU A 196 13.91 -63.31 12.82
CA GLU A 196 13.85 -64.43 13.75
C GLU A 196 13.05 -65.59 13.19
N VAL A 197 11.87 -65.30 12.63
CA VAL A 197 10.93 -66.35 12.26
C VAL A 197 10.90 -66.53 10.74
N SER A 198 12.00 -66.20 10.08
CA SER A 198 12.16 -66.51 8.66
C SER A 198 13.55 -67.02 8.32
N GLY A 199 14.36 -67.36 9.33
CA GLY A 199 15.72 -67.80 9.09
C GLY A 199 16.65 -66.62 8.87
N GLY A 200 17.08 -66.43 7.63
CA GLY A 200 17.85 -65.27 7.25
C GLY A 200 17.49 -64.77 5.87
N ARG A 201 16.38 -65.27 5.34
CA ARG A 201 15.98 -64.94 3.97
C ARG A 201 15.54 -63.49 3.86
N VAL A 202 14.80 -63.00 4.85
CA VAL A 202 14.21 -61.66 4.79
C VAL A 202 15.32 -60.65 5.05
N ARG A 203 15.86 -60.06 3.98
CA ARG A 203 16.85 -59.01 4.13
C ARG A 203 16.14 -57.68 4.36
N ILE A 204 16.50 -57.01 5.46
CA ILE A 204 15.81 -55.80 5.91
C ILE A 204 16.47 -54.62 5.22
N VAL A 205 15.90 -54.18 4.10
CA VAL A 205 16.37 -52.97 3.44
C VAL A 205 15.86 -51.74 4.18
N GLY A 206 16.51 -50.61 3.94
CA GLY A 206 16.10 -49.38 4.60
C GLY A 206 16.35 -48.14 3.77
N ALA A 207 15.32 -47.34 3.56
CA ALA A 207 15.43 -46.11 2.80
C ALA A 207 15.82 -44.95 3.71
N ASP A 208 16.29 -43.87 3.11
CA ASP A 208 16.75 -42.72 3.87
C ASP A 208 17.01 -41.55 2.94
N PRO A 209 16.68 -40.32 3.34
CA PRO A 209 16.93 -39.18 2.47
C PRO A 209 18.40 -38.94 2.29
N GLU A 210 18.80 -38.64 1.06
CA GLU A 210 20.21 -38.47 0.74
C GLU A 210 20.83 -37.38 1.60
N GLY A 211 21.86 -37.74 2.36
CA GLY A 211 22.53 -36.82 3.23
C GLY A 211 22.16 -36.94 4.70
N SER A 212 21.78 -38.11 5.17
CA SER A 212 21.46 -38.34 6.56
C SER A 212 22.52 -39.22 7.20
N VAL A 213 22.55 -39.23 8.53
CA VAL A 213 23.58 -39.97 9.25
C VAL A 213 23.60 -41.43 8.82
N TYR A 214 22.42 -42.03 8.72
CA TYR A 214 22.32 -43.46 8.41
C TYR A 214 22.88 -43.77 7.02
N SER A 215 22.54 -42.93 6.03
CA SER A 215 23.04 -43.17 4.68
C SER A 215 24.57 -43.12 4.64
N GLY A 216 25.19 -42.35 5.53
CA GLY A 216 26.63 -42.22 5.55
C GLY A 216 27.11 -40.85 5.11
N GLY A 217 26.33 -39.83 5.43
CA GLY A 217 26.69 -38.46 5.07
C GLY A 217 26.76 -37.55 6.28
N ALA A 218 26.55 -36.25 6.06
CA ALA A 218 26.58 -35.26 7.11
C ALA A 218 25.20 -34.60 7.23
N GLY A 219 25.12 -33.57 8.05
CA GLY A 219 23.86 -32.89 8.28
C GLY A 219 23.27 -32.34 7.00
N ARG A 220 22.04 -31.84 7.11
CA ARG A 220 21.33 -31.27 5.97
C ARG A 220 19.99 -30.69 6.42
N PRO A 221 19.41 -29.76 5.65
CA PRO A 221 18.03 -29.34 5.92
C PRO A 221 17.04 -30.26 5.23
N TYR A 222 16.14 -30.86 6.00
CA TYR A 222 15.24 -31.87 5.47
C TYR A 222 13.91 -31.27 5.06
N LEU A 223 13.30 -31.87 4.05
CA LEU A 223 11.97 -31.49 3.58
C LEU A 223 10.92 -32.58 3.74
N VAL A 224 11.31 -33.84 3.60
CA VAL A 224 10.39 -34.96 3.79
C VAL A 224 10.18 -35.13 5.28
N GLU A 225 9.04 -34.64 5.78
CA GLU A 225 8.78 -34.63 7.22
C GLU A 225 8.75 -36.06 7.76
N GLY A 226 9.61 -36.33 8.74
CA GLY A 226 9.57 -37.60 9.42
C GLY A 226 10.84 -38.42 9.41
N VAL A 227 11.55 -38.43 8.29
CA VAL A 227 12.70 -39.29 8.12
C VAL A 227 13.98 -38.46 8.20
N GLY A 228 15.13 -39.13 8.25
CA GLY A 228 16.41 -38.49 8.35
C GLY A 228 16.71 -37.99 9.76
N GLU A 229 18.00 -37.85 10.03
CA GLU A 229 18.44 -37.39 11.34
C GLU A 229 19.86 -36.84 11.22
N ASP A 230 20.24 -36.03 12.22
CA ASP A 230 21.59 -35.49 12.34
C ASP A 230 22.35 -36.12 13.50
N PHE A 231 21.90 -37.28 13.98
CA PHE A 231 22.52 -37.96 15.10
C PHE A 231 22.02 -39.40 15.13
N TRP A 232 22.34 -40.13 16.19
CA TRP A 232 21.96 -41.53 16.28
C TRP A 232 20.92 -41.72 17.39
N PRO A 233 19.69 -42.10 17.07
CA PRO A 233 18.70 -42.35 18.11
C PRO A 233 19.06 -43.60 18.89
N ALA A 234 18.96 -43.50 20.22
CA ALA A 234 19.32 -44.61 21.09
C ALA A 234 18.42 -45.83 20.93
N ALA A 235 17.40 -45.76 20.07
CA ALA A 235 16.47 -46.86 19.85
C ALA A 235 16.61 -47.45 18.46
N TYR A 236 17.80 -47.38 17.88
CA TYR A 236 18.04 -47.86 16.52
C TYR A 236 19.21 -48.83 16.54
N ASP A 237 18.95 -50.08 16.15
CA ASP A 237 19.99 -51.09 16.03
C ASP A 237 20.54 -51.09 14.61
N PRO A 238 21.69 -50.45 14.37
CA PRO A 238 22.23 -50.38 13.01
C PRO A 238 22.64 -51.73 12.44
N SER A 239 22.54 -52.82 13.20
CA SER A 239 22.88 -54.14 12.70
C SER A 239 21.68 -54.89 12.14
N VAL A 240 20.46 -54.37 12.32
CA VAL A 240 19.26 -55.01 11.81
C VAL A 240 19.18 -54.81 10.30
N PRO A 241 19.19 -53.56 9.82
CA PRO A 241 19.20 -53.35 8.37
C PRO A 241 20.42 -53.99 7.73
N ASP A 242 20.30 -54.26 6.43
CA ASP A 242 21.36 -54.95 5.70
C ASP A 242 21.83 -54.16 4.49
N GLU A 243 20.93 -53.42 3.85
CA GLU A 243 21.24 -52.64 2.64
C GLU A 243 20.48 -51.33 2.75
N ILE A 244 21.15 -50.31 3.29
CA ILE A 244 20.52 -49.02 3.55
C ILE A 244 20.61 -48.18 2.29
N ILE A 245 19.52 -48.17 1.50
CA ILE A 245 19.47 -47.31 0.33
C ILE A 245 19.28 -45.86 0.74
N ALA A 246 19.71 -44.95 -0.13
CA ALA A 246 19.54 -43.52 0.08
C ALA A 246 18.84 -42.92 -1.13
N VAL A 247 17.86 -42.06 -0.88
CA VAL A 247 17.04 -41.47 -1.93
C VAL A 247 16.98 -39.96 -1.73
N SER A 248 16.97 -39.23 -2.84
CA SER A 248 16.91 -37.78 -2.80
C SER A 248 15.52 -37.32 -2.40
N ASP A 249 15.33 -35.99 -2.38
CA ASP A 249 14.03 -35.41 -2.05
C ASP A 249 13.16 -35.19 -3.28
N SER A 250 13.75 -34.72 -4.39
CA SER A 250 13.00 -34.60 -5.63
C SER A 250 12.39 -35.92 -6.02
N ASP A 251 13.16 -37.01 -5.94
CA ASP A 251 12.64 -38.33 -6.26
C ASP A 251 11.55 -38.74 -5.29
N SER A 252 11.71 -38.42 -4.00
CA SER A 252 10.67 -38.77 -3.03
C SER A 252 9.35 -38.11 -3.38
N PHE A 253 9.37 -36.81 -3.67
CA PHE A 253 8.13 -36.10 -3.97
C PHE A 253 7.54 -36.55 -5.31
N ASP A 254 8.40 -36.79 -6.30
CA ASP A 254 7.91 -37.29 -7.59
C ASP A 254 7.23 -38.64 -7.42
N MET A 255 7.83 -39.53 -6.62
CA MET A 255 7.21 -40.82 -6.39
C MET A 255 5.92 -40.69 -5.61
N THR A 256 5.85 -39.76 -4.65
CA THR A 256 4.59 -39.53 -3.95
C THR A 256 3.48 -39.15 -4.91
N ARG A 257 3.75 -38.18 -5.78
CA ARG A 257 2.73 -37.75 -6.74
C ARG A 257 2.37 -38.87 -7.70
N ARG A 258 3.37 -39.59 -8.21
CA ARG A 258 3.12 -40.68 -9.15
C ARG A 258 2.34 -41.81 -8.50
N LEU A 259 2.61 -42.08 -7.23
CA LEU A 259 1.89 -43.12 -6.50
C LEU A 259 0.44 -42.71 -6.29
N ALA A 260 0.20 -41.45 -5.92
CA ALA A 260 -1.18 -41.00 -5.77
C ALA A 260 -1.91 -40.89 -7.10
N ARG A 261 -1.18 -40.78 -8.21
CA ARG A 261 -1.82 -40.66 -9.51
C ARG A 261 -2.06 -41.99 -10.19
N GLU A 262 -1.22 -42.99 -9.95
CA GLU A 262 -1.29 -44.28 -10.64
C GLU A 262 -1.66 -45.43 -9.73
N GLU A 263 -1.80 -45.20 -8.42
CA GLU A 263 -2.13 -46.26 -7.49
C GLU A 263 -3.27 -45.93 -6.54
N ALA A 264 -3.78 -44.70 -6.56
CA ALA A 264 -4.92 -44.31 -5.72
C ALA A 264 -4.56 -44.34 -4.24
N MET A 265 -3.48 -43.65 -3.88
CA MET A 265 -3.05 -43.52 -2.49
C MET A 265 -2.52 -42.12 -2.27
N LEU A 266 -3.10 -41.41 -1.29
CA LEU A 266 -2.58 -40.09 -0.91
C LEU A 266 -1.58 -40.25 0.23
N VAL A 267 -0.41 -40.77 -0.12
CA VAL A 267 0.68 -40.94 0.82
C VAL A 267 1.55 -39.68 0.82
N GLY A 268 2.36 -39.52 1.87
CA GLY A 268 3.15 -38.31 2.03
C GLY A 268 4.47 -38.34 1.30
N GLY A 269 5.54 -37.89 1.98
CA GLY A 269 6.85 -37.87 1.36
C GLY A 269 7.66 -39.11 1.67
N SER A 270 7.72 -39.48 2.96
CA SER A 270 8.45 -40.68 3.33
C SER A 270 7.87 -41.91 2.65
N CYS A 271 6.56 -41.91 2.37
CA CYS A 271 5.96 -43.01 1.63
C CYS A 271 6.56 -43.11 0.24
N GLY A 272 6.68 -41.98 -0.45
CA GLY A 272 7.30 -41.99 -1.76
C GLY A 272 8.76 -42.41 -1.71
N MET A 273 9.48 -41.97 -0.67
CA MET A 273 10.87 -42.36 -0.51
C MET A 273 11.01 -43.87 -0.32
N ALA A 274 10.16 -44.44 0.54
CA ALA A 274 10.20 -45.88 0.76
C ALA A 274 9.83 -46.65 -0.51
N VAL A 275 8.84 -46.14 -1.26
CA VAL A 275 8.47 -46.81 -2.51
C VAL A 275 9.61 -46.74 -3.52
N VAL A 276 10.31 -45.61 -3.58
CA VAL A 276 11.46 -45.51 -4.49
C VAL A 276 12.54 -46.49 -4.08
N ALA A 277 12.81 -46.60 -2.78
CA ALA A 277 13.81 -47.55 -2.32
C ALA A 277 13.41 -48.97 -2.67
N ALA A 278 12.12 -49.31 -2.51
CA ALA A 278 11.65 -50.64 -2.87
C ALA A 278 11.81 -50.90 -4.36
N LEU A 279 11.34 -49.97 -5.19
CA LEU A 279 11.49 -50.13 -6.64
C LEU A 279 12.95 -50.33 -7.03
N LYS A 280 13.85 -49.58 -6.41
CA LYS A 280 15.27 -49.77 -6.68
C LYS A 280 15.80 -51.07 -6.09
N VAL A 281 15.07 -51.67 -5.16
CA VAL A 281 15.39 -53.03 -4.71
C VAL A 281 14.67 -54.09 -5.53
N ALA A 282 13.59 -53.73 -6.21
CA ALA A 282 12.84 -54.66 -7.05
C ALA A 282 13.51 -54.90 -8.40
N GLU A 283 14.75 -54.45 -8.58
CA GLU A 283 15.50 -54.70 -9.80
C GLU A 283 16.65 -55.66 -9.61
N GLU A 284 17.30 -55.64 -8.44
CA GLU A 284 18.39 -56.56 -8.13
C GLU A 284 17.89 -57.94 -7.74
N ALA A 285 16.58 -58.12 -7.62
CA ALA A 285 15.97 -59.42 -7.30
C ALA A 285 14.87 -59.68 -8.29
N GLY A 286 15.08 -60.64 -9.19
CA GLY A 286 14.13 -60.95 -10.23
C GLY A 286 12.83 -61.53 -9.70
N PRO A 287 11.98 -62.02 -10.60
CA PRO A 287 10.68 -62.57 -10.17
C PRO A 287 10.84 -63.68 -9.15
N ASP A 288 9.71 -64.13 -8.58
CA ASP A 288 9.66 -65.08 -7.47
C ASP A 288 9.90 -64.38 -6.14
N ALA A 289 9.99 -63.06 -6.12
CA ALA A 289 10.22 -62.29 -4.91
C ALA A 289 9.00 -61.45 -4.59
N LEU A 290 8.89 -61.09 -3.30
CA LEU A 290 7.75 -60.31 -2.79
C LEU A 290 8.29 -59.27 -1.83
N ILE A 291 8.20 -58.00 -2.21
CA ILE A 291 8.78 -56.89 -1.46
C ILE A 291 7.66 -56.16 -0.73
N VAL A 292 7.77 -56.06 0.59
CA VAL A 292 6.71 -55.48 1.41
C VAL A 292 7.13 -54.10 1.92
N VAL A 293 6.76 -53.06 1.19
CA VAL A 293 7.02 -51.68 1.59
C VAL A 293 6.08 -51.30 2.72
N LEU A 294 6.37 -50.21 3.43
CA LEU A 294 5.56 -49.77 4.56
C LEU A 294 5.26 -48.28 4.39
N LEU A 295 4.04 -47.95 3.95
CA LEU A 295 3.66 -46.55 3.77
C LEU A 295 3.17 -45.99 5.10
N PRO A 296 3.96 -45.18 5.78
CA PRO A 296 3.68 -44.83 7.18
C PRO A 296 2.84 -43.57 7.39
N ASP A 297 2.28 -42.96 6.36
CA ASP A 297 1.56 -41.71 6.57
C ASP A 297 0.54 -41.50 5.47
N GLY A 298 -0.38 -40.57 5.72
CA GLY A 298 -1.41 -40.21 4.76
C GLY A 298 -1.22 -38.79 4.27
N GLY A 299 -1.39 -38.59 2.97
CA GLY A 299 -1.07 -37.32 2.36
C GLY A 299 -2.23 -36.35 2.23
N ARG A 300 -2.87 -35.99 3.34
CA ARG A 300 -3.86 -34.93 3.35
C ARG A 300 -3.41 -33.68 4.10
N GLY A 301 -2.45 -33.81 5.01
CA GLY A 301 -1.80 -32.63 5.55
C GLY A 301 -0.76 -32.06 4.61
N TYR A 302 -0.21 -32.89 3.74
CA TYR A 302 0.73 -32.45 2.73
C TYR A 302 0.04 -31.91 1.48
N MET A 303 -1.26 -31.64 1.55
CA MET A 303 -1.98 -31.20 0.36
C MET A 303 -1.61 -29.79 -0.06
N SER A 304 -0.76 -29.10 0.70
CA SER A 304 -0.24 -27.81 0.30
C SER A 304 1.28 -27.79 0.26
N LYS A 305 1.93 -28.95 0.37
CA LYS A 305 3.38 -28.97 0.35
C LYS A 305 3.96 -29.81 -0.77
N ILE A 306 3.42 -31.00 -1.02
CA ILE A 306 3.92 -31.86 -2.09
C ILE A 306 2.96 -31.88 -3.28
N PHE A 307 1.65 -31.80 -3.02
CA PHE A 307 0.67 -31.71 -4.09
C PHE A 307 0.39 -30.27 -4.50
N ASN A 308 0.95 -29.29 -3.82
CA ASN A 308 0.87 -27.91 -4.27
C ASN A 308 1.83 -27.69 -5.44
N ASP A 309 1.46 -26.75 -6.31
CA ASP A 309 2.24 -26.51 -7.52
C ASP A 309 3.22 -25.36 -7.39
N ALA A 310 3.17 -24.61 -6.28
CA ALA A 310 4.12 -23.54 -6.02
C ALA A 310 5.23 -23.97 -5.07
N TRP A 311 4.88 -24.63 -3.97
CA TRP A 311 5.90 -25.14 -3.06
C TRP A 311 6.82 -26.12 -3.76
N MET A 312 6.28 -26.94 -4.66
CA MET A 312 7.09 -27.83 -5.47
C MET A 312 7.81 -27.11 -6.61
N SER A 313 7.50 -25.85 -6.85
CA SER A 313 8.24 -25.04 -7.81
C SER A 313 9.11 -24.00 -7.14
N SER A 314 8.91 -23.73 -5.84
CA SER A 314 9.82 -22.87 -5.10
C SER A 314 11.19 -23.50 -4.96
N TYR A 315 11.35 -24.76 -5.34
CA TYR A 315 12.62 -25.46 -5.36
C TYR A 315 12.89 -26.00 -6.75
N GLY A 316 13.90 -26.85 -6.90
CA GLY A 316 14.18 -27.45 -8.19
C GLY A 316 13.30 -28.65 -8.46
N PHE A 317 12.15 -28.70 -7.80
CA PHE A 317 11.19 -29.79 -7.91
C PHE A 317 10.19 -29.46 -9.01
N LEU A 318 9.06 -30.17 -9.04
CA LEU A 318 8.02 -29.94 -10.04
C LEU A 318 8.48 -30.29 -11.44
N ARG A 319 8.77 -31.56 -11.68
CA ARG A 319 9.03 -32.04 -13.03
C ARG A 319 7.89 -31.63 -13.98
N SER A 320 6.65 -31.88 -13.57
CA SER A 320 5.50 -31.56 -14.41
C SER A 320 4.31 -31.23 -13.53
N ARG A 321 3.36 -30.50 -14.12
CA ARG A 321 2.18 -30.06 -13.40
C ARG A 321 1.18 -31.21 -13.26
N LEU A 322 0.34 -31.13 -12.22
CA LEU A 322 -0.62 -32.19 -11.96
C LEU A 322 -1.62 -32.34 -13.10
N ASP A 323 -2.14 -31.22 -13.60
CA ASP A 323 -3.34 -31.24 -14.42
C ASP A 323 -3.07 -31.41 -15.91
N GLY A 324 -1.94 -30.93 -16.43
CA GLY A 324 -1.76 -30.95 -17.86
C GLY A 324 -0.43 -30.50 -18.39
N SER A 325 -0.45 -29.62 -19.39
CA SER A 325 0.74 -29.23 -20.14
C SER A 325 1.85 -28.76 -19.22
N THR A 326 3.08 -28.72 -19.73
CA THR A 326 4.24 -28.44 -18.90
C THR A 326 4.13 -27.08 -18.22
N GLU A 327 4.15 -26.00 -18.98
CA GLU A 327 3.96 -24.69 -18.37
C GLU A 327 2.91 -23.85 -19.07
N GLN A 328 2.88 -23.84 -20.40
CA GLN A 328 2.00 -22.97 -21.18
C GLN A 328 1.93 -21.57 -20.59
N SER A 329 3.04 -21.10 -20.03
CA SER A 329 3.11 -19.78 -19.41
C SER A 329 4.33 -19.06 -19.96
N THR A 330 4.12 -17.87 -20.51
CA THR A 330 5.16 -17.14 -21.23
C THR A 330 5.62 -15.93 -20.44
N VAL A 331 6.80 -15.43 -20.83
CA VAL A 331 7.36 -14.25 -20.18
C VAL A 331 6.41 -13.07 -20.31
N GLY A 332 5.67 -12.99 -21.41
CA GLY A 332 4.68 -11.95 -21.59
C GLY A 332 3.66 -11.97 -20.47
N ASP A 333 3.54 -13.12 -19.81
CA ASP A 333 2.71 -13.25 -18.62
C ASP A 333 3.48 -12.97 -17.34
N VAL A 334 4.80 -13.24 -17.33
CA VAL A 334 5.60 -12.98 -16.14
C VAL A 334 5.67 -11.50 -15.81
N LEU A 335 5.32 -10.63 -16.77
CA LEU A 335 5.49 -9.19 -16.63
C LEU A 335 4.19 -8.47 -16.31
N ARG A 336 3.20 -9.15 -15.72
CA ARG A 336 1.93 -8.51 -15.42
C ARG A 336 1.83 -8.10 -13.95
N ARG A 337 1.84 -9.08 -13.03
CA ARG A 337 1.75 -8.81 -11.61
C ARG A 337 0.41 -8.19 -11.24
N LYS A 338 -0.37 -7.82 -12.27
CA LYS A 338 -1.74 -7.35 -12.09
C LYS A 338 -2.64 -7.82 -13.23
N SER A 339 -2.13 -8.68 -14.12
CA SER A 339 -2.84 -9.14 -15.31
C SER A 339 -2.87 -8.07 -16.41
N GLY A 340 -2.44 -6.85 -16.09
CA GLY A 340 -2.33 -5.81 -17.09
C GLY A 340 -1.25 -4.80 -16.80
N ALA A 341 -0.43 -5.06 -15.79
CA ALA A 341 0.44 -4.02 -15.23
C ALA A 341 1.75 -3.88 -15.97
N LEU A 342 1.70 -3.71 -17.30
CA LEU A 342 2.91 -3.25 -17.97
C LEU A 342 2.63 -2.10 -18.92
N PRO A 343 1.78 -1.12 -18.55
CA PRO A 343 1.75 0.13 -19.32
C PRO A 343 2.73 1.14 -18.74
N ALA A 344 3.92 0.66 -18.37
CA ALA A 344 4.84 1.49 -17.60
C ALA A 344 6.30 1.28 -18.01
N LEU A 345 6.55 1.03 -19.31
CA LEU A 345 7.93 0.82 -19.71
C LEU A 345 8.77 1.95 -19.14
N VAL A 346 9.65 1.62 -18.20
CA VAL A 346 10.36 2.61 -17.41
C VAL A 346 11.68 2.90 -18.10
N HIS A 347 11.81 4.13 -18.60
CA HIS A 347 12.96 4.53 -19.41
C HIS A 347 13.61 5.77 -18.82
N THR A 348 14.80 6.07 -19.32
CA THR A 348 15.54 7.25 -18.88
C THR A 348 16.35 7.75 -20.07
N HIS A 349 15.95 8.90 -20.62
CA HIS A 349 16.55 9.36 -21.86
C HIS A 349 18.01 9.75 -21.63
N PRO A 350 18.83 9.70 -22.68
CA PRO A 350 20.28 9.88 -22.51
C PRO A 350 20.70 11.29 -22.12
N SER A 351 19.76 12.21 -21.93
CA SER A 351 20.09 13.56 -21.50
C SER A 351 19.78 13.84 -20.04
N GLU A 352 18.81 13.12 -19.46
CA GLU A 352 18.45 13.35 -18.07
C GLU A 352 19.66 13.20 -17.15
N THR A 353 19.54 13.74 -15.95
CA THR A 353 20.60 13.68 -14.97
C THR A 353 20.67 12.30 -14.33
N VAL A 354 21.86 11.94 -13.84
CA VAL A 354 22.03 10.67 -13.15
C VAL A 354 21.10 10.58 -11.96
N ARG A 355 20.94 11.69 -11.24
CA ARG A 355 20.04 11.71 -10.10
C ARG A 355 18.62 11.42 -10.52
N ASP A 356 18.19 11.94 -11.67
CA ASP A 356 16.84 11.67 -12.15
C ASP A 356 16.66 10.19 -12.45
N ALA A 357 17.66 9.56 -13.07
CA ALA A 357 17.58 8.13 -13.35
C ALA A 357 17.49 7.32 -12.07
N ILE A 358 18.31 7.67 -11.08
CA ILE A 358 18.25 6.99 -9.79
C ILE A 358 16.87 7.15 -9.17
N GLY A 359 16.33 8.37 -9.22
CA GLY A 359 15.02 8.61 -8.64
C GLY A 359 13.92 7.81 -9.31
N ILE A 360 13.97 7.71 -10.64
CA ILE A 360 12.95 6.95 -11.35
C ILE A 360 13.08 5.47 -11.02
N LEU A 361 14.32 4.96 -10.96
CA LEU A 361 14.51 3.56 -10.57
C LEU A 361 13.95 3.32 -9.17
N ARG A 362 14.16 4.24 -8.25
CA ARG A 362 13.69 4.05 -6.88
C ARG A 362 12.18 4.20 -6.76
N GLU A 363 11.56 5.05 -7.57
CA GLU A 363 10.14 5.32 -7.44
C GLU A 363 9.27 4.39 -8.27
N TYR A 364 9.84 3.67 -9.24
CA TYR A 364 9.08 2.70 -10.00
C TYR A 364 9.34 1.26 -9.56
N GLY A 365 10.01 1.06 -8.43
CA GLY A 365 10.20 -0.27 -7.88
C GLY A 365 11.01 -1.21 -8.74
N VAL A 366 11.74 -0.69 -9.72
CA VAL A 366 12.57 -1.51 -10.58
C VAL A 366 14.03 -1.29 -10.18
N SER A 367 14.92 -2.13 -10.72
CA SER A 367 16.35 -2.03 -10.43
C SER A 367 17.20 -2.00 -11.69
N GLN A 368 16.61 -1.66 -12.83
CA GLN A 368 17.35 -1.60 -14.09
C GLN A 368 16.41 -1.04 -15.15
N MET A 369 16.97 -0.30 -16.11
CA MET A 369 16.07 0.32 -17.08
C MET A 369 16.82 0.70 -18.34
N PRO A 370 16.20 0.60 -19.51
CA PRO A 370 16.89 1.00 -20.74
C PRO A 370 16.76 2.48 -21.03
N VAL A 371 17.88 3.15 -21.23
CA VAL A 371 17.87 4.56 -21.63
C VAL A 371 17.54 4.62 -23.12
N VAL A 372 16.41 5.25 -23.44
CA VAL A 372 15.88 5.26 -24.79
C VAL A 372 15.45 6.68 -25.14
N GLY A 373 15.90 7.17 -26.29
CA GLY A 373 15.40 8.42 -26.81
C GLY A 373 13.98 8.27 -27.35
N ALA A 374 13.37 9.39 -27.70
CA ALA A 374 11.98 9.39 -28.17
C ALA A 374 11.06 8.78 -27.12
N GLU A 375 11.01 9.45 -25.96
CA GLU A 375 10.34 9.00 -24.74
C GLU A 375 9.16 8.05 -24.98
N PRO A 376 8.16 8.44 -25.76
CA PRO A 376 6.96 7.60 -25.90
C PRO A 376 7.34 6.16 -26.16
N PRO A 377 7.03 5.26 -25.23
CA PRO A 377 7.47 3.87 -25.39
C PRO A 377 6.77 3.14 -26.52
N VAL A 378 7.12 3.51 -27.75
CA VAL A 378 6.64 2.84 -28.95
C VAL A 378 7.84 2.57 -29.83
N MET A 379 9.04 2.88 -29.32
CA MET A 379 10.25 2.86 -30.11
C MET A 379 10.68 1.43 -30.44
N ALA A 380 11.48 1.32 -31.49
CA ALA A 380 12.00 0.04 -31.94
C ALA A 380 13.34 -0.23 -31.24
N GLY A 381 14.11 -1.21 -31.73
CA GLY A 381 15.35 -1.64 -31.13
C GLY A 381 16.41 -0.55 -30.99
N GLU A 382 16.11 0.68 -31.41
CA GLU A 382 17.08 1.77 -31.33
C GLU A 382 17.15 2.35 -29.91
N VAL A 383 17.61 1.51 -28.99
CA VAL A 383 17.85 1.92 -27.60
C VAL A 383 19.34 2.18 -27.44
N ALA A 384 19.68 3.33 -26.87
CA ALA A 384 21.08 3.73 -26.78
C ALA A 384 21.85 2.85 -25.81
N GLY A 385 21.21 2.36 -24.77
CA GLY A 385 21.88 1.53 -23.78
C GLY A 385 20.96 1.24 -22.61
N SER A 386 21.56 0.69 -21.56
CA SER A 386 20.81 0.37 -20.35
C SER A 386 21.58 0.85 -19.14
N VAL A 387 20.87 1.39 -18.15
CA VAL A 387 21.44 1.85 -16.90
C VAL A 387 20.89 0.99 -15.78
N SER A 388 21.79 0.44 -14.98
CA SER A 388 21.42 -0.34 -13.80
C SER A 388 21.20 0.62 -12.63
N GLU A 389 21.06 0.07 -11.42
CA GLU A 389 21.02 0.88 -10.23
C GLU A 389 22.16 0.61 -9.27
N ARG A 390 22.84 -0.54 -9.40
CA ARG A 390 24.03 -0.79 -8.61
C ARG A 390 25.23 -0.03 -9.15
N GLU A 391 25.27 0.21 -10.47
CA GLU A 391 26.35 1.01 -11.05
C GLU A 391 26.25 2.46 -10.60
N LEU A 392 25.11 3.10 -10.86
CA LEU A 392 24.93 4.49 -10.48
C LEU A 392 25.19 4.68 -8.99
N LEU A 393 24.63 3.80 -8.16
CA LEU A 393 24.92 3.86 -6.73
C LEU A 393 26.35 3.43 -6.41
N SER A 394 27.12 3.01 -7.42
CA SER A 394 28.54 2.76 -7.27
C SER A 394 29.40 3.74 -8.06
N ALA A 395 28.91 4.25 -9.18
CA ALA A 395 29.58 5.32 -9.90
C ALA A 395 29.33 6.68 -9.28
N VAL A 396 28.48 6.75 -8.26
CA VAL A 396 28.18 8.01 -7.57
C VAL A 396 28.83 8.07 -6.19
N PHE A 397 29.14 6.94 -5.57
CA PHE A 397 29.79 6.93 -4.27
C PHE A 397 31.29 6.78 -4.36
N GLU A 398 31.80 6.11 -5.40
CA GLU A 398 33.24 6.00 -5.57
C GLU A 398 33.87 7.32 -6.02
N GLY A 399 33.10 8.19 -6.65
CA GLY A 399 33.61 9.42 -7.22
C GLY A 399 33.81 9.38 -8.72
N ARG A 400 33.65 8.21 -9.34
CA ARG A 400 33.81 8.10 -10.78
C ARG A 400 32.76 8.90 -11.55
N ALA A 401 31.67 9.29 -10.91
CA ALA A 401 30.64 10.08 -11.56
C ALA A 401 30.03 11.04 -10.55
N LYS A 402 29.41 12.09 -11.05
CA LYS A 402 28.80 13.11 -10.21
C LYS A 402 27.29 12.99 -10.29
N LEU A 403 26.63 13.21 -9.15
CA LEU A 403 25.21 12.94 -9.04
C LEU A 403 24.37 13.84 -9.93
N ALA A 404 24.95 14.93 -10.44
CA ALA A 404 24.24 15.85 -11.34
C ALA A 404 24.74 15.75 -12.77
N ASP A 405 25.39 14.64 -13.13
CA ASP A 405 25.96 14.47 -14.46
C ASP A 405 24.97 13.76 -15.38
N ALA A 406 25.17 13.96 -16.68
CA ALA A 406 24.28 13.36 -17.68
C ALA A 406 24.38 11.84 -17.64
N VAL A 407 23.24 11.19 -17.83
CA VAL A 407 23.20 9.73 -17.76
C VAL A 407 23.91 9.08 -18.94
N SER A 408 24.16 9.82 -20.02
CA SER A 408 24.77 9.27 -21.21
C SER A 408 26.27 9.05 -21.07
N ALA A 409 26.82 9.21 -19.86
CA ALA A 409 28.24 9.01 -19.62
C ALA A 409 28.53 7.94 -18.58
N HIS A 410 27.50 7.28 -18.04
CA HIS A 410 27.70 6.22 -17.06
C HIS A 410 26.73 5.07 -17.29
N MET A 411 26.35 4.84 -18.54
CA MET A 411 25.36 3.82 -18.89
C MET A 411 26.06 2.64 -19.55
N SER A 412 25.75 1.43 -19.08
CA SER A 412 26.30 0.22 -19.66
C SER A 412 25.63 -0.06 -21.00
N PRO A 413 26.27 -0.85 -21.85
CA PRO A 413 25.69 -1.18 -23.16
C PRO A 413 24.32 -1.82 -23.00
N PRO A 414 23.52 -1.84 -24.06
CA PRO A 414 22.17 -2.41 -23.95
C PRO A 414 22.21 -3.85 -23.45
N LEU A 415 21.09 -4.29 -22.92
CA LEU A 415 20.94 -5.64 -22.41
C LEU A 415 20.17 -6.49 -23.41
N ARG A 416 20.56 -7.76 -23.53
CA ARG A 416 19.97 -8.63 -24.54
C ARG A 416 18.46 -8.74 -24.35
N MET A 417 17.79 -9.17 -25.41
CA MET A 417 16.34 -9.13 -25.49
C MET A 417 15.80 -10.48 -25.92
N ILE A 418 14.54 -10.74 -25.55
CA ILE A 418 13.85 -11.97 -25.93
C ILE A 418 12.39 -11.63 -26.25
N GLY A 419 11.75 -12.51 -27.00
CA GLY A 419 10.36 -12.31 -27.35
C GLY A 419 9.44 -12.30 -26.14
N ALA A 420 8.18 -11.94 -26.40
CA ALA A 420 7.18 -11.84 -25.34
C ALA A 420 6.46 -13.17 -25.10
N GLY A 421 6.10 -13.88 -26.16
CA GLY A 421 5.35 -15.12 -26.01
C GLY A 421 6.22 -16.36 -25.98
N GLU A 422 7.20 -16.39 -25.09
CA GLU A 422 8.09 -17.53 -24.93
C GLU A 422 7.91 -18.14 -23.56
N LEU A 423 8.08 -19.46 -23.48
CA LEU A 423 7.85 -20.18 -22.24
C LEU A 423 8.88 -19.80 -21.18
N VAL A 424 8.48 -19.88 -19.92
CA VAL A 424 9.34 -19.46 -18.81
C VAL A 424 10.67 -20.20 -18.84
N SER A 425 10.63 -21.51 -19.08
CA SER A 425 11.85 -22.30 -19.10
C SER A 425 12.90 -21.69 -20.03
N ALA A 426 12.46 -21.21 -21.20
CA ALA A 426 13.38 -20.52 -22.11
C ALA A 426 13.95 -19.27 -21.43
N ALA A 427 13.10 -18.51 -20.75
CA ALA A 427 13.57 -17.34 -20.03
C ALA A 427 14.56 -17.71 -18.93
N GLY A 428 14.29 -18.80 -18.21
CA GLY A 428 15.23 -19.24 -17.19
C GLY A 428 16.58 -19.60 -17.76
N LYS A 429 16.58 -20.40 -18.84
CA LYS A 429 17.85 -20.78 -19.44
C LYS A 429 18.59 -19.56 -19.97
N ALA A 430 17.86 -18.59 -20.53
CA ALA A 430 18.49 -17.37 -21.01
C ALA A 430 19.12 -16.59 -19.86
N LEU A 431 18.37 -16.37 -18.77
CA LEU A 431 18.88 -15.66 -17.62
C LEU A 431 20.00 -16.41 -16.92
N ARG A 432 20.19 -17.69 -17.24
CA ARG A 432 21.35 -18.41 -16.74
C ARG A 432 22.68 -17.77 -17.15
N ASP A 433 22.65 -16.78 -18.04
CA ASP A 433 23.86 -16.12 -18.50
C ASP A 433 23.94 -14.64 -18.16
N TRP A 434 22.82 -13.93 -18.11
CA TRP A 434 22.80 -12.52 -17.78
C TRP A 434 21.95 -12.30 -16.54
N ASP A 435 21.90 -11.05 -16.08
CA ASP A 435 21.14 -10.69 -14.89
C ASP A 435 19.77 -10.09 -15.18
N ALA A 436 19.45 -9.86 -16.45
CA ALA A 436 18.15 -9.35 -16.86
C ALA A 436 18.12 -9.27 -18.38
N LEU A 437 16.93 -9.08 -18.93
CA LEU A 437 16.83 -8.94 -20.38
C LEU A 437 15.47 -8.37 -20.74
N MET A 438 15.43 -7.65 -21.86
CA MET A 438 14.20 -7.01 -22.30
C MET A 438 13.25 -8.03 -22.92
N VAL A 439 12.00 -7.61 -23.05
CA VAL A 439 10.95 -8.40 -23.70
C VAL A 439 10.46 -7.60 -24.89
N VAL A 440 10.79 -8.06 -26.09
CA VAL A 440 10.42 -7.37 -27.31
C VAL A 440 9.09 -7.92 -27.81
N GLU A 441 8.13 -7.04 -28.02
CA GLU A 441 6.83 -7.39 -28.61
C GLU A 441 6.77 -6.74 -29.99
N GLU A 442 6.80 -7.57 -31.04
CA GLU A 442 6.83 -7.12 -32.43
C GLU A 442 8.15 -6.42 -32.76
N GLY A 443 9.09 -6.35 -31.82
CA GLY A 443 10.32 -5.62 -32.00
C GLY A 443 10.47 -4.41 -31.08
N LYS A 444 9.35 -3.89 -30.57
CA LYS A 444 9.38 -2.73 -29.69
C LYS A 444 9.44 -3.22 -28.25
N PRO A 445 10.50 -2.92 -27.49
CA PRO A 445 10.59 -3.42 -26.11
C PRO A 445 9.43 -2.93 -25.26
N VAL A 446 8.99 -3.78 -24.33
CA VAL A 446 7.85 -3.50 -23.48
C VAL A 446 8.12 -3.74 -22.00
N GLY A 447 9.32 -4.17 -21.64
CA GLY A 447 9.63 -4.41 -20.24
C GLY A 447 10.91 -5.19 -20.10
N VAL A 448 11.37 -5.29 -18.86
CA VAL A 448 12.61 -5.98 -18.52
C VAL A 448 12.28 -7.07 -17.51
N ILE A 449 12.66 -8.31 -17.83
CA ILE A 449 12.47 -9.45 -16.94
C ILE A 449 13.82 -9.79 -16.32
N THR A 450 13.83 -9.97 -14.99
CA THR A 450 15.06 -10.17 -14.24
C THR A 450 14.96 -11.47 -13.45
N ARG A 451 16.13 -11.97 -13.04
CA ARG A 451 16.19 -13.22 -12.28
C ARG A 451 15.26 -13.17 -11.07
N TYR A 452 15.32 -12.09 -10.31
CA TYR A 452 14.49 -11.97 -9.11
C TYR A 452 13.01 -12.09 -9.46
N ASP A 453 12.56 -11.35 -10.46
CA ASP A 453 11.15 -11.38 -10.83
C ASP A 453 10.75 -12.76 -11.36
N LEU A 454 11.60 -13.40 -12.15
CA LEU A 454 11.27 -14.72 -12.69
C LEU A 454 11.12 -15.74 -11.58
N LEU A 455 12.11 -15.80 -10.69
CA LEU A 455 12.06 -16.75 -9.58
C LEU A 455 10.95 -16.42 -8.59
N GLY A 456 10.51 -15.16 -8.55
CA GLY A 456 9.36 -14.84 -7.72
C GLY A 456 8.03 -15.21 -8.35
N PHE A 457 7.94 -15.11 -9.68
CA PHE A 457 6.74 -15.55 -10.37
C PHE A 457 6.61 -17.06 -10.34
N LEU A 458 7.73 -17.79 -10.39
CA LEU A 458 7.66 -19.25 -10.28
C LEU A 458 7.11 -19.66 -8.93
N SER A 459 7.62 -19.08 -7.85
CA SER A 459 7.26 -19.49 -6.51
C SER A 459 5.91 -18.95 -6.04
N GLU A 460 5.12 -18.37 -6.94
CA GLU A 460 3.78 -17.92 -6.58
C GLU A 460 2.73 -18.24 -7.63
N GLY A 461 3.10 -18.86 -8.75
CA GLY A 461 2.15 -19.19 -9.79
C GLY A 461 2.71 -20.16 -10.82
N ILE B 4 -0.85 58.76 -12.72
CA ILE B 4 -1.62 57.52 -12.79
C ILE B 4 -1.39 56.84 -14.14
N ALA B 5 -0.54 55.81 -14.14
CA ALA B 5 -0.25 55.07 -15.35
C ALA B 5 -1.52 54.53 -15.98
N GLN B 6 -1.47 54.21 -17.28
CA GLN B 6 -2.63 53.68 -17.98
C GLN B 6 -2.67 52.16 -18.00
N HIS B 7 -1.62 51.49 -17.54
CA HIS B 7 -1.59 50.03 -17.49
C HIS B 7 -0.31 49.60 -16.79
N ILE B 8 -0.38 48.45 -16.13
CA ILE B 8 0.77 47.93 -15.40
C ILE B 8 1.97 47.69 -16.29
N SER B 9 1.80 47.76 -17.61
CA SER B 9 2.87 47.52 -18.55
C SER B 9 3.72 48.75 -18.83
N GLU B 10 3.36 49.91 -18.26
CA GLU B 10 4.15 51.12 -18.43
C GLU B 10 5.22 51.28 -17.35
N LEU B 11 5.14 50.50 -16.27
CA LEU B 11 6.12 50.55 -15.19
C LEU B 11 7.32 49.65 -15.47
N ILE B 12 7.51 49.22 -16.72
CA ILE B 12 8.59 48.33 -17.11
C ILE B 12 9.81 49.19 -17.41
N GLY B 13 10.78 49.19 -16.51
CA GLY B 13 12.01 49.94 -16.69
C GLY B 13 12.35 50.75 -15.46
N GLY B 14 13.43 51.52 -15.58
CA GLY B 14 13.87 52.36 -14.48
C GLY B 14 14.13 51.60 -13.21
N THR B 15 14.56 50.35 -13.31
CA THR B 15 14.79 49.55 -12.11
C THR B 15 15.97 50.11 -11.31
N PRO B 16 15.91 50.02 -9.99
CA PRO B 16 16.95 50.66 -9.16
C PRO B 16 18.31 50.00 -9.33
N LEU B 17 19.31 50.52 -8.63
CA LEU B 17 20.68 50.02 -8.70
C LEU B 17 21.24 50.00 -7.27
N VAL B 18 21.11 48.84 -6.61
CA VAL B 18 21.55 48.70 -5.24
C VAL B 18 23.02 48.28 -5.21
N ARG B 19 23.65 48.42 -4.05
CA ARG B 19 25.06 48.10 -3.86
C ARG B 19 25.20 46.90 -2.93
N LEU B 20 26.10 45.99 -3.29
CA LEU B 20 26.38 44.83 -2.44
C LEU B 20 27.35 45.23 -1.34
N ASN B 21 26.98 44.98 -0.10
CA ASN B 21 27.76 45.43 1.06
C ASN B 21 28.63 44.33 1.66
N SER B 22 28.04 43.19 2.00
CA SER B 22 28.74 42.17 2.77
C SER B 22 29.20 40.97 1.95
N VAL B 23 28.91 40.93 0.65
CA VAL B 23 29.33 39.81 -0.18
C VAL B 23 30.70 40.06 -0.81
N VAL B 24 30.92 41.25 -1.35
CA VAL B 24 32.20 41.54 -2.00
C VAL B 24 33.30 41.49 -0.96
N PRO B 25 34.44 40.86 -1.24
CA PRO B 25 35.54 40.84 -0.27
C PRO B 25 36.14 42.22 -0.11
N ASP B 26 36.64 42.49 1.09
CA ASP B 26 37.31 43.76 1.35
C ASP B 26 38.62 43.83 0.57
N GLY B 27 38.97 45.04 0.16
CA GLY B 27 40.14 45.27 -0.65
C GLY B 27 39.89 45.32 -2.14
N ALA B 28 38.70 45.77 -2.57
CA ALA B 28 38.37 45.82 -3.98
C ALA B 28 37.37 46.96 -4.19
N GLY B 29 37.15 47.30 -5.46
CA GLY B 29 36.26 48.39 -5.80
C GLY B 29 34.83 48.13 -5.37
N THR B 30 33.91 49.00 -5.77
CA THR B 30 32.51 48.84 -5.44
C THR B 30 31.81 47.98 -6.47
N VAL B 31 30.94 47.10 -6.01
CA VAL B 31 30.15 46.23 -6.88
C VAL B 31 28.69 46.57 -6.66
N ALA B 32 28.09 47.27 -7.61
CA ALA B 32 26.68 47.60 -7.58
C ALA B 32 25.91 46.58 -8.39
N ALA B 33 24.73 46.21 -7.91
CA ALA B 33 23.93 45.15 -8.51
C ALA B 33 22.62 45.76 -9.01
N LYS B 34 22.52 45.93 -10.33
CA LYS B 34 21.28 46.40 -10.94
C LYS B 34 20.21 45.36 -10.67
N VAL B 35 19.30 45.67 -9.75
CA VAL B 35 18.26 44.75 -9.32
C VAL B 35 17.07 44.93 -10.24
N GLU B 36 16.77 43.90 -11.05
CA GLU B 36 15.74 44.01 -12.07
C GLU B 36 14.59 43.03 -11.85
N TYR B 37 14.43 42.50 -10.64
CA TYR B 37 13.27 41.68 -10.32
C TYR B 37 12.13 42.52 -9.75
N LEU B 38 12.28 43.84 -9.73
CA LEU B 38 11.24 44.74 -9.27
C LEU B 38 10.36 45.24 -10.40
N ASN B 39 10.51 44.68 -11.61
CA ASN B 39 9.66 45.04 -12.72
C ASN B 39 8.24 44.55 -12.47
N PRO B 40 7.26 45.13 -13.16
CA PRO B 40 5.88 44.66 -12.98
C PRO B 40 5.69 43.22 -13.39
N GLY B 41 6.50 42.71 -14.31
CA GLY B 41 6.40 41.34 -14.76
C GLY B 41 7.28 40.36 -14.02
N GLY B 42 7.96 40.79 -12.98
CA GLY B 42 8.77 39.88 -12.18
C GLY B 42 10.24 39.74 -12.57
N SER B 43 10.51 39.63 -13.87
CA SER B 43 11.86 39.36 -14.32
C SER B 43 12.42 40.47 -15.20
N SER B 44 13.59 40.21 -15.80
CA SER B 44 14.26 41.16 -16.66
C SER B 44 13.98 40.94 -18.13
N ASP B 46 10.89 41.30 -19.48
CA ASP B 46 9.73 42.06 -19.92
C ASP B 46 10.12 43.34 -20.66
N ARG B 47 11.37 43.78 -20.54
CA ARG B 47 11.86 44.84 -21.41
C ARG B 47 11.82 44.39 -22.86
N ILE B 48 12.42 43.23 -23.14
CA ILE B 48 12.45 42.72 -24.50
C ILE B 48 11.06 42.35 -24.96
N ALA B 49 10.21 41.87 -24.05
CA ALA B 49 8.83 41.58 -24.44
C ALA B 49 8.13 42.85 -24.93
N VAL B 50 8.26 43.94 -24.19
CA VAL B 50 7.66 45.20 -24.59
C VAL B 50 8.24 45.66 -25.92
N LYS B 51 9.57 45.58 -26.06
CA LYS B 51 10.21 46.06 -27.28
C LYS B 51 9.76 45.24 -28.49
N MET B 52 9.68 43.91 -28.34
CA MET B 52 9.26 43.06 -29.45
C MET B 52 7.80 43.32 -29.81
N ILE B 53 6.94 43.49 -28.81
CA ILE B 53 5.54 43.82 -29.09
C ILE B 53 5.47 45.12 -29.87
N GLU B 54 6.22 46.14 -29.44
CA GLU B 54 6.22 47.42 -30.14
C GLU B 54 6.69 47.28 -31.57
N ALA B 55 7.79 46.55 -31.77
CA ALA B 55 8.35 46.41 -33.12
C ALA B 55 7.40 45.64 -34.03
N ALA B 56 6.81 44.55 -33.53
CA ALA B 56 5.93 43.75 -34.36
C ALA B 56 4.57 44.39 -34.58
N GLU B 57 4.18 45.34 -33.74
CA GLU B 57 2.93 46.04 -33.94
C GLU B 57 3.10 47.22 -34.88
N ALA B 58 4.17 48.00 -34.70
CA ALA B 58 4.40 49.15 -35.55
C ALA B 58 4.88 48.73 -36.94
N SER B 59 5.73 47.70 -37.01
CA SER B 59 6.29 47.29 -38.29
C SER B 59 5.32 46.51 -39.15
N GLY B 60 4.03 46.47 -38.81
CA GLY B 60 3.05 45.82 -39.65
C GLY B 60 3.22 44.32 -39.78
N GLN B 61 3.42 43.64 -38.65
CA GLN B 61 3.53 42.19 -38.64
C GLN B 61 2.62 41.52 -37.61
N LEU B 62 2.11 42.24 -36.62
CA LEU B 62 1.17 41.72 -35.65
C LEU B 62 -0.10 42.58 -35.74
N LYS B 63 -0.99 42.20 -36.65
CA LYS B 63 -2.21 42.97 -36.85
C LYS B 63 -3.08 42.87 -35.61
N PRO B 64 -3.65 43.98 -35.13
CA PRO B 64 -4.54 43.93 -33.96
C PRO B 64 -5.58 42.82 -34.08
N GLY B 65 -5.54 41.87 -33.15
CA GLY B 65 -6.37 40.69 -33.23
C GLY B 65 -5.59 39.40 -33.43
N GLY B 66 -4.28 39.48 -33.65
CA GLY B 66 -3.47 38.30 -33.82
C GLY B 66 -3.34 37.49 -32.54
N THR B 67 -2.56 36.42 -32.63
CA THR B 67 -2.35 35.51 -31.50
C THR B 67 -0.87 35.19 -31.43
N ILE B 68 -0.19 35.75 -30.42
CA ILE B 68 1.23 35.52 -30.26
C ILE B 68 1.49 34.05 -29.96
N VAL B 69 2.63 33.54 -30.43
CA VAL B 69 3.00 32.15 -30.21
C VAL B 69 4.50 32.07 -29.98
N GLU B 70 4.93 31.55 -28.84
CA GLU B 70 6.34 31.49 -28.54
C GLU B 70 6.68 30.27 -27.70
N PRO B 71 7.61 29.44 -28.15
CA PRO B 71 8.03 28.26 -27.34
C PRO B 71 8.98 28.65 -26.22
N THR B 72 8.41 29.30 -25.20
CA THR B 72 9.19 29.81 -24.09
C THR B 72 9.19 28.81 -22.93
N SER B 73 9.97 29.12 -21.89
CA SER B 73 10.11 28.25 -20.74
C SER B 73 9.25 28.65 -19.56
N GLY B 74 8.99 29.94 -19.37
CA GLY B 74 8.20 30.37 -18.24
C GLY B 74 8.66 31.67 -17.62
N ASN B 75 9.75 32.26 -18.14
CA ASN B 75 10.22 33.55 -17.66
C ASN B 75 9.94 34.68 -18.64
N THR B 76 10.14 34.44 -19.94
CA THR B 76 9.70 35.41 -20.94
C THR B 76 8.20 35.35 -21.14
N GLY B 77 7.59 34.19 -20.87
CA GLY B 77 6.15 34.06 -21.04
C GLY B 77 5.37 35.03 -20.20
N VAL B 78 5.83 35.27 -18.96
CA VAL B 78 5.12 36.18 -18.07
C VAL B 78 5.08 37.58 -18.66
N GLY B 79 6.24 38.10 -19.06
CA GLY B 79 6.28 39.43 -19.64
C GLY B 79 5.51 39.53 -20.94
N LEU B 80 5.64 38.52 -21.81
CA LEU B 80 4.89 38.53 -23.05
C LEU B 80 3.39 38.56 -22.77
N ALA B 81 2.91 37.71 -21.85
CA ALA B 81 1.49 37.67 -21.54
C ALA B 81 1.01 39.01 -21.00
N LEU B 82 1.78 39.60 -20.08
CA LEU B 82 1.37 40.89 -19.51
C LEU B 82 1.26 41.95 -20.59
N VAL B 83 2.31 42.13 -21.37
CA VAL B 83 2.32 43.20 -22.38
C VAL B 83 1.24 42.96 -23.42
N ALA B 84 1.10 41.71 -23.89
CA ALA B 84 0.10 41.41 -24.91
C ALA B 84 -1.31 41.65 -24.38
N GLN B 85 -1.67 40.99 -23.28
CA GLN B 85 -3.02 41.14 -22.75
C GLN B 85 -3.30 42.57 -22.29
N ARG B 86 -2.30 43.43 -22.26
CA ARG B 86 -2.61 44.86 -22.16
C ARG B 86 -3.69 45.24 -23.16
N ARG B 87 -3.40 45.09 -24.45
CA ARG B 87 -4.31 45.51 -25.51
C ARG B 87 -5.20 44.38 -26.01
N GLY B 88 -4.99 43.15 -25.56
CA GLY B 88 -5.87 42.06 -25.93
C GLY B 88 -5.44 41.23 -27.11
N TYR B 89 -4.19 40.74 -27.08
CA TYR B 89 -3.71 39.80 -28.07
C TYR B 89 -3.71 38.41 -27.44
N LYS B 90 -4.50 37.49 -28.01
CA LYS B 90 -4.54 36.13 -27.50
C LYS B 90 -3.15 35.52 -27.56
N CYS B 91 -2.72 34.91 -26.45
CA CYS B 91 -1.37 34.38 -26.32
C CYS B 91 -1.41 32.86 -26.19
N VAL B 92 -0.66 32.18 -27.03
CA VAL B 92 -0.56 30.73 -27.03
C VAL B 92 0.91 30.36 -26.90
N PHE B 93 1.24 29.63 -25.85
CA PHE B 93 2.63 29.25 -25.56
C PHE B 93 2.87 27.78 -25.88
N VAL B 94 4.11 27.36 -25.69
CA VAL B 94 4.49 25.95 -25.83
C VAL B 94 5.60 25.68 -24.84
N CYS B 95 5.43 24.66 -24.00
CA CYS B 95 6.36 24.44 -22.91
C CYS B 95 6.78 22.99 -22.78
N PRO B 96 8.03 22.73 -22.41
CA PRO B 96 8.44 21.36 -22.09
C PRO B 96 7.99 20.96 -20.69
N ASP B 97 7.99 19.64 -20.46
CA ASP B 97 7.52 19.12 -19.18
C ASP B 97 8.42 19.49 -18.02
N LYS B 98 9.61 20.03 -18.28
CA LYS B 98 10.56 20.35 -17.22
C LYS B 98 10.08 21.49 -16.31
N VAL B 99 9.03 22.21 -16.70
CA VAL B 99 8.54 23.34 -15.94
C VAL B 99 7.46 22.87 -14.97
N SER B 100 7.52 23.36 -13.73
CA SER B 100 6.63 22.91 -12.69
C SER B 100 5.19 23.32 -12.98
N GLU B 101 4.28 22.91 -12.10
CA GLU B 101 2.89 23.34 -12.21
C GLU B 101 2.72 24.81 -11.89
N ASP B 102 3.52 25.34 -10.95
CA ASP B 102 3.34 26.71 -10.51
C ASP B 102 3.66 27.70 -11.64
N LYS B 103 4.72 27.45 -12.39
CA LYS B 103 5.08 28.35 -13.47
C LYS B 103 3.99 28.37 -14.55
N ARG B 104 3.45 27.21 -14.89
CA ARG B 104 2.39 27.17 -15.89
C ARG B 104 1.11 27.82 -15.38
N ASN B 105 0.81 27.64 -14.08
CA ASN B 105 -0.35 28.32 -13.51
C ASN B 105 -0.16 29.83 -13.55
N VAL B 106 1.07 30.30 -13.33
CA VAL B 106 1.35 31.73 -13.47
C VAL B 106 1.13 32.18 -14.91
N LEU B 107 1.67 31.43 -15.87
CA LEU B 107 1.48 31.79 -17.27
C LEU B 107 0.02 31.84 -17.66
N ILE B 108 -0.81 30.98 -17.07
CA ILE B 108 -2.23 30.96 -17.40
C ILE B 108 -2.98 32.10 -16.69
N ALA B 109 -2.58 32.41 -15.46
CA ALA B 109 -3.30 33.41 -14.69
C ALA B 109 -3.31 34.77 -15.37
N TYR B 110 -2.37 35.02 -16.29
CA TYR B 110 -2.29 36.28 -17.01
C TYR B 110 -3.13 36.29 -18.28
N GLY B 111 -3.82 35.20 -18.57
CA GLY B 111 -4.69 35.14 -19.74
C GLY B 111 -4.07 34.49 -20.95
N ALA B 112 -3.14 33.57 -20.78
CA ALA B 112 -2.53 32.85 -21.89
C ALA B 112 -3.10 31.44 -21.97
N GLU B 113 -2.65 30.69 -22.97
CA GLU B 113 -3.00 29.28 -23.12
C GLU B 113 -1.71 28.50 -23.33
N VAL B 114 -1.36 27.66 -22.36
CA VAL B 114 -0.07 26.97 -22.36
C VAL B 114 -0.31 25.52 -22.73
N VAL B 115 0.23 25.12 -23.89
CA VAL B 115 0.24 23.73 -24.33
C VAL B 115 1.62 23.16 -24.02
N VAL B 116 1.67 21.85 -23.75
CA VAL B 116 2.88 21.22 -23.26
C VAL B 116 3.28 20.08 -24.19
N CYS B 117 4.58 19.85 -24.26
CA CYS B 117 5.16 18.73 -24.99
C CYS B 117 6.25 18.10 -24.12
N PRO B 118 6.53 16.82 -24.32
CA PRO B 118 7.52 16.14 -23.46
C PRO B 118 8.90 16.79 -23.56
N THR B 119 9.63 16.71 -22.45
CA THR B 119 10.93 17.35 -22.31
C THR B 119 12.05 16.37 -22.61
N ALA B 120 13.18 16.90 -23.07
CA ALA B 120 14.39 16.17 -23.42
C ALA B 120 14.25 15.39 -24.72
N VAL B 121 13.07 15.40 -25.35
CA VAL B 121 12.86 14.74 -26.63
C VAL B 121 13.72 15.43 -27.68
N PRO B 122 14.15 14.74 -28.73
CA PRO B 122 14.97 15.38 -29.75
C PRO B 122 14.34 16.67 -30.24
N PRO B 123 15.02 17.81 -30.06
CA PRO B 123 14.42 19.09 -30.49
C PRO B 123 14.08 19.13 -31.97
N HIS B 124 14.93 18.53 -32.81
CA HIS B 124 14.77 18.66 -34.26
C HIS B 124 13.53 17.92 -34.79
N ASP B 125 13.05 16.92 -34.08
CA ASP B 125 11.95 16.09 -34.56
C ASP B 125 10.63 16.85 -34.42
N PRO B 126 9.52 16.27 -34.87
CA PRO B 126 8.22 16.91 -34.66
C PRO B 126 7.65 16.62 -33.29
N ALA B 127 8.50 16.12 -32.39
CA ALA B 127 8.08 15.73 -31.05
C ALA B 127 8.28 16.84 -30.02
N SER B 128 9.46 17.44 -29.97
CA SER B 128 9.73 18.47 -28.99
C SER B 128 8.85 19.70 -29.25
N TYR B 129 8.98 20.70 -28.38
CA TYR B 129 8.11 21.86 -28.46
C TYR B 129 8.45 22.78 -29.62
N TYR B 130 9.66 22.71 -30.17
CA TYR B 130 10.01 23.56 -31.29
C TYR B 130 9.17 23.23 -32.52
N SER B 131 9.07 21.96 -32.87
CA SER B 131 8.29 21.56 -34.04
C SER B 131 6.82 21.88 -33.86
N VAL B 132 6.28 21.61 -32.67
CA VAL B 132 4.87 21.91 -32.41
C VAL B 132 4.61 23.41 -32.49
N SER B 133 5.54 24.21 -31.97
CA SER B 133 5.41 25.65 -32.06
C SER B 133 5.40 26.11 -33.51
N ASP B 134 6.32 25.56 -34.32
CA ASP B 134 6.36 25.95 -35.72
C ASP B 134 5.07 25.55 -36.44
N ARG B 135 4.56 24.36 -36.17
CA ARG B 135 3.31 23.93 -36.78
C ARG B 135 2.16 24.84 -36.39
N LEU B 136 2.04 25.15 -35.10
CA LEU B 136 0.97 26.03 -34.64
C LEU B 136 1.08 27.41 -35.28
N VAL B 137 2.31 27.90 -35.43
CA VAL B 137 2.49 29.20 -36.09
C VAL B 137 2.04 29.13 -37.54
N ARG B 138 2.41 28.06 -38.25
CA ARG B 138 2.05 27.96 -39.66
C ARG B 138 0.55 27.85 -39.85
N ASP B 139 -0.14 27.08 -38.99
CA ASP B 139 -1.54 26.77 -39.24
C ASP B 139 -2.45 27.96 -38.92
N ILE B 140 -2.48 28.39 -37.66
CA ILE B 140 -3.38 29.47 -37.27
C ILE B 140 -3.05 30.74 -38.06
N ASP B 141 -4.03 31.62 -38.18
CA ASP B 141 -3.87 32.88 -38.89
C ASP B 141 -3.64 34.01 -37.89
N GLY B 142 -2.74 34.93 -38.25
CA GLY B 142 -2.42 36.06 -37.40
C GLY B 142 -1.35 35.80 -36.36
N ALA B 143 -0.85 34.58 -36.26
CA ALA B 143 0.15 34.25 -35.25
C ALA B 143 1.50 34.84 -35.61
N TRP B 144 2.22 35.32 -34.59
CA TRP B 144 3.54 35.92 -34.78
C TRP B 144 4.48 35.35 -33.72
N LYS B 145 5.31 34.39 -34.12
CA LYS B 145 6.30 33.81 -33.23
C LYS B 145 7.47 34.78 -33.05
N PRO B 146 7.61 35.43 -31.90
CA PRO B 146 8.67 36.45 -31.77
C PRO B 146 10.07 35.89 -31.96
N ASP B 147 10.31 34.63 -31.59
CA ASP B 147 11.62 34.00 -31.74
C ASP B 147 12.69 34.83 -31.03
N GLN B 148 12.55 34.92 -29.71
CA GLN B 148 13.44 35.73 -28.90
C GLN B 148 14.91 35.37 -29.04
N TYR B 149 15.22 34.25 -29.70
CA TYR B 149 16.61 33.84 -29.85
C TYR B 149 17.27 34.46 -31.08
N ALA B 150 16.51 34.76 -32.12
CA ALA B 150 17.06 35.37 -33.33
C ALA B 150 16.32 36.65 -33.68
N ASN B 151 15.97 37.44 -32.65
CA ASN B 151 15.27 38.71 -32.84
C ASN B 151 16.12 39.83 -32.30
N PRO B 152 16.73 40.65 -33.15
CA PRO B 152 17.59 41.74 -32.65
C PRO B 152 16.87 42.72 -31.75
N GLU B 153 15.54 42.67 -31.66
CA GLU B 153 14.83 43.61 -30.80
C GLU B 153 15.20 43.43 -29.33
N GLY B 154 15.58 42.22 -28.92
CA GLY B 154 16.03 42.01 -27.56
C GLY B 154 17.23 42.87 -27.22
N PRO B 155 18.32 42.68 -27.96
CA PRO B 155 19.49 43.55 -27.77
C PRO B 155 19.18 45.02 -28.02
N ALA B 156 18.27 45.33 -28.94
CA ALA B 156 17.92 46.72 -29.18
C ALA B 156 17.29 47.35 -27.94
N SER B 157 16.40 46.61 -27.26
CA SER B 157 15.78 47.12 -26.05
C SER B 157 16.78 47.22 -24.92
N HIS B 158 17.60 46.19 -24.73
CA HIS B 158 18.63 46.27 -23.70
C HIS B 158 19.71 47.28 -24.02
N TYR B 159 19.73 47.79 -25.25
CA TYR B 159 20.63 48.84 -25.69
C TYR B 159 20.03 50.24 -25.53
N VAL B 160 18.72 50.36 -25.71
CA VAL B 160 18.08 51.66 -25.63
C VAL B 160 17.59 51.99 -24.23
N THR B 161 17.29 50.98 -23.39
CA THR B 161 16.70 51.23 -22.09
C THR B 161 17.46 50.62 -20.92
N THR B 162 18.43 49.74 -21.17
CA THR B 162 19.26 49.18 -20.10
C THR B 162 20.65 49.79 -20.05
N GLY B 163 21.28 50.01 -21.19
CA GLY B 163 22.57 50.65 -21.24
C GLY B 163 22.51 52.09 -20.77
N PRO B 164 21.56 52.86 -21.30
CA PRO B 164 21.42 54.25 -20.85
C PRO B 164 21.19 54.39 -19.37
N GLU B 165 20.46 53.45 -18.74
CA GLU B 165 20.19 53.56 -17.31
C GLU B 165 21.45 53.26 -16.50
N ILE B 166 22.18 52.21 -16.86
CA ILE B 166 23.40 51.86 -16.12
C ILE B 166 24.42 52.99 -16.19
N TRP B 167 24.36 53.80 -17.25
CA TRP B 167 25.26 54.93 -17.41
C TRP B 167 24.77 56.16 -16.67
N ALA B 168 23.50 56.52 -16.86
CA ALA B 168 22.95 57.71 -16.22
C ALA B 168 22.86 57.57 -14.71
N ASP B 169 22.78 56.35 -14.19
CA ASP B 169 22.72 56.14 -12.75
C ASP B 169 24.08 56.15 -12.09
N THR B 170 25.14 55.83 -12.82
CA THR B 170 26.49 55.84 -12.27
C THR B 170 27.35 56.99 -12.79
N GLU B 171 26.89 57.72 -13.80
CA GLU B 171 27.62 58.86 -14.34
C GLU B 171 28.95 58.42 -14.98
N GLY B 172 28.84 57.45 -15.87
CA GLY B 172 29.96 57.03 -16.70
C GLY B 172 31.18 56.51 -15.97
N LYS B 173 31.13 56.46 -14.64
CA LYS B 173 32.24 55.93 -13.85
C LYS B 173 31.99 54.47 -13.49
N VAL B 174 31.78 53.65 -14.54
CA VAL B 174 31.60 52.22 -14.40
C VAL B 174 32.65 51.54 -15.27
N THR B 175 33.55 50.79 -14.62
CA THR B 175 34.64 50.15 -15.36
C THR B 175 34.18 48.87 -16.05
N HIS B 176 33.56 47.96 -15.31
CA HIS B 176 33.16 46.66 -15.83
C HIS B 176 31.65 46.51 -15.75
N PHE B 177 31.13 45.54 -16.50
CA PHE B 177 29.70 45.23 -16.49
C PHE B 177 29.57 43.73 -16.71
N VAL B 178 29.37 42.99 -15.63
CA VAL B 178 29.23 41.53 -15.69
C VAL B 178 27.74 41.21 -15.65
N ALA B 179 27.31 40.36 -16.59
CA ALA B 179 25.92 39.97 -16.66
C ALA B 179 25.83 38.56 -17.21
N GLY B 180 25.03 37.73 -16.55
CA GLY B 180 24.80 36.39 -17.06
C GLY B 180 24.30 36.44 -18.49
N ILE B 181 24.73 35.46 -19.29
CA ILE B 181 24.34 35.39 -20.72
C ILE B 181 23.60 34.08 -20.99
N GLY B 182 22.62 34.09 -21.89
CA GLY B 182 21.84 32.89 -22.24
C GLY B 182 20.98 33.19 -23.45
N THR B 183 21.42 34.13 -24.28
CA THR B 183 20.66 34.56 -25.49
C THR B 183 21.37 35.79 -26.06
N GLY B 184 22.22 36.43 -25.25
CA GLY B 184 23.02 37.58 -25.71
C GLY B 184 22.26 38.89 -25.61
N GLY B 185 20.93 38.84 -25.63
CA GLY B 185 20.12 40.07 -25.61
C GLY B 185 20.59 41.05 -24.55
N THR B 186 21.18 40.58 -23.46
CA THR B 186 21.56 41.47 -22.38
C THR B 186 23.00 41.91 -22.47
N ILE B 187 23.94 40.98 -22.56
CA ILE B 187 25.34 41.34 -22.67
C ILE B 187 25.59 42.12 -23.95
N THR B 188 24.93 41.72 -25.05
CA THR B 188 25.19 42.36 -26.34
C THR B 188 24.74 43.81 -26.33
N GLY B 189 23.51 44.07 -25.91
CA GLY B 189 22.97 45.42 -25.93
C GLY B 189 23.68 46.38 -24.99
N ALA B 190 23.69 46.05 -23.70
CA ALA B 190 24.37 46.89 -22.74
C ALA B 190 25.86 46.99 -23.06
N GLY B 191 26.45 45.94 -23.62
CA GLY B 191 27.84 46.01 -24.00
C GLY B 191 28.08 46.98 -25.14
N ARG B 192 27.25 46.90 -26.19
CA ARG B 192 27.36 47.86 -27.28
C ARG B 192 27.22 49.28 -26.77
N TYR B 193 26.23 49.53 -25.90
CA TYR B 193 26.03 50.89 -25.43
C TYR B 193 27.21 51.36 -24.58
N LEU B 194 27.58 50.57 -23.57
CA LEU B 194 28.65 50.98 -22.66
C LEU B 194 30.00 51.03 -23.35
N LYS B 195 30.15 50.41 -24.53
CA LYS B 195 31.36 50.58 -25.32
C LYS B 195 31.28 51.78 -26.26
N GLU B 196 30.08 52.13 -26.71
CA GLU B 196 29.94 53.22 -27.67
C GLU B 196 30.16 54.58 -27.00
N VAL B 197 29.44 54.85 -25.92
CA VAL B 197 29.42 56.17 -25.31
C VAL B 197 30.41 56.28 -24.16
N SER B 198 31.38 55.37 -24.08
CA SER B 198 32.42 55.47 -23.06
C SER B 198 33.81 55.22 -23.64
N GLY B 199 33.98 55.25 -24.95
CA GLY B 199 35.26 54.94 -25.56
C GLY B 199 35.57 53.46 -25.48
N GLY B 200 36.54 53.10 -24.65
CA GLY B 200 36.87 51.71 -24.44
C GLY B 200 37.21 51.41 -23.00
N ARG B 201 36.84 52.33 -22.10
CA ARG B 201 37.13 52.14 -20.68
C ARG B 201 36.36 50.96 -20.10
N VAL B 202 35.14 50.73 -20.56
CA VAL B 202 34.28 49.70 -20.00
C VAL B 202 34.64 48.37 -20.63
N ARG B 203 35.03 47.39 -19.80
CA ARG B 203 35.28 46.03 -20.25
C ARG B 203 34.07 45.18 -19.92
N ILE B 204 33.53 44.50 -20.93
CA ILE B 204 32.26 43.79 -20.83
C ILE B 204 32.57 42.34 -20.49
N VAL B 205 32.44 41.98 -19.22
CA VAL B 205 32.59 40.59 -18.80
C VAL B 205 31.24 39.90 -18.94
N GLY B 206 31.28 38.57 -19.05
CA GLY B 206 30.07 37.80 -19.19
C GLY B 206 30.12 36.46 -18.48
N ALA B 207 29.15 36.20 -17.62
CA ALA B 207 29.09 34.95 -16.89
C ALA B 207 28.45 33.87 -17.73
N ASP B 208 28.69 32.62 -17.36
CA ASP B 208 28.18 31.48 -18.11
C ASP B 208 28.36 30.20 -17.30
N PRO B 209 27.37 29.30 -17.31
CA PRO B 209 27.51 28.06 -16.53
C PRO B 209 28.65 27.20 -17.07
N GLU B 210 29.43 26.63 -16.15
CA GLU B 210 30.60 25.86 -16.53
C GLU B 210 30.21 24.74 -17.47
N GLY B 211 30.72 24.79 -18.69
CA GLY B 211 30.47 23.78 -19.68
C GLY B 211 29.42 24.12 -20.72
N SER B 212 29.31 25.38 -21.12
CA SER B 212 28.36 25.82 -22.14
C SER B 212 29.11 26.20 -23.41
N VAL B 213 28.35 26.49 -24.46
CA VAL B 213 28.94 26.84 -25.74
C VAL B 213 29.72 28.15 -25.63
N TYR B 214 29.13 29.15 -24.98
CA TYR B 214 29.78 30.46 -24.86
C TYR B 214 31.15 30.32 -24.19
N SER B 215 31.20 29.60 -23.07
CA SER B 215 32.47 29.39 -22.36
C SER B 215 33.48 28.67 -23.25
N GLY B 216 33.01 27.90 -24.21
CA GLY B 216 33.89 27.17 -25.11
C GLY B 216 33.88 25.67 -24.87
N GLY B 217 32.77 25.15 -24.35
CA GLY B 217 32.66 23.74 -24.07
C GLY B 217 31.63 23.03 -24.93
N ALA B 218 31.08 21.94 -24.43
CA ALA B 218 30.09 21.14 -25.14
C ALA B 218 28.80 21.10 -24.32
N GLY B 219 27.85 20.29 -24.77
CA GLY B 219 26.55 20.24 -24.16
C GLY B 219 26.57 19.69 -22.75
N ARG B 220 25.46 19.89 -22.05
CA ARG B 220 25.27 19.45 -20.68
C ARG B 220 23.79 19.53 -20.35
N PRO B 221 23.37 18.86 -19.28
CA PRO B 221 22.05 19.17 -18.70
C PRO B 221 22.17 20.28 -17.68
N TYR B 222 21.38 21.34 -17.82
CA TYR B 222 21.53 22.53 -16.99
C TYR B 222 20.52 22.54 -15.86
N LEU B 223 20.89 23.20 -14.76
CA LEU B 223 20.05 23.35 -13.59
C LEU B 223 19.68 24.81 -13.30
N VAL B 224 20.57 25.75 -13.57
CA VAL B 224 20.29 27.18 -13.37
C VAL B 224 19.45 27.64 -14.56
N GLU B 225 18.14 27.67 -14.39
CA GLU B 225 17.24 27.93 -15.50
C GLU B 225 17.43 29.34 -16.04
N GLY B 226 17.59 29.44 -17.36
CA GLY B 226 17.75 30.72 -18.02
C GLY B 226 19.07 30.91 -18.72
N VAL B 227 20.16 30.49 -18.08
CA VAL B 227 21.49 30.70 -18.61
C VAL B 227 21.97 29.42 -19.29
N GLY B 228 23.06 29.52 -20.03
CA GLY B 228 23.62 28.40 -20.75
C GLY B 228 22.88 28.12 -22.05
N GLU B 229 23.58 27.44 -22.95
CA GLU B 229 23.01 27.10 -24.25
C GLU B 229 23.84 25.99 -24.86
N ASP B 230 23.34 25.44 -25.97
CA ASP B 230 24.05 24.38 -26.69
C ASP B 230 24.29 24.74 -28.16
N PHE B 231 24.14 26.01 -28.51
CA PHE B 231 24.45 26.47 -29.86
C PHE B 231 24.58 27.99 -29.82
N TRP B 232 24.66 28.60 -30.99
CA TRP B 232 24.90 30.05 -31.08
C TRP B 232 23.65 30.77 -31.53
N PRO B 233 22.96 31.50 -30.66
CA PRO B 233 21.81 32.29 -31.10
C PRO B 233 22.25 33.40 -32.05
N ALA B 234 21.37 33.72 -33.00
CA ALA B 234 21.67 34.77 -33.96
C ALA B 234 21.50 36.18 -33.38
N ALA B 235 21.22 36.30 -32.09
CA ALA B 235 21.06 37.58 -31.42
C ALA B 235 22.13 37.78 -30.36
N TYR B 236 23.35 37.34 -30.65
CA TYR B 236 24.44 37.44 -29.69
C TYR B 236 25.73 37.63 -30.46
N ASP B 237 26.31 38.82 -30.38
CA ASP B 237 27.59 39.11 -31.01
C ASP B 237 28.72 38.62 -30.11
N PRO B 238 29.38 37.52 -30.47
CA PRO B 238 30.41 36.97 -29.60
C PRO B 238 31.61 37.89 -29.45
N SER B 239 31.64 38.99 -30.20
CA SER B 239 32.74 39.93 -30.14
C SER B 239 32.54 41.00 -29.07
N VAL B 240 31.30 41.32 -28.73
CA VAL B 240 31.01 42.36 -27.75
C VAL B 240 31.68 42.04 -26.42
N PRO B 241 31.37 40.90 -25.80
CA PRO B 241 32.02 40.55 -24.53
C PRO B 241 33.53 40.47 -24.70
N ASP B 242 34.23 40.50 -23.57
CA ASP B 242 35.68 40.47 -23.56
C ASP B 242 36.26 39.25 -22.84
N GLU B 243 35.65 38.85 -21.73
CA GLU B 243 36.14 37.72 -20.93
C GLU B 243 34.93 36.94 -20.43
N ILE B 244 34.57 35.88 -21.16
CA ILE B 244 33.42 35.06 -20.77
C ILE B 244 33.85 34.07 -19.69
N ILE B 245 33.68 34.47 -18.42
CA ILE B 245 33.99 33.56 -17.33
C ILE B 245 33.05 32.36 -17.38
N ALA B 246 33.49 31.27 -16.76
CA ALA B 246 32.69 30.05 -16.66
C ALA B 246 32.55 29.68 -15.20
N VAL B 247 31.31 29.59 -14.72
CA VAL B 247 31.02 29.33 -13.32
C VAL B 247 30.31 27.99 -13.20
N SER B 248 30.48 27.35 -12.05
CA SER B 248 29.86 26.07 -11.77
C SER B 248 28.46 26.25 -11.22
N ASP B 249 27.74 25.13 -11.07
CA ASP B 249 26.38 25.15 -10.56
C ASP B 249 26.33 25.17 -9.04
N SER B 250 27.21 24.41 -8.39
CA SER B 250 27.31 24.47 -6.94
C SER B 250 27.65 25.89 -6.49
N ASP B 251 28.64 26.51 -7.12
CA ASP B 251 28.99 27.89 -6.80
C ASP B 251 27.82 28.83 -7.06
N SER B 252 27.13 28.65 -8.19
CA SER B 252 26.00 29.52 -8.51
C SER B 252 24.93 29.46 -7.41
N PHE B 253 24.52 28.25 -7.04
CA PHE B 253 23.46 28.12 -6.05
C PHE B 253 23.92 28.59 -4.67
N ASP B 254 25.17 28.30 -4.29
CA ASP B 254 25.67 28.76 -3.00
C ASP B 254 25.71 30.28 -2.95
N MET B 255 26.15 30.92 -4.02
CA MET B 255 26.19 32.37 -4.04
C MET B 255 24.79 32.95 -4.02
N THR B 256 23.84 32.33 -4.73
CA THR B 256 22.45 32.78 -4.67
C THR B 256 21.93 32.75 -3.23
N ARG B 257 22.14 31.63 -2.54
CA ARG B 257 21.67 31.51 -1.16
C ARG B 257 22.33 32.52 -0.26
N ARG B 258 23.66 32.65 -0.36
CA ARG B 258 24.39 33.58 0.49
C ARG B 258 24.02 35.02 0.19
N LEU B 259 23.67 35.32 -1.06
CA LEU B 259 23.25 36.67 -1.42
C LEU B 259 21.90 36.99 -0.82
N ALA B 260 20.93 36.08 -0.96
CA ALA B 260 19.64 36.29 -0.32
C ALA B 260 19.75 36.31 1.19
N ARG B 261 20.81 35.71 1.75
CA ARG B 261 21.00 35.68 3.20
C ARG B 261 21.69 36.92 3.75
N GLU B 262 22.61 37.52 2.99
CA GLU B 262 23.43 38.61 3.48
C GLU B 262 23.18 39.94 2.80
N GLU B 263 22.49 39.96 1.66
CA GLU B 263 22.19 41.20 0.96
C GLU B 263 20.70 41.51 0.88
N ALA B 264 19.84 40.60 1.32
CA ALA B 264 18.39 40.83 1.33
C ALA B 264 17.77 40.80 -0.06
N MET B 265 18.40 40.08 -0.99
CA MET B 265 17.91 39.94 -2.35
C MET B 265 17.57 38.49 -2.61
N LEU B 266 16.30 38.22 -2.92
CA LEU B 266 15.85 36.88 -3.27
C LEU B 266 15.97 36.71 -4.78
N VAL B 267 17.18 36.38 -5.22
CA VAL B 267 17.45 36.18 -6.63
C VAL B 267 17.63 34.70 -6.90
N GLY B 268 17.53 34.31 -8.17
CA GLY B 268 17.52 32.91 -8.53
C GLY B 268 18.90 32.32 -8.76
N GLY B 269 19.06 31.58 -9.85
CA GLY B 269 20.34 30.97 -10.15
C GLY B 269 21.24 31.86 -10.99
N SER B 270 20.70 32.38 -12.09
CA SER B 270 21.49 33.25 -12.95
C SER B 270 22.03 34.44 -12.17
N CYS B 271 21.26 34.96 -11.21
CA CYS B 271 21.75 36.07 -10.41
C CYS B 271 22.98 35.65 -9.61
N GLY B 272 22.94 34.47 -8.99
CA GLY B 272 24.09 34.01 -8.25
C GLY B 272 25.29 33.78 -9.14
N MET B 273 25.07 33.23 -10.34
CA MET B 273 26.16 33.02 -11.27
C MET B 273 26.78 34.34 -11.69
N ALA B 274 25.96 35.34 -11.98
CA ALA B 274 26.49 36.65 -12.36
C ALA B 274 27.26 37.28 -11.21
N VAL B 275 26.75 37.18 -10.00
CA VAL B 275 27.43 37.77 -8.86
C VAL B 275 28.76 37.07 -8.60
N VAL B 276 28.83 35.74 -8.77
CA VAL B 276 30.09 35.05 -8.56
C VAL B 276 31.09 35.43 -9.65
N ALA B 277 30.61 35.56 -10.90
CA ALA B 277 31.47 36.03 -11.97
C ALA B 277 32.04 37.40 -11.66
N ALA B 278 31.20 38.30 -11.17
CA ALA B 278 31.67 39.63 -10.78
C ALA B 278 32.70 39.54 -9.66
N LEU B 279 32.38 38.82 -8.58
CA LEU B 279 33.32 38.66 -7.47
C LEU B 279 34.67 38.16 -7.96
N LYS B 280 34.66 37.22 -8.91
CA LYS B 280 35.91 36.78 -9.52
C LYS B 280 36.51 37.83 -10.43
N VAL B 281 35.72 38.82 -10.85
CA VAL B 281 36.25 39.93 -11.64
C VAL B 281 36.70 41.09 -10.76
N ALA B 282 36.26 41.15 -9.51
CA ALA B 282 36.68 42.21 -8.60
C ALA B 282 38.02 41.92 -7.96
N GLU B 283 38.78 40.96 -8.49
CA GLU B 283 40.12 40.66 -7.99
C GLU B 283 41.24 41.11 -8.92
N GLU B 284 40.95 41.32 -10.20
CA GLU B 284 41.94 41.84 -11.14
C GLU B 284 41.97 43.36 -11.18
N ALA B 285 40.96 44.03 -10.64
CA ALA B 285 40.89 45.49 -10.63
C ALA B 285 40.89 45.96 -9.18
N GLY B 286 41.93 46.70 -8.81
CA GLY B 286 42.06 47.19 -7.46
C GLY B 286 41.01 48.23 -7.12
N PRO B 287 41.21 48.96 -6.02
CA PRO B 287 40.25 49.97 -5.61
C PRO B 287 40.01 51.00 -6.71
N ASP B 288 38.98 51.82 -6.50
CA ASP B 288 38.61 52.88 -7.43
C ASP B 288 37.97 52.33 -8.70
N ALA B 289 37.33 51.17 -8.60
CA ALA B 289 36.61 50.55 -9.70
C ALA B 289 35.15 50.37 -9.32
N LEU B 290 34.30 50.19 -10.33
CA LEU B 290 32.86 50.05 -10.12
C LEU B 290 32.34 49.00 -11.09
N ILE B 291 31.90 47.87 -10.57
CA ILE B 291 31.42 46.75 -11.38
C ILE B 291 29.91 46.63 -11.18
N VAL B 292 29.16 46.66 -12.29
CA VAL B 292 27.70 46.66 -12.21
C VAL B 292 27.16 45.32 -12.66
N VAL B 293 26.93 44.41 -11.70
CA VAL B 293 26.25 43.16 -12.00
C VAL B 293 24.81 43.46 -12.40
N LEU B 294 24.18 42.49 -13.07
CA LEU B 294 22.77 42.61 -13.47
C LEU B 294 22.02 41.40 -12.95
N LEU B 295 21.19 41.61 -11.92
CA LEU B 295 20.43 40.51 -11.35
C LEU B 295 19.12 40.35 -12.12
N PRO B 296 19.04 39.37 -13.02
CA PRO B 296 17.95 39.34 -14.02
C PRO B 296 16.67 38.64 -13.59
N ASP B 297 16.49 38.30 -12.31
CA ASP B 297 15.30 37.55 -11.93
C ASP B 297 15.07 37.69 -10.44
N GLY B 298 13.86 37.29 -10.03
CA GLY B 298 13.46 37.30 -8.63
C GLY B 298 13.28 35.93 -8.11
N GLY B 299 13.82 35.67 -6.91
CA GLY B 299 13.85 34.34 -6.34
C GLY B 299 12.65 33.95 -5.51
N ARG B 300 11.47 34.00 -6.11
CA ARG B 300 10.26 33.49 -5.46
C ARG B 300 9.78 32.18 -6.06
N GLY B 301 10.04 31.94 -7.34
CA GLY B 301 9.73 30.66 -7.95
C GLY B 301 10.76 29.58 -7.70
N TYR B 302 11.89 29.94 -7.10
CA TYR B 302 12.94 28.98 -6.77
C TYR B 302 12.92 28.58 -5.30
N MET B 303 11.85 28.90 -4.58
CA MET B 303 11.73 28.47 -3.19
C MET B 303 11.61 26.96 -3.06
N SER B 304 11.36 26.26 -4.16
CA SER B 304 11.33 24.80 -4.17
C SER B 304 12.62 24.18 -4.70
N LYS B 305 13.41 24.93 -5.47
CA LYS B 305 14.61 24.36 -6.10
C LYS B 305 15.87 24.61 -5.27
N ILE B 306 16.24 25.88 -5.10
CA ILE B 306 17.50 26.21 -4.45
C ILE B 306 17.28 26.41 -2.96
N PHE B 307 16.43 27.35 -2.59
CA PHE B 307 16.19 27.61 -1.18
C PHE B 307 15.52 26.43 -0.47
N ASN B 308 15.19 25.37 -1.20
CA ASN B 308 14.86 24.10 -0.57
C ASN B 308 16.12 23.46 -0.01
N ASP B 309 15.93 22.45 0.85
CA ASP B 309 17.05 21.77 1.46
C ASP B 309 17.16 20.32 1.02
N ALA B 310 16.23 19.83 0.20
CA ALA B 310 16.31 18.49 -0.36
C ALA B 310 16.76 18.51 -1.82
N TRP B 311 16.17 19.38 -2.63
CA TRP B 311 16.60 19.49 -4.02
C TRP B 311 18.05 19.95 -4.13
N MET B 312 18.55 20.69 -3.15
CA MET B 312 19.96 21.05 -3.10
C MET B 312 20.83 19.97 -2.49
N SER B 313 20.23 18.94 -1.91
CA SER B 313 20.95 17.75 -1.51
C SER B 313 20.66 16.55 -2.42
N SER B 314 19.60 16.63 -3.22
CA SER B 314 19.36 15.58 -4.21
C SER B 314 20.54 15.49 -5.17
N TYR B 315 21.17 16.63 -5.48
CA TYR B 315 22.41 16.68 -6.23
C TYR B 315 23.58 16.75 -5.24
N GLY B 316 24.77 17.09 -5.74
CA GLY B 316 25.94 17.18 -4.90
C GLY B 316 26.14 18.54 -4.27
N PHE B 317 25.04 19.29 -4.17
CA PHE B 317 25.03 20.65 -3.65
C PHE B 317 24.80 20.60 -2.14
N LEU B 318 24.38 21.73 -1.55
CA LEU B 318 24.15 21.82 -0.12
C LEU B 318 25.45 21.72 0.67
N ARG B 319 26.35 22.68 0.48
CA ARG B 319 27.54 22.76 1.31
C ARG B 319 27.19 22.88 2.79
N SER B 320 26.03 23.45 3.09
CA SER B 320 25.60 23.62 4.48
C SER B 320 24.09 23.73 4.53
N ARG B 321 23.53 23.43 5.70
CA ARG B 321 22.09 23.51 5.86
C ARG B 321 21.64 24.98 5.81
N LEU B 322 20.35 25.16 5.51
CA LEU B 322 19.85 26.48 5.15
C LEU B 322 20.12 27.51 6.25
N ASP B 323 20.02 27.11 7.51
CA ASP B 323 20.10 28.08 8.60
C ASP B 323 20.93 27.66 9.80
N GLY B 324 21.47 26.44 9.85
CA GLY B 324 22.11 26.01 11.08
C GLY B 324 23.07 24.84 10.99
N SER B 325 22.99 23.94 11.96
CA SER B 325 23.94 22.83 12.11
C SER B 325 24.11 22.05 10.81
N THR B 326 25.24 21.33 10.68
CA THR B 326 25.53 20.65 9.43
C THR B 326 24.48 19.58 9.12
N GLU B 327 24.38 18.56 9.96
CA GLU B 327 23.33 17.56 9.76
C GLU B 327 22.52 17.28 11.03
N GLN B 328 23.18 17.19 12.19
CA GLN B 328 22.55 16.75 13.43
C GLN B 328 21.57 15.61 13.17
N SER B 329 22.02 14.64 12.37
CA SER B 329 21.19 13.50 11.99
C SER B 329 22.08 12.26 11.94
N THR B 330 21.70 11.23 12.69
CA THR B 330 22.50 10.03 12.82
C THR B 330 21.95 8.91 11.93
N VAL B 331 22.80 7.94 11.64
CA VAL B 331 22.38 6.79 10.84
C VAL B 331 21.22 6.08 11.52
N GLY B 332 21.26 6.00 12.86
CA GLY B 332 20.16 5.42 13.61
C GLY B 332 18.82 6.04 13.29
N ASP B 333 18.84 7.22 12.65
CA ASP B 333 17.62 7.87 12.20
C ASP B 333 17.30 7.58 10.74
N VAL B 334 18.31 7.24 9.93
CA VAL B 334 18.06 6.84 8.56
C VAL B 334 17.25 5.55 8.51
N LEU B 335 17.24 4.78 9.59
CA LEU B 335 16.63 3.46 9.62
C LEU B 335 15.22 3.47 10.19
N ARG B 336 14.54 4.62 10.18
CA ARG B 336 13.20 4.69 10.74
C ARG B 336 12.12 4.64 9.66
N ARG B 337 12.06 5.64 8.79
CA ARG B 337 11.09 5.68 7.70
C ARG B 337 9.67 5.68 8.23
N LYS B 338 9.53 5.55 9.56
CA LYS B 338 8.24 5.66 10.24
C LYS B 338 8.38 6.33 11.60
N SER B 339 9.58 6.77 11.97
CA SER B 339 9.88 7.34 13.29
C SER B 339 9.93 6.27 14.37
N GLY B 340 9.51 5.05 14.06
CA GLY B 340 9.61 3.96 15.01
C GLY B 340 9.94 2.60 14.40
N ALA B 341 10.01 2.53 13.08
CA ALA B 341 9.94 1.25 12.37
C ALA B 341 11.32 0.60 12.23
N LEU B 342 11.92 0.28 13.39
CA LEU B 342 13.09 -0.58 13.32
C LEU B 342 13.09 -1.67 14.39
N PRO B 343 11.96 -2.30 14.71
CA PRO B 343 12.02 -3.57 15.46
C PRO B 343 11.96 -4.77 14.52
N ALA B 344 12.78 -4.78 13.47
CA ALA B 344 12.59 -5.75 12.40
C ALA B 344 13.90 -6.31 11.86
N LEU B 345 14.93 -6.46 12.71
CA LEU B 345 16.17 -7.04 12.23
C LEU B 345 15.88 -8.33 11.46
N VAL B 346 16.15 -8.30 10.17
CA VAL B 346 15.74 -9.38 9.26
C VAL B 346 16.93 -10.29 9.06
N HIS B 347 16.84 -11.50 9.60
CA HIS B 347 17.95 -12.43 9.66
C HIS B 347 17.53 -13.79 9.12
N THR B 348 18.51 -14.58 8.71
CA THR B 348 18.29 -15.93 8.21
C THR B 348 19.38 -16.83 8.77
N HIS B 349 19.00 -17.82 9.57
CA HIS B 349 19.98 -18.63 10.27
C HIS B 349 20.72 -19.53 9.28
N PRO B 350 21.89 -20.04 9.67
CA PRO B 350 22.72 -20.82 8.75
C PRO B 350 22.12 -22.16 8.35
N SER B 351 20.96 -22.53 8.86
CA SER B 351 20.33 -23.80 8.52
C SER B 351 19.13 -23.67 7.60
N GLU B 352 18.48 -22.52 7.57
CA GLU B 352 17.31 -22.35 6.73
C GLU B 352 17.69 -22.46 5.26
N THR B 353 16.85 -23.15 4.49
CA THR B 353 17.14 -23.41 3.09
C THR B 353 17.36 -22.10 2.35
N VAL B 354 18.13 -22.18 1.25
CA VAL B 354 18.42 -20.99 0.45
C VAL B 354 17.13 -20.35 -0.04
N ARG B 355 16.15 -21.18 -0.39
CA ARG B 355 14.87 -20.65 -0.85
C ARG B 355 14.20 -19.82 0.24
N ASP B 356 14.31 -20.24 1.50
CA ASP B 356 13.74 -19.44 2.59
C ASP B 356 14.44 -18.09 2.70
N ALA B 357 15.75 -18.06 2.50
CA ALA B 357 16.47 -16.78 2.55
C ALA B 357 16.03 -15.86 1.42
N ILE B 358 15.96 -16.39 0.19
CA ILE B 358 15.50 -15.58 -0.92
C ILE B 358 14.08 -15.08 -0.67
N GLY B 359 13.24 -15.93 -0.09
CA GLY B 359 11.87 -15.52 0.18
C GLY B 359 11.78 -14.42 1.21
N ILE B 360 12.56 -14.54 2.29
CA ILE B 360 12.54 -13.49 3.31
C ILE B 360 13.04 -12.19 2.73
N LEU B 361 14.05 -12.24 1.86
CA LEU B 361 14.52 -11.03 1.18
C LEU B 361 13.42 -10.43 0.32
N ARG B 362 12.81 -11.25 -0.55
CA ARG B 362 11.75 -10.75 -1.42
C ARG B 362 10.57 -10.20 -0.65
N GLU B 363 10.34 -10.71 0.55
CA GLU B 363 9.18 -10.30 1.34
C GLU B 363 9.45 -8.98 2.08
N TYR B 364 10.59 -8.89 2.76
CA TYR B 364 10.89 -7.69 3.52
C TYR B 364 11.51 -6.58 2.68
N GLY B 365 11.54 -6.74 1.35
CA GLY B 365 11.99 -5.69 0.47
C GLY B 365 13.39 -5.19 0.73
N VAL B 366 14.23 -6.05 1.30
CA VAL B 366 15.64 -5.73 1.51
C VAL B 366 16.45 -6.52 0.49
N SER B 367 17.76 -6.21 0.42
CA SER B 367 18.62 -6.85 -0.56
C SER B 367 19.93 -7.33 0.07
N GLN B 368 19.94 -7.50 1.39
CA GLN B 368 21.08 -8.03 2.13
C GLN B 368 20.62 -8.33 3.55
N MET B 369 21.26 -9.31 4.19
CA MET B 369 20.84 -9.61 5.55
C MET B 369 21.85 -10.47 6.29
N PRO B 370 22.01 -10.26 7.60
CA PRO B 370 22.96 -11.05 8.36
C PRO B 370 22.37 -12.41 8.74
N VAL B 371 23.13 -13.47 8.47
CA VAL B 371 22.71 -14.83 8.83
C VAL B 371 23.24 -15.07 10.23
N VAL B 372 22.49 -14.63 11.22
CA VAL B 372 22.90 -14.64 12.62
C VAL B 372 22.08 -15.70 13.35
N GLY B 373 22.76 -16.70 13.90
CA GLY B 373 22.13 -17.66 14.78
C GLY B 373 21.57 -16.97 16.01
N ALA B 374 21.00 -17.72 16.95
CA ALA B 374 20.45 -17.12 18.16
C ALA B 374 19.35 -16.11 17.81
N GLU B 375 18.26 -16.67 17.27
CA GLU B 375 17.10 -15.95 16.76
C GLU B 375 16.84 -14.64 17.50
N PRO B 376 16.80 -14.64 18.83
CA PRO B 376 16.54 -13.39 19.57
C PRO B 376 17.37 -12.24 19.03
N PRO B 377 16.73 -11.23 18.44
CA PRO B 377 17.49 -10.11 17.87
C PRO B 377 18.10 -9.21 18.94
N VAL B 378 18.86 -9.81 19.85
CA VAL B 378 19.54 -9.07 20.92
C VAL B 378 20.99 -9.54 20.96
N MET B 379 21.41 -10.25 19.92
CA MET B 379 22.71 -10.91 19.93
C MET B 379 23.83 -9.88 19.84
N ALA B 380 25.05 -10.37 20.02
CA ALA B 380 26.26 -9.59 19.92
C ALA B 380 26.84 -9.72 18.51
N GLY B 381 28.08 -9.29 18.34
CA GLY B 381 28.77 -9.43 17.06
C GLY B 381 28.91 -10.87 16.59
N GLU B 382 28.36 -11.81 17.34
CA GLU B 382 28.39 -13.22 16.97
C GLU B 382 27.42 -13.49 15.82
N VAL B 383 27.68 -12.93 14.65
CA VAL B 383 26.90 -13.17 13.45
C VAL B 383 27.73 -14.03 12.51
N ALA B 384 27.15 -15.16 12.07
CA ALA B 384 27.91 -16.12 11.28
C ALA B 384 28.41 -15.52 9.98
N GLY B 385 27.61 -14.64 9.36
CA GLY B 385 28.00 -14.05 8.10
C GLY B 385 26.86 -13.23 7.53
N SER B 386 26.95 -12.94 6.24
CA SER B 386 25.91 -12.17 5.56
C SER B 386 25.55 -12.86 4.25
N VAL B 387 24.28 -12.74 3.88
CA VAL B 387 23.77 -13.27 2.62
C VAL B 387 23.12 -12.12 1.86
N SER B 388 23.53 -11.93 0.61
CA SER B 388 22.94 -10.91 -0.25
C SER B 388 21.78 -11.52 -1.03
N GLU B 389 21.29 -10.79 -2.01
CA GLU B 389 20.27 -11.27 -2.93
C GLU B 389 20.80 -11.48 -4.33
N ARG B 390 21.64 -10.57 -4.82
CA ARG B 390 22.20 -10.71 -6.16
C ARG B 390 23.17 -11.89 -6.25
N GLU B 391 23.68 -12.37 -5.11
CA GLU B 391 24.54 -13.54 -5.11
C GLU B 391 23.73 -14.82 -5.14
N LEU B 392 22.81 -14.98 -4.18
CA LEU B 392 21.96 -16.16 -4.17
C LEU B 392 21.28 -16.33 -5.52
N LEU B 393 20.66 -15.26 -6.03
CA LEU B 393 20.08 -15.32 -7.36
C LEU B 393 21.12 -15.48 -8.45
N SER B 394 22.40 -15.23 -8.15
CA SER B 394 23.47 -15.51 -9.09
C SER B 394 24.06 -16.89 -8.91
N ALA B 395 23.93 -17.48 -7.72
CA ALA B 395 24.40 -18.83 -7.45
C ALA B 395 23.30 -19.86 -7.53
N VAL B 396 22.13 -19.48 -8.08
CA VAL B 396 20.99 -20.40 -8.18
C VAL B 396 20.64 -20.60 -9.64
N PHE B 397 20.92 -19.60 -10.48
CA PHE B 397 20.67 -19.70 -11.90
C PHE B 397 21.88 -20.17 -12.69
N GLU B 398 23.08 -20.07 -12.11
CA GLU B 398 24.29 -20.57 -12.76
C GLU B 398 24.60 -22.02 -12.41
N GLY B 399 23.88 -22.60 -11.45
CA GLY B 399 24.09 -23.99 -11.06
C GLY B 399 24.99 -24.18 -9.87
N ARG B 400 25.61 -23.12 -9.36
CA ARG B 400 26.53 -23.23 -8.24
C ARG B 400 25.82 -23.50 -6.92
N ALA B 401 24.50 -23.52 -6.90
CA ALA B 401 23.75 -23.81 -5.68
C ALA B 401 22.31 -24.10 -6.06
N LYS B 402 21.68 -25.00 -5.32
CA LYS B 402 20.31 -25.44 -5.58
C LYS B 402 19.38 -24.87 -4.52
N LEU B 403 18.11 -24.67 -4.92
CA LEU B 403 17.16 -24.02 -4.04
C LEU B 403 17.04 -24.73 -2.70
N ALA B 404 17.01 -26.06 -2.71
CA ALA B 404 16.82 -26.83 -1.50
C ALA B 404 18.07 -26.96 -0.64
N ASP B 405 19.08 -26.13 -0.89
CA ASP B 405 20.35 -26.23 -0.18
C ASP B 405 20.30 -25.40 1.11
N ALA B 406 21.36 -25.51 1.89
CA ALA B 406 21.50 -24.78 3.15
C ALA B 406 22.29 -23.51 2.93
N VAL B 407 21.80 -22.40 3.47
CA VAL B 407 22.46 -21.12 3.27
C VAL B 407 23.85 -21.10 3.89
N SER B 408 24.13 -21.99 4.84
CA SER B 408 25.42 -22.02 5.52
C SER B 408 26.57 -22.39 4.60
N ALA B 409 26.31 -22.62 3.31
CA ALA B 409 27.37 -22.96 2.36
C ALA B 409 27.39 -22.00 1.17
N HIS B 410 26.60 -20.92 1.20
CA HIS B 410 26.58 -19.97 0.11
C HIS B 410 26.48 -18.53 0.61
N MET B 411 27.00 -18.28 1.81
CA MET B 411 26.92 -16.97 2.45
C MET B 411 28.27 -16.26 2.37
N SER B 412 28.23 -14.97 2.04
CA SER B 412 29.43 -14.15 1.98
C SER B 412 29.90 -13.80 3.39
N PRO B 413 31.18 -13.43 3.53
CA PRO B 413 31.70 -13.07 4.84
C PRO B 413 30.92 -11.91 5.43
N PRO B 414 30.92 -11.77 6.76
CA PRO B 414 30.13 -10.68 7.38
C PRO B 414 30.44 -9.34 6.75
N LEU B 415 29.46 -8.45 6.78
CA LEU B 415 29.60 -7.12 6.22
C LEU B 415 30.03 -6.14 7.30
N ARG B 416 30.85 -5.16 6.90
CA ARG B 416 31.37 -4.21 7.87
C ARG B 416 30.23 -3.46 8.58
N MET B 417 30.55 -2.90 9.73
CA MET B 417 29.55 -2.35 10.63
C MET B 417 29.99 -0.97 11.12
N ILE B 418 29.00 -0.15 11.48
CA ILE B 418 29.22 1.16 12.07
C ILE B 418 28.19 1.37 13.17
N GLY B 419 28.51 2.24 14.13
CA GLY B 419 27.58 2.56 15.19
C GLY B 419 26.39 3.35 14.67
N ALA B 420 25.24 3.11 15.30
CA ALA B 420 24.00 3.73 14.86
C ALA B 420 23.90 5.19 15.25
N GLY B 421 24.62 5.62 16.29
CA GLY B 421 24.54 6.99 16.75
C GLY B 421 25.59 7.91 16.14
N GLU B 422 25.60 8.02 14.82
CA GLU B 422 26.60 8.84 14.14
C GLU B 422 25.98 9.46 12.89
N LEU B 423 26.45 10.65 12.52
CA LEU B 423 25.86 11.42 11.45
C LEU B 423 26.03 10.70 10.10
N VAL B 424 25.28 11.18 9.11
CA VAL B 424 25.32 10.57 7.78
C VAL B 424 26.67 10.76 7.12
N SER B 425 27.40 11.82 7.45
CA SER B 425 28.65 12.13 6.75
C SER B 425 29.61 10.96 6.80
N ALA B 426 29.87 10.43 8.00
CA ALA B 426 30.71 9.26 8.12
C ALA B 426 30.10 8.06 7.41
N ALA B 427 28.77 7.98 7.39
CA ALA B 427 28.11 6.90 6.65
C ALA B 427 28.44 6.99 5.16
N GLY B 428 28.39 8.21 4.61
CA GLY B 428 28.74 8.37 3.20
C GLY B 428 30.20 8.04 2.94
N LYS B 429 31.08 8.53 3.81
CA LYS B 429 32.50 8.24 3.65
C LYS B 429 32.76 6.73 3.72
N ALA B 430 32.01 6.02 4.56
CA ALA B 430 32.20 4.58 4.69
C ALA B 430 31.67 3.84 3.47
N LEU B 431 30.40 4.08 3.11
CA LEU B 431 29.85 3.49 1.91
C LEU B 431 30.62 3.90 0.66
N ARG B 432 31.53 4.86 0.78
CA ARG B 432 32.45 5.16 -0.31
C ARG B 432 33.43 4.02 -0.57
N ASP B 433 33.41 2.98 0.25
CA ASP B 433 34.29 1.83 0.08
C ASP B 433 33.55 0.49 -0.02
N TRP B 434 32.33 0.39 0.50
CA TRP B 434 31.58 -0.86 0.45
C TRP B 434 30.22 -0.66 -0.20
N ASP B 435 29.35 -1.67 -0.15
CA ASP B 435 28.02 -1.57 -0.72
C ASP B 435 26.92 -1.46 0.33
N ALA B 436 27.19 -1.88 1.56
CA ALA B 436 26.23 -1.77 2.66
C ALA B 436 26.93 -2.18 3.93
N LEU B 437 26.42 -1.69 5.07
CA LEU B 437 27.07 -1.96 6.34
C LEU B 437 26.03 -2.02 7.45
N MET B 438 26.32 -2.85 8.46
CA MET B 438 25.45 -2.99 9.61
C MET B 438 25.61 -1.82 10.56
N VAL B 439 24.57 -1.53 11.31
CA VAL B 439 24.55 -0.45 12.28
C VAL B 439 24.48 -1.08 13.67
N VAL B 440 25.64 -1.22 14.31
CA VAL B 440 25.66 -1.77 15.67
C VAL B 440 25.19 -0.70 16.64
N GLU B 441 24.20 -1.05 17.45
CA GLU B 441 23.62 -0.14 18.44
C GLU B 441 23.78 -0.77 19.81
N GLU B 442 24.84 -0.38 20.51
CA GLU B 442 25.22 -0.95 21.81
C GLU B 442 25.83 -2.33 21.68
N GLY B 443 26.42 -2.65 20.53
CA GLY B 443 27.03 -3.94 20.30
C GLY B 443 26.12 -4.97 19.66
N LYS B 444 24.82 -4.69 19.57
CA LYS B 444 23.86 -5.60 18.97
C LYS B 444 23.38 -5.02 17.65
N PRO B 445 23.49 -5.74 16.54
CA PRO B 445 23.03 -5.19 15.25
C PRO B 445 21.55 -4.85 15.31
N VAL B 446 21.17 -3.77 14.63
CA VAL B 446 19.80 -3.28 14.68
C VAL B 446 19.27 -3.04 13.27
N GLY B 447 20.13 -3.17 12.27
CA GLY B 447 19.72 -2.97 10.89
C GLY B 447 20.90 -2.95 9.97
N VAL B 448 20.61 -2.71 8.69
CA VAL B 448 21.62 -2.64 7.64
C VAL B 448 21.35 -1.39 6.82
N ILE B 449 22.32 -0.49 6.77
CA ILE B 449 22.23 0.74 5.98
C ILE B 449 22.97 0.52 4.67
N THR B 450 22.29 0.78 3.56
CA THR B 450 22.82 0.51 2.22
C THR B 450 22.85 1.80 1.42
N ARG B 451 23.68 1.81 0.37
CA ARG B 451 23.83 2.99 -0.47
C ARG B 451 22.47 3.49 -0.96
N TYR B 452 21.66 2.58 -1.49
CA TYR B 452 20.34 2.95 -1.99
C TYR B 452 19.52 3.67 -0.91
N ASP B 453 19.47 3.11 0.29
CA ASP B 453 18.69 3.71 1.38
C ASP B 453 19.25 5.07 1.75
N LEU B 454 20.56 5.17 1.93
CA LEU B 454 21.16 6.44 2.37
C LEU B 454 20.91 7.53 1.34
N LEU B 455 21.08 7.21 0.05
CA LEU B 455 20.82 8.20 -0.99
C LEU B 455 19.35 8.59 -1.01
N GLY B 456 18.45 7.61 -0.94
CA GLY B 456 17.03 7.93 -0.94
C GLY B 456 16.63 8.79 0.24
N PHE B 457 17.29 8.63 1.38
CA PHE B 457 17.00 9.46 2.53
C PHE B 457 17.52 10.88 2.34
N LEU B 458 18.80 11.00 1.97
CA LEU B 458 19.37 12.34 1.74
C LEU B 458 18.53 13.12 0.74
N SER B 459 18.07 12.47 -0.32
CA SER B 459 17.34 13.13 -1.39
C SER B 459 15.93 13.52 -1.00
N GLU B 460 15.52 13.31 0.25
CA GLU B 460 14.20 13.72 0.71
C GLU B 460 14.19 14.45 2.05
N GLY B 461 15.22 14.30 2.88
CA GLY B 461 15.24 14.93 4.18
C GLY B 461 16.63 15.30 4.65
N ILE C 4 23.31 55.14 -6.85
CA ILE C 4 23.45 53.78 -6.36
C ILE C 4 22.95 53.70 -4.92
N ALA C 5 21.78 53.08 -4.73
CA ALA C 5 21.23 52.88 -3.40
C ALA C 5 22.25 52.21 -2.49
N GLN C 6 22.16 52.47 -1.18
CA GLN C 6 23.09 51.90 -0.21
C GLN C 6 22.59 50.60 0.40
N HIS C 7 21.35 50.19 0.09
CA HIS C 7 20.82 48.93 0.56
C HIS C 7 19.44 48.67 -0.04
N ILE C 8 19.05 47.41 -0.15
CA ILE C 8 17.77 47.08 -0.77
C ILE C 8 16.61 47.68 0.01
N SER C 9 16.77 47.83 1.32
CA SER C 9 15.69 48.29 2.20
C SER C 9 15.45 49.79 2.11
N GLU C 10 16.04 50.48 1.14
CA GLU C 10 15.79 51.90 0.95
C GLU C 10 14.80 52.20 -0.17
N LEU C 11 14.52 51.22 -1.03
CA LEU C 11 13.57 51.38 -2.13
C LEU C 11 12.14 51.10 -1.69
N ILE C 12 11.85 51.19 -0.39
CA ILE C 12 10.54 50.88 0.15
C ILE C 12 9.71 52.15 0.09
N GLY C 13 8.94 52.32 -0.98
CA GLY C 13 8.08 53.48 -1.12
C GLY C 13 7.96 53.97 -2.54
N GLY C 14 7.18 55.01 -2.76
CA GLY C 14 6.99 55.55 -4.10
C GLY C 14 6.42 54.56 -5.07
N THR C 15 5.62 53.61 -4.59
CA THR C 15 5.08 52.59 -5.47
C THR C 15 4.11 53.22 -6.47
N PRO C 16 4.02 52.67 -7.67
CA PRO C 16 3.22 53.30 -8.73
C PRO C 16 1.74 53.30 -8.38
N LEU C 17 0.96 53.94 -9.27
CA LEU C 17 -0.48 54.10 -9.09
C LEU C 17 -1.14 53.77 -10.43
N VAL C 18 -1.58 52.53 -10.60
CA VAL C 18 -2.16 52.08 -11.85
C VAL C 18 -3.66 52.35 -11.84
N ARG C 19 -4.25 52.42 -13.04
CA ARG C 19 -5.68 52.66 -13.21
C ARG C 19 -6.34 51.40 -13.73
N LEU C 20 -7.33 50.90 -13.01
CA LEU C 20 -8.09 49.74 -13.46
C LEU C 20 -8.95 50.13 -14.65
N ASN C 21 -8.90 49.32 -15.71
CA ASN C 21 -9.60 49.62 -16.96
C ASN C 21 -10.70 48.64 -17.29
N SER C 22 -10.41 47.35 -17.31
CA SER C 22 -11.36 46.35 -17.76
C SER C 22 -12.23 45.77 -16.65
N VAL C 23 -11.97 46.11 -15.40
CA VAL C 23 -12.71 45.54 -14.29
C VAL C 23 -13.91 46.43 -13.95
N VAL C 24 -13.66 47.70 -13.69
CA VAL C 24 -14.74 48.59 -13.25
C VAL C 24 -15.78 48.71 -14.36
N PRO C 25 -17.07 48.59 -14.06
CA PRO C 25 -18.10 48.79 -15.08
C PRO C 25 -18.12 50.24 -15.55
N ASP C 26 -18.56 50.43 -16.78
CA ASP C 26 -18.60 51.76 -17.36
C ASP C 26 -19.70 52.59 -16.71
N GLY C 27 -19.54 53.91 -16.77
CA GLY C 27 -20.48 54.81 -16.15
C GLY C 27 -20.12 55.24 -14.74
N ALA C 28 -18.83 55.18 -14.38
CA ALA C 28 -18.39 55.55 -13.04
C ALA C 28 -17.01 56.17 -13.13
N GLY C 29 -16.63 56.88 -12.07
CA GLY C 29 -15.34 57.52 -12.04
C GLY C 29 -14.21 56.53 -12.23
N THR C 30 -13.00 57.08 -12.38
CA THR C 30 -11.82 56.26 -12.57
C THR C 30 -11.43 55.59 -11.27
N VAL C 31 -11.21 54.28 -11.31
CA VAL C 31 -10.82 53.50 -10.15
C VAL C 31 -9.33 53.18 -10.31
N ALA C 32 -8.48 54.02 -9.73
CA ALA C 32 -7.05 53.81 -9.77
C ALA C 32 -6.63 52.97 -8.57
N ALA C 33 -5.83 51.94 -8.82
CA ALA C 33 -5.41 51.00 -7.78
C ALA C 33 -3.92 51.18 -7.54
N LYS C 34 -3.57 51.69 -6.36
CA LYS C 34 -2.18 51.82 -5.97
C LYS C 34 -1.61 50.42 -5.81
N VAL C 35 -0.85 49.98 -6.81
CA VAL C 35 -0.29 48.63 -6.83
C VAL C 35 0.99 48.65 -6.02
N GLU C 36 1.02 47.89 -4.92
CA GLU C 36 2.09 48.01 -3.94
C GLU C 36 2.90 46.74 -3.77
N TYR C 37 2.73 45.75 -4.67
CA TYR C 37 3.58 44.57 -4.61
C TYR C 37 4.92 44.78 -5.31
N LEU C 38 5.26 46.02 -5.66
CA LEU C 38 6.51 46.35 -6.31
C LEU C 38 7.57 46.83 -5.32
N ASN C 39 7.33 46.71 -4.02
CA ASN C 39 8.32 47.02 -3.02
C ASN C 39 9.38 45.92 -2.98
N PRO C 40 10.54 46.19 -2.39
CA PRO C 40 11.57 45.15 -2.30
C PRO C 40 11.09 43.93 -1.53
N GLY C 41 10.25 44.13 -0.52
CA GLY C 41 9.81 43.02 0.33
C GLY C 41 8.70 42.23 -0.32
N GLY C 42 8.05 42.82 -1.33
CA GLY C 42 6.99 42.11 -2.07
C GLY C 42 5.62 42.65 -1.76
N SER C 43 5.35 43.00 -0.50
CA SER C 43 3.99 43.44 -0.12
C SER C 43 3.97 44.92 0.26
N SER C 44 2.88 45.37 0.89
CA SER C 44 2.79 46.78 1.35
C SER C 44 3.32 46.89 2.78
N ASP C 46 6.07 46.11 4.06
CA ASP C 46 7.44 46.67 4.26
C ASP C 46 7.36 48.11 4.78
N ARG C 47 6.43 48.92 4.26
CA ARG C 47 6.33 50.34 4.67
C ARG C 47 6.35 50.46 6.20
N ILE C 48 5.61 49.60 6.90
CA ILE C 48 5.50 49.70 8.39
C ILE C 48 6.81 49.24 9.03
N ALA C 49 7.42 48.17 8.51
CA ALA C 49 8.65 47.62 9.11
C ALA C 49 9.68 48.74 9.29
N VAL C 50 10.15 49.33 8.18
CA VAL C 50 11.17 50.40 8.26
C VAL C 50 10.80 51.37 9.37
N LYS C 51 9.60 51.97 9.32
CA LYS C 51 9.23 52.97 10.30
C LYS C 51 9.39 52.44 11.72
N MET C 52 8.93 51.21 11.96
CA MET C 52 9.02 50.64 13.31
C MET C 52 10.47 50.47 13.73
N ILE C 53 11.31 49.95 12.83
CA ILE C 53 12.72 49.77 13.16
C ILE C 53 13.39 51.10 13.43
N GLU C 54 13.10 52.11 12.61
CA GLU C 54 13.70 53.43 12.82
C GLU C 54 13.26 54.01 14.15
N ALA C 55 11.98 53.89 14.47
CA ALA C 55 11.48 54.45 15.73
C ALA C 55 12.09 53.75 16.94
N ALA C 56 12.22 52.42 16.86
CA ALA C 56 12.77 51.67 17.98
C ALA C 56 14.28 51.79 18.09
N GLU C 57 14.95 52.19 17.01
CA GLU C 57 16.38 52.44 17.05
C GLU C 57 16.73 53.87 17.43
N ALA C 58 15.79 54.80 17.23
CA ALA C 58 16.04 56.19 17.60
C ALA C 58 15.72 56.45 19.08
N SER C 59 14.67 55.83 19.59
CA SER C 59 14.27 56.02 20.98
C SER C 59 14.91 55.02 21.93
N GLY C 60 16.01 54.40 21.52
CA GLY C 60 16.80 53.57 22.41
C GLY C 60 16.05 52.44 23.08
N GLN C 61 15.22 51.74 22.32
CA GLN C 61 14.50 50.58 22.83
C GLN C 61 14.98 49.26 22.21
N LEU C 62 15.71 49.32 21.11
CA LEU C 62 16.33 48.15 20.49
C LEU C 62 17.82 48.44 20.41
N LYS C 63 18.53 48.14 21.48
CA LYS C 63 19.95 48.45 21.54
C LYS C 63 20.71 47.65 20.48
N PRO C 64 21.71 48.26 19.83
CA PRO C 64 22.49 47.52 18.83
C PRO C 64 22.94 46.16 19.33
N GLY C 65 22.52 45.11 18.64
CA GLY C 65 22.78 43.74 19.05
C GLY C 65 21.56 43.00 19.54
N GLY C 66 20.41 43.67 19.62
CA GLY C 66 19.19 43.01 20.06
C GLY C 66 18.75 41.90 19.14
N THR C 67 17.58 41.31 19.42
CA THR C 67 17.06 40.21 18.62
C THR C 67 15.55 40.39 18.50
N ILE C 68 15.10 40.88 17.35
CA ILE C 68 13.67 41.08 17.13
C ILE C 68 12.94 39.76 17.34
N VAL C 69 11.74 39.85 17.92
CA VAL C 69 10.90 38.67 18.17
C VAL C 69 9.46 39.09 18.02
N GLU C 70 8.70 38.38 17.19
CA GLU C 70 7.32 38.76 16.99
C GLU C 70 6.53 37.59 16.44
N PRO C 71 5.27 37.41 16.86
CA PRO C 71 4.39 36.39 16.28
C PRO C 71 3.81 36.88 14.95
N THR C 72 4.61 36.79 13.91
CA THR C 72 4.28 37.39 12.64
C THR C 72 3.50 36.43 11.74
N SER C 73 2.62 37.01 10.92
CA SER C 73 1.76 36.24 10.03
C SER C 73 2.48 35.69 8.81
N GLY C 74 3.70 36.18 8.52
CA GLY C 74 4.48 35.72 7.39
C GLY C 74 4.74 36.79 6.35
N ASN C 75 3.88 37.79 6.26
CA ASN C 75 4.09 38.88 5.30
C ASN C 75 4.87 40.03 5.92
N THR C 76 4.47 40.47 7.12
CA THR C 76 5.29 41.44 7.84
C THR C 76 6.64 40.85 8.22
N GLY C 77 6.71 39.51 8.33
CA GLY C 77 7.97 38.89 8.66
C GLY C 77 9.03 39.15 7.61
N VAL C 78 8.65 39.12 6.33
CA VAL C 78 9.61 39.37 5.26
C VAL C 78 10.16 40.78 5.36
N GLY C 79 9.28 41.77 5.54
CA GLY C 79 9.74 43.14 5.65
C GLY C 79 10.63 43.35 6.85
N LEU C 80 10.23 42.79 8.01
CA LEU C 80 11.06 42.92 9.20
C LEU C 80 12.42 42.27 8.99
N ALA C 81 12.45 41.08 8.40
CA ALA C 81 13.72 40.40 8.17
C ALA C 81 14.63 41.24 7.28
N LEU C 82 14.09 41.74 6.17
CA LEU C 82 14.89 42.53 5.25
C LEU C 82 15.46 43.76 5.94
N VAL C 83 14.58 44.56 6.57
CA VAL C 83 15.01 45.82 7.15
C VAL C 83 15.99 45.58 8.29
N ALA C 84 15.69 44.63 9.17
CA ALA C 84 16.55 44.35 10.31
C ALA C 84 17.92 43.85 9.85
N GLN C 85 17.95 42.85 8.97
CA GLN C 85 19.22 42.33 8.51
C GLN C 85 20.01 43.34 7.71
N ARG C 86 19.39 44.45 7.29
CA ARG C 86 20.19 45.59 6.85
C ARG C 86 21.36 45.83 7.80
N ARG C 87 21.08 45.87 9.11
CA ARG C 87 22.08 46.21 10.10
C ARG C 87 22.54 45.03 10.96
N GLY C 88 21.84 43.90 10.89
CA GLY C 88 22.30 42.71 11.58
C GLY C 88 21.61 42.41 12.89
N TYR C 89 20.30 42.61 12.94
CA TYR C 89 19.49 42.28 14.10
C TYR C 89 18.86 40.91 13.87
N LYS C 90 19.15 39.97 14.76
CA LYS C 90 18.64 38.62 14.62
C LYS C 90 17.12 38.61 14.79
N CYS C 91 16.43 37.95 13.86
CA CYS C 91 14.98 37.88 13.88
C CYS C 91 14.54 36.47 14.25
N VAL C 92 13.64 36.37 15.22
CA VAL C 92 13.13 35.08 15.70
C VAL C 92 11.61 35.15 15.60
N PHE C 93 11.05 34.66 14.51
CA PHE C 93 9.62 34.69 14.26
C PHE C 93 8.95 33.46 14.85
N VAL C 94 7.68 33.62 15.22
CA VAL C 94 6.87 32.54 15.78
C VAL C 94 5.62 32.43 14.92
N CYS C 95 5.46 31.27 14.26
CA CYS C 95 4.36 31.15 13.32
C CYS C 95 3.49 29.94 13.64
N PRO C 96 2.18 30.04 13.42
CA PRO C 96 1.31 28.88 13.58
C PRO C 96 1.48 27.91 12.42
N ASP C 97 1.16 26.64 12.69
CA ASP C 97 1.33 25.61 11.68
C ASP C 97 0.49 25.86 10.44
N LYS C 98 -0.55 26.69 10.54
CA LYS C 98 -1.40 26.97 9.39
C LYS C 98 -0.68 27.70 8.27
N VAL C 99 0.59 28.04 8.44
CA VAL C 99 1.37 28.69 7.38
C VAL C 99 1.96 27.62 6.48
N SER C 100 2.12 27.97 5.21
CA SER C 100 2.66 27.03 4.24
C SER C 100 4.12 26.73 4.56
N GLU C 101 4.72 25.85 3.77
CA GLU C 101 6.14 25.55 3.93
C GLU C 101 7.01 26.57 3.22
N ASP C 102 6.65 26.94 2.00
CA ASP C 102 7.42 27.95 1.26
C ASP C 102 7.45 29.29 1.98
N LYS C 103 6.43 29.59 2.79
CA LYS C 103 6.44 30.84 3.53
C LYS C 103 7.55 30.86 4.57
N ARG C 104 7.65 29.79 5.36
CA ARG C 104 8.74 29.69 6.31
C ARG C 104 10.09 29.60 5.60
N ASN C 105 10.12 28.98 4.41
CA ASN C 105 11.35 28.95 3.64
C ASN C 105 11.78 30.36 3.23
N VAL C 106 10.82 31.20 2.84
CA VAL C 106 11.12 32.59 2.52
C VAL C 106 11.63 33.31 3.75
N LEU C 107 10.98 33.09 4.89
CA LEU C 107 11.40 33.76 6.12
C LEU C 107 12.83 33.38 6.50
N ILE C 108 13.19 32.10 6.34
CA ILE C 108 14.53 31.65 6.71
C ILE C 108 15.56 32.10 5.68
N ALA C 109 15.19 32.08 4.39
CA ALA C 109 16.13 32.50 3.36
C ALA C 109 16.64 33.91 3.58
N TYR C 110 15.96 34.70 4.40
CA TYR C 110 16.40 36.05 4.73
C TYR C 110 17.25 36.11 5.98
N GLY C 111 17.57 34.97 6.58
CA GLY C 111 18.45 34.94 7.73
C GLY C 111 17.78 34.93 9.07
N ALA C 112 16.47 34.72 9.13
CA ALA C 112 15.75 34.67 10.39
C ALA C 112 15.70 33.24 10.92
N GLU C 113 15.03 33.07 12.05
CA GLU C 113 14.77 31.74 12.61
C GLU C 113 13.30 31.67 13.00
N VAL C 114 12.59 30.70 12.45
CA VAL C 114 11.14 30.62 12.59
C VAL C 114 10.82 29.39 13.43
N VAL C 115 10.21 29.61 14.59
CA VAL C 115 9.73 28.53 15.45
C VAL C 115 8.23 28.36 15.22
N VAL C 116 7.79 27.13 15.12
CA VAL C 116 6.40 26.81 14.79
C VAL C 116 5.64 26.45 16.06
N CYS C 117 4.36 26.82 16.09
CA CYS C 117 3.46 26.51 17.18
C CYS C 117 2.13 26.02 16.60
N PRO C 118 1.37 25.25 17.38
CA PRO C 118 0.10 24.72 16.88
C PRO C 118 -0.90 25.84 16.63
N THR C 119 -1.83 25.57 15.70
CA THR C 119 -2.89 26.50 15.35
C THR C 119 -4.24 25.91 15.73
N ALA C 120 -5.25 26.77 15.77
CA ALA C 120 -6.62 26.45 16.16
C ALA C 120 -6.77 26.23 17.66
N VAL C 121 -5.68 26.22 18.41
CA VAL C 121 -5.71 26.07 19.86
C VAL C 121 -6.15 27.38 20.49
N PRO C 122 -6.57 27.39 21.75
CA PRO C 122 -6.97 28.64 22.39
C PRO C 122 -5.87 29.68 22.27
N PRO C 123 -6.22 30.91 21.88
CA PRO C 123 -5.19 31.92 21.62
C PRO C 123 -4.29 32.22 22.81
N HIS C 124 -4.82 32.16 24.03
CA HIS C 124 -4.09 32.57 25.22
C HIS C 124 -3.48 31.40 25.99
N ASP C 125 -3.53 30.19 25.45
CA ASP C 125 -3.01 29.02 26.14
C ASP C 125 -1.48 29.00 26.02
N PRO C 126 -0.82 28.07 26.70
CA PRO C 126 0.65 28.00 26.65
C PRO C 126 1.20 27.41 25.36
N ALA C 127 0.34 26.97 24.44
CA ALA C 127 0.79 26.39 23.19
C ALA C 127 0.67 27.34 21.99
N SER C 128 -0.19 28.35 22.08
CA SER C 128 -0.32 29.29 20.98
C SER C 128 0.93 30.17 20.88
N TYR C 129 1.10 30.81 19.72
CA TYR C 129 2.30 31.57 19.46
C TYR C 129 2.38 32.88 20.25
N TYR C 130 1.26 33.40 20.72
CA TYR C 130 1.29 34.63 21.51
C TYR C 130 2.08 34.43 22.80
N SER C 131 1.72 33.39 23.56
CA SER C 131 2.38 33.15 24.84
C SER C 131 3.86 32.82 24.64
N VAL C 132 4.17 32.03 23.62
CA VAL C 132 5.55 31.67 23.36
C VAL C 132 6.35 32.90 22.96
N SER C 133 5.75 33.79 22.17
CA SER C 133 6.44 35.03 21.82
C SER C 133 6.72 35.89 23.05
N ASP C 134 5.73 35.99 23.95
CA ASP C 134 5.95 36.74 25.18
C ASP C 134 7.06 36.12 26.02
N ARG C 135 7.08 34.79 26.12
CA ARG C 135 8.15 34.10 26.83
C ARG C 135 9.51 34.43 26.23
N LEU C 136 9.62 34.32 24.91
CA LEU C 136 10.87 34.66 24.24
C LEU C 136 11.29 36.08 24.57
N VAL C 137 10.35 37.02 24.48
CA VAL C 137 10.66 38.42 24.75
C VAL C 137 11.20 38.58 26.16
N ARG C 138 10.58 37.91 27.13
CA ARG C 138 11.05 38.03 28.51
C ARG C 138 12.44 37.45 28.69
N ASP C 139 12.65 36.23 28.18
CA ASP C 139 13.88 35.50 28.49
C ASP C 139 15.08 36.08 27.74
N ILE C 140 15.04 36.04 26.41
CA ILE C 140 16.20 36.43 25.61
C ILE C 140 16.45 37.92 25.79
N ASP C 141 17.65 38.27 26.25
CA ASP C 141 17.99 39.67 26.46
C ASP C 141 18.11 40.39 25.12
N GLY C 142 17.72 41.67 25.12
CA GLY C 142 17.73 42.44 23.90
C GLY C 142 16.54 42.23 23.00
N ALA C 143 15.55 41.45 23.44
CA ALA C 143 14.38 41.17 22.62
C ALA C 143 13.51 42.40 22.50
N TRP C 144 12.71 42.43 21.43
CA TRP C 144 11.79 43.55 21.19
C TRP C 144 10.62 43.02 20.36
N LYS C 145 9.47 42.88 21.00
CA LYS C 145 8.27 42.48 20.29
C LYS C 145 7.61 43.72 19.67
N PRO C 146 7.76 43.92 18.36
CA PRO C 146 7.19 45.14 17.76
C PRO C 146 5.70 45.26 17.96
N ASP C 147 4.98 44.14 18.01
CA ASP C 147 3.53 44.12 18.26
C ASP C 147 2.81 45.01 17.23
N GLN C 148 2.88 44.56 15.98
CA GLN C 148 2.28 45.27 14.86
C GLN C 148 0.80 45.52 15.03
N TYR C 149 0.16 44.93 16.05
CA TYR C 149 -1.28 45.08 16.24
C TYR C 149 -1.66 46.22 17.16
N ALA C 150 -0.74 46.70 18.00
CA ALA C 150 -1.01 47.81 18.89
C ALA C 150 0.15 48.80 18.91
N ASN C 151 0.81 48.96 17.76
CA ASN C 151 1.98 49.83 17.66
C ASN C 151 1.63 51.05 16.83
N PRO C 152 1.65 52.26 17.39
CA PRO C 152 1.27 53.45 16.61
C PRO C 152 2.14 53.65 15.38
N GLU C 153 3.33 53.05 15.37
CA GLU C 153 4.23 53.23 14.24
C GLU C 153 3.58 52.79 12.93
N GLY C 154 2.73 51.77 12.96
CA GLY C 154 2.06 51.32 11.76
C GLY C 154 1.27 52.43 11.09
N PRO C 155 0.25 52.94 11.78
CA PRO C 155 -0.53 54.05 11.24
C PRO C 155 0.30 55.29 10.99
N ALA C 156 1.31 55.54 11.83
CA ALA C 156 2.14 56.72 11.61
C ALA C 156 2.88 56.64 10.28
N SER C 157 3.43 55.47 9.96
CA SER C 157 4.12 55.31 8.68
C SER C 157 3.14 55.34 7.53
N HIS C 158 2.00 54.66 7.66
CA HIS C 158 1.01 54.72 6.59
C HIS C 158 0.42 56.11 6.41
N TYR C 159 0.62 57.00 7.39
CA TYR C 159 0.22 58.40 7.32
C TYR C 159 1.30 59.28 6.71
N VAL C 160 2.56 59.00 7.04
CA VAL C 160 3.67 59.83 6.55
C VAL C 160 4.06 59.46 5.12
N THR C 161 3.97 58.19 4.74
CA THR C 161 4.50 57.74 3.45
C THR C 161 3.50 56.93 2.64
N THR C 162 2.21 57.02 2.96
CA THR C 162 1.19 56.38 2.13
C THR C 162 0.08 57.37 1.80
N GLY C 163 -0.10 58.37 2.67
CA GLY C 163 -1.07 59.42 2.45
C GLY C 163 -0.57 60.45 1.46
N PRO C 164 0.59 61.03 1.74
CA PRO C 164 1.13 62.06 0.84
C PRO C 164 1.28 61.57 -0.60
N GLU C 165 1.59 60.28 -0.79
CA GLU C 165 1.73 59.77 -2.16
C GLU C 165 0.38 59.74 -2.87
N ILE C 166 -0.68 59.30 -2.20
CA ILE C 166 -2.00 59.27 -2.84
C ILE C 166 -2.42 60.67 -3.26
N TRP C 167 -2.18 61.66 -2.41
CA TRP C 167 -2.60 63.03 -2.68
C TRP C 167 -1.64 63.77 -3.60
N ALA C 168 -0.44 63.23 -3.81
CA ALA C 168 0.57 63.88 -4.64
C ALA C 168 0.57 63.34 -6.06
N ASP C 169 0.36 62.04 -6.24
CA ASP C 169 0.31 61.45 -7.57
C ASP C 169 -1.01 61.71 -8.28
N THR C 170 -1.98 62.31 -7.60
CA THR C 170 -3.26 62.62 -8.20
C THR C 170 -3.59 64.11 -8.21
N GLU C 171 -2.74 64.95 -7.64
CA GLU C 171 -2.98 66.39 -7.54
C GLU C 171 -4.27 66.67 -6.76
N GLY C 172 -4.34 66.06 -5.58
CA GLY C 172 -5.44 66.33 -4.65
C GLY C 172 -6.82 66.00 -5.17
N LYS C 173 -6.91 65.44 -6.37
CA LYS C 173 -8.20 65.10 -6.97
C LYS C 173 -8.55 63.63 -6.71
N VAL C 174 -8.72 63.32 -5.42
CA VAL C 174 -9.10 61.98 -4.98
C VAL C 174 -10.37 62.10 -4.16
N THR C 175 -11.45 61.46 -4.62
CA THR C 175 -12.72 61.55 -3.92
C THR C 175 -12.83 60.50 -2.82
N HIS C 176 -12.47 59.25 -3.12
CA HIS C 176 -12.59 58.15 -2.18
C HIS C 176 -11.25 57.45 -2.03
N PHE C 177 -11.13 56.70 -0.93
CA PHE C 177 -9.93 55.89 -0.67
C PHE C 177 -10.38 54.64 0.07
N VAL C 178 -10.56 53.56 -0.68
CA VAL C 178 -10.98 52.28 -0.13
C VAL C 178 -9.75 51.39 0.01
N ALA C 179 -9.61 50.76 1.19
CA ALA C 179 -8.46 49.91 1.45
C ALA C 179 -8.85 48.88 2.49
N GLY C 180 -8.69 47.60 2.17
CA GLY C 180 -8.96 46.54 3.10
C GLY C 180 -8.36 46.82 4.46
N ILE C 181 -9.10 46.58 5.54
CA ILE C 181 -8.66 46.91 6.88
C ILE C 181 -8.47 45.63 7.69
N GLY C 182 -7.22 45.17 7.79
CA GLY C 182 -6.93 43.99 8.63
C GLY C 182 -6.53 44.39 10.05
N THR C 183 -5.40 45.08 10.21
CA THR C 183 -4.89 45.47 11.56
C THR C 183 -5.32 46.90 11.91
N GLY C 184 -5.98 47.59 11.00
CA GLY C 184 -6.30 49.01 11.25
C GLY C 184 -5.08 49.84 10.90
N GLY C 185 -4.40 49.47 9.82
CA GLY C 185 -3.18 50.15 9.44
C GLY C 185 -3.38 51.19 8.36
N THR C 186 -3.09 50.83 7.12
CA THR C 186 -3.19 51.76 6.00
C THR C 186 -4.43 52.65 6.08
N ILE C 187 -5.59 52.06 6.41
CA ILE C 187 -6.81 52.84 6.40
C ILE C 187 -6.74 53.97 7.42
N THR C 188 -6.29 53.65 8.64
CA THR C 188 -6.26 54.66 9.69
C THR C 188 -5.43 55.86 9.28
N GLY C 189 -4.14 55.65 9.01
CA GLY C 189 -3.25 56.77 8.70
C GLY C 189 -3.62 57.46 7.40
N ALA C 190 -3.96 56.68 6.37
CA ALA C 190 -4.33 57.28 5.09
C ALA C 190 -5.57 58.15 5.23
N GLY C 191 -6.58 57.69 5.98
CA GLY C 191 -7.75 58.52 6.21
C GLY C 191 -7.41 59.76 7.02
N ARG C 192 -6.63 59.61 8.08
CA ARG C 192 -6.20 60.77 8.85
C ARG C 192 -5.60 61.83 7.93
N TYR C 193 -4.70 61.41 7.03
CA TYR C 193 -4.06 62.37 6.16
C TYR C 193 -5.04 62.95 5.15
N LEU C 194 -5.64 62.09 4.33
CA LEU C 194 -6.53 62.56 3.28
C LEU C 194 -7.76 63.29 3.82
N LYS C 195 -7.97 63.29 5.13
CA LYS C 195 -8.98 64.14 5.75
C LYS C 195 -8.40 65.43 6.30
N GLU C 196 -7.19 65.40 6.84
CA GLU C 196 -6.56 66.62 7.33
C GLU C 196 -6.34 67.62 6.20
N VAL C 197 -5.79 67.15 5.08
CA VAL C 197 -5.34 68.04 4.02
C VAL C 197 -6.23 67.92 2.80
N SER C 198 -7.50 67.57 3.01
CA SER C 198 -8.49 67.60 1.94
C SER C 198 -9.84 68.11 2.42
N GLY C 199 -9.93 68.68 3.61
CA GLY C 199 -11.19 69.14 4.15
C GLY C 199 -12.00 68.01 4.74
N GLY C 200 -13.07 67.62 4.06
CA GLY C 200 -13.86 66.46 4.45
C GLY C 200 -14.36 65.70 3.25
N ARG C 201 -13.83 66.02 2.07
CA ARG C 201 -14.33 65.43 0.84
C ARG C 201 -13.96 63.94 0.72
N VAL C 202 -12.74 63.59 1.13
CA VAL C 202 -12.24 62.24 0.97
C VAL C 202 -12.91 61.35 2.02
N ARG C 203 -13.95 60.64 1.64
CA ARG C 203 -14.60 59.70 2.54
C ARG C 203 -13.83 58.39 2.54
N ILE C 204 -13.34 58.00 3.71
CA ILE C 204 -12.46 56.84 3.85
C ILE C 204 -13.37 55.60 3.95
N VAL C 205 -13.50 54.87 2.85
CA VAL C 205 -14.24 53.62 2.85
C VAL C 205 -13.29 52.51 3.31
N GLY C 206 -13.87 51.41 3.77
CA GLY C 206 -13.07 50.30 4.25
C GLY C 206 -13.70 48.95 3.98
N ALA C 207 -12.97 48.06 3.33
CA ALA C 207 -13.44 46.72 3.04
C ALA C 207 -13.12 45.78 4.19
N ASP C 208 -13.79 44.63 4.20
CA ASP C 208 -13.62 43.67 5.28
C ASP C 208 -14.32 42.36 4.94
N PRO C 209 -13.73 41.22 5.27
CA PRO C 209 -14.39 39.94 4.96
C PRO C 209 -15.65 39.77 5.77
N GLU C 210 -16.70 39.27 5.12
CA GLU C 210 -18.00 39.14 5.76
C GLU C 210 -17.89 38.28 7.00
N GLY C 211 -18.26 38.83 8.14
CA GLY C 211 -18.20 38.14 9.41
C GLY C 211 -17.03 38.50 10.29
N SER C 212 -16.51 39.71 10.19
CA SER C 212 -15.42 40.17 11.04
C SER C 212 -15.93 41.23 12.01
N VAL C 213 -15.12 41.49 13.05
CA VAL C 213 -15.55 42.42 14.10
C VAL C 213 -15.89 43.78 13.49
N TYR C 214 -15.04 44.27 12.58
CA TYR C 214 -15.26 45.58 12.00
C TYR C 214 -16.60 45.66 11.28
N SER C 215 -16.89 44.66 10.45
CA SER C 215 -18.14 44.67 9.67
C SER C 215 -19.36 44.71 10.57
N GLY C 216 -19.26 44.16 11.78
CA GLY C 216 -20.39 44.13 12.69
C GLY C 216 -20.95 42.74 12.89
N GLY C 217 -20.09 41.73 12.84
CA GLY C 217 -20.50 40.36 13.04
C GLY C 217 -19.77 39.68 14.18
N ALA C 218 -19.64 38.37 14.13
CA ALA C 218 -18.97 37.57 15.14
C ALA C 218 -17.76 36.88 14.52
N GLY C 219 -17.13 36.01 15.30
CA GLY C 219 -15.95 35.31 14.83
C GLY C 219 -16.23 34.48 13.58
N ARG C 220 -15.15 33.95 13.01
CA ARG C 220 -15.25 33.13 11.82
C ARG C 220 -13.88 32.56 11.46
N PRO C 221 -13.83 31.47 10.68
CA PRO C 221 -12.55 31.01 10.13
C PRO C 221 -12.24 31.71 8.83
N TYR C 222 -11.10 32.39 8.75
CA TYR C 222 -10.77 33.21 7.59
C TYR C 222 -9.92 32.44 6.60
N LEU C 223 -10.13 32.75 5.32
CA LEU C 223 -9.35 32.18 4.23
C LEU C 223 -8.51 33.21 3.50
N VAL C 224 -9.00 34.44 3.35
CA VAL C 224 -8.25 35.51 2.69
C VAL C 224 -7.20 36.01 3.68
N GLU C 225 -5.98 35.54 3.53
CA GLU C 225 -4.93 35.81 4.52
C GLU C 225 -4.66 37.31 4.61
N GLY C 226 -4.69 37.83 5.83
CA GLY C 226 -4.30 39.20 6.07
C GLY C 226 -5.35 40.09 6.71
N VAL C 227 -6.60 39.95 6.29
CA VAL C 227 -7.66 40.83 6.72
C VAL C 227 -8.55 40.12 7.73
N GLY C 228 -9.45 40.87 8.34
CA GLY C 228 -10.37 40.34 9.33
C GLY C 228 -9.72 40.13 10.68
N GLU C 229 -10.55 40.13 11.72
CA GLU C 229 -10.08 39.93 13.08
C GLU C 229 -11.23 39.45 13.94
N ASP C 230 -10.88 38.88 15.10
CA ASP C 230 -11.84 38.46 16.11
C ASP C 230 -11.79 39.34 17.34
N PHE C 231 -11.20 40.53 17.24
CA PHE C 231 -11.05 41.44 18.36
C PHE C 231 -10.74 42.82 17.80
N TRP C 232 -10.40 43.75 18.68
CA TRP C 232 -10.13 45.13 18.27
C TRP C 232 -8.65 45.46 18.46
N PRO C 233 -7.90 45.69 17.39
CA PRO C 233 -6.49 46.05 17.55
C PRO C 233 -6.37 47.45 18.14
N ALA C 234 -5.45 47.59 19.09
CA ALA C 234 -5.26 48.87 19.77
C ALA C 234 -4.74 49.96 18.85
N ALA C 235 -4.46 49.64 17.59
CA ALA C 235 -3.94 50.61 16.62
C ALA C 235 -4.94 50.86 15.50
N TYR C 236 -6.22 50.91 15.84
CA TYR C 236 -7.29 51.12 14.86
C TYR C 236 -8.27 52.16 15.41
N ASP C 237 -8.36 53.30 14.74
CA ASP C 237 -9.31 54.34 15.11
C ASP C 237 -10.62 54.11 14.35
N PRO C 238 -11.63 53.51 14.99
CA PRO C 238 -12.88 53.22 14.28
C PRO C 238 -13.65 54.46 13.84
N SER C 239 -13.16 55.66 14.15
CA SER C 239 -13.81 56.89 13.73
C SER C 239 -13.24 57.45 12.43
N VAL C 240 -12.15 56.89 11.93
CA VAL C 240 -11.53 57.35 10.68
C VAL C 240 -12.38 56.87 9.51
N PRO C 241 -12.61 55.55 9.36
CA PRO C 241 -13.48 55.08 8.29
C PRO C 241 -14.88 55.67 8.42
N ASP C 242 -15.59 55.69 7.29
CA ASP C 242 -16.92 56.30 7.26
C ASP C 242 -17.98 55.34 6.76
N GLU C 243 -17.61 54.45 5.84
CA GLU C 243 -18.54 53.48 5.25
C GLU C 243 -17.79 52.16 5.11
N ILE C 244 -17.92 51.30 6.13
CA ILE C 244 -17.19 50.04 6.19
C ILE C 244 -17.98 48.99 5.41
N ILE C 245 -17.58 48.74 4.16
CA ILE C 245 -18.21 47.69 3.38
C ILE C 245 -17.71 46.33 3.84
N ALA C 246 -18.54 45.31 3.61
CA ALA C 246 -18.18 43.94 3.92
C ALA C 246 -18.33 43.09 2.67
N VAL C 247 -17.34 42.23 2.41
CA VAL C 247 -17.30 41.42 1.20
C VAL C 247 -17.06 39.97 1.59
N SER C 248 -17.69 39.06 0.85
CA SER C 248 -17.55 37.63 1.13
C SER C 248 -16.17 37.15 0.71
N ASP C 249 -15.96 35.83 0.82
CA ASP C 249 -14.70 35.22 0.39
C ASP C 249 -14.75 34.73 -1.05
N SER C 250 -15.86 34.13 -1.46
CA SER C 250 -16.00 33.71 -2.85
C SER C 250 -15.84 34.89 -3.79
N ASP C 251 -16.51 36.00 -3.48
CA ASP C 251 -16.40 37.19 -4.32
C ASP C 251 -14.98 37.75 -4.27
N SER C 252 -14.34 37.72 -3.11
CA SER C 252 -12.96 38.21 -3.01
C SER C 252 -12.03 37.42 -3.92
N PHE C 253 -12.08 36.10 -3.84
CA PHE C 253 -11.20 35.29 -4.68
C PHE C 253 -11.54 35.44 -6.16
N ASP C 254 -12.83 35.51 -6.49
CA ASP C 254 -13.21 35.71 -7.88
C ASP C 254 -12.67 37.04 -8.40
N MET C 255 -12.74 38.09 -7.60
CA MET C 255 -12.22 39.38 -8.03
C MET C 255 -10.70 39.33 -8.17
N THR C 256 -10.01 38.64 -7.26
CA THR C 256 -8.57 38.48 -7.41
C THR C 256 -8.23 37.85 -8.75
N ARG C 257 -8.87 36.73 -9.06
CA ARG C 257 -8.58 36.01 -10.29
C ARG C 257 -8.94 36.85 -11.52
N ARG C 258 -10.11 37.50 -11.50
CA ARG C 258 -10.53 38.31 -12.63
C ARG C 258 -9.64 39.54 -12.80
N LEU C 259 -9.14 40.10 -11.71
CA LEU C 259 -8.21 41.22 -11.79
C LEU C 259 -6.90 40.79 -12.41
N ALA C 260 -6.37 39.64 -12.00
CA ALA C 260 -5.15 39.14 -12.61
C ALA C 260 -5.36 38.71 -14.05
N ARG C 261 -6.60 38.42 -14.45
CA ARG C 261 -6.88 38.00 -15.82
C ARG C 261 -7.19 39.15 -16.76
N GLU C 262 -7.70 40.28 -16.24
CA GLU C 262 -8.12 41.39 -17.06
C GLU C 262 -7.33 42.67 -16.85
N GLU C 263 -6.43 42.71 -15.86
CA GLU C 263 -5.63 43.90 -15.60
C GLU C 263 -4.14 43.61 -15.50
N ALA C 264 -3.73 42.36 -15.57
CA ALA C 264 -2.32 41.98 -15.50
C ALA C 264 -1.71 42.36 -14.15
N MET C 265 -2.31 41.84 -13.09
CA MET C 265 -1.81 42.03 -11.73
C MET C 265 -2.01 40.74 -10.95
N LEU C 266 -0.92 40.13 -10.50
CA LEU C 266 -1.02 38.95 -9.64
C LEU C 266 -1.12 39.39 -8.19
N VAL C 267 -2.31 39.90 -7.84
CA VAL C 267 -2.60 40.32 -6.49
C VAL C 267 -3.21 39.15 -5.73
N GLY C 268 -3.20 39.25 -4.40
CA GLY C 268 -3.65 38.16 -3.56
C GLY C 268 -5.15 38.15 -3.31
N GLY C 269 -5.56 37.90 -2.06
CA GLY C 269 -6.97 37.85 -1.74
C GLY C 269 -7.50 39.18 -1.25
N SER C 270 -6.79 39.79 -0.31
CA SER C 270 -7.22 41.09 0.20
C SER C 270 -7.26 42.12 -0.92
N CYS C 271 -6.41 41.97 -1.93
CA CYS C 271 -6.46 42.87 -3.08
C CYS C 271 -7.79 42.75 -3.80
N GLY C 272 -8.23 41.51 -4.04
CA GLY C 272 -9.53 41.31 -4.67
C GLY C 272 -10.66 41.84 -3.82
N MET C 273 -10.57 41.65 -2.51
CA MET C 273 -11.61 42.14 -1.61
C MET C 273 -11.69 43.67 -1.65
N ALA C 274 -10.54 44.34 -1.61
CA ALA C 274 -10.52 45.79 -1.69
C ALA C 274 -11.05 46.28 -3.03
N VAL C 275 -10.71 45.59 -4.11
CA VAL C 275 -11.21 45.98 -5.43
C VAL C 275 -12.72 45.80 -5.49
N VAL C 276 -13.25 44.73 -4.91
CA VAL C 276 -14.69 44.54 -4.87
C VAL C 276 -15.36 45.66 -4.09
N ALA C 277 -14.78 46.02 -2.94
CA ALA C 277 -15.34 47.12 -2.15
C ALA C 277 -15.33 48.41 -2.95
N ALA C 278 -14.25 48.69 -3.67
CA ALA C 278 -14.17 49.89 -4.49
C ALA C 278 -15.23 49.88 -5.59
N LEU C 279 -15.31 48.78 -6.34
CA LEU C 279 -16.31 48.67 -7.40
C LEU C 279 -17.72 48.90 -6.85
N LYS C 280 -18.01 48.32 -5.69
CA LYS C 280 -19.32 48.55 -5.06
C LYS C 280 -19.45 49.98 -4.52
N VAL C 281 -18.35 50.70 -4.36
CA VAL C 281 -18.41 52.12 -4.06
C VAL C 281 -18.41 52.96 -5.34
N ALA C 282 -17.94 52.41 -6.45
CA ALA C 282 -17.92 53.13 -7.72
C ALA C 282 -19.29 53.16 -8.40
N GLU C 283 -20.35 52.76 -7.70
CA GLU C 283 -21.71 52.83 -8.23
C GLU C 283 -22.56 53.88 -7.55
N GLU C 284 -22.35 54.12 -6.26
CA GLU C 284 -23.07 55.15 -5.53
C GLU C 284 -22.53 56.55 -5.79
N ALA C 285 -21.42 56.66 -6.52
CA ALA C 285 -20.83 57.95 -6.88
C ALA C 285 -20.56 57.95 -8.37
N GLY C 286 -21.35 58.73 -9.12
CA GLY C 286 -21.25 58.77 -10.56
C GLY C 286 -19.94 59.36 -11.04
N PRO C 287 -19.84 59.62 -12.34
CA PRO C 287 -18.60 60.16 -12.90
C PRO C 287 -18.17 61.46 -12.23
N ASP C 288 -16.96 61.93 -12.56
CA ASP C 288 -16.30 63.07 -11.92
C ASP C 288 -15.64 62.65 -10.61
N ALA C 289 -15.64 61.36 -10.28
CA ALA C 289 -15.02 60.85 -9.06
C ALA C 289 -13.81 60.01 -9.40
N LEU C 290 -12.91 59.89 -8.44
CA LEU C 290 -11.68 59.12 -8.57
C LEU C 290 -11.46 58.32 -7.30
N ILE C 291 -11.53 57.00 -7.42
CA ILE C 291 -11.46 56.09 -6.27
C ILE C 291 -10.08 55.44 -6.25
N VAL C 292 -9.36 55.60 -5.15
CA VAL C 292 -7.99 55.11 -5.07
C VAL C 292 -7.93 53.88 -4.17
N VAL C 293 -8.00 52.70 -4.78
CA VAL C 293 -7.87 51.43 -4.08
C VAL C 293 -6.42 51.22 -3.71
N LEU C 294 -6.14 50.28 -2.81
CA LEU C 294 -4.77 50.01 -2.36
C LEU C 294 -4.53 48.50 -2.39
N LEU C 295 -3.80 48.02 -3.40
CA LEU C 295 -3.54 46.59 -3.50
C LEU C 295 -2.31 46.26 -2.65
N PRO C 296 -2.49 45.63 -1.50
CA PRO C 296 -1.40 45.53 -0.51
C PRO C 296 -0.53 44.29 -0.61
N ASP C 297 -0.67 43.44 -1.64
CA ASP C 297 0.10 42.22 -1.67
C ASP C 297 0.28 41.75 -3.10
N GLY C 298 1.21 40.82 -3.29
CA GLY C 298 1.48 40.22 -4.59
C GLY C 298 1.11 38.74 -4.58
N GLY C 299 0.46 38.30 -5.65
CA GLY C 299 -0.08 36.96 -5.69
C GLY C 299 0.81 35.91 -6.32
N ARG C 300 2.03 35.73 -5.78
CA ARG C 300 2.87 34.62 -6.19
C ARG C 300 3.05 33.57 -5.11
N GLY C 301 2.84 33.91 -3.84
CA GLY C 301 2.73 32.90 -2.82
C GLY C 301 1.38 32.22 -2.82
N TYR C 302 0.35 32.91 -3.30
CA TYR C 302 -0.99 32.36 -3.43
C TYR C 302 -1.17 31.55 -4.71
N MET C 303 -0.08 31.22 -5.40
CA MET C 303 -0.21 30.53 -6.67
C MET C 303 -0.68 29.09 -6.52
N SER C 304 -0.76 28.58 -5.30
CA SER C 304 -1.32 27.26 -5.05
C SER C 304 -2.65 27.30 -4.30
N LYS C 305 -3.02 28.44 -3.72
CA LYS C 305 -4.26 28.54 -2.96
C LYS C 305 -5.43 29.09 -3.77
N ILE C 306 -5.30 30.32 -4.27
CA ILE C 306 -6.42 30.96 -4.96
C ILE C 306 -6.35 30.73 -6.47
N PHE C 307 -5.16 30.70 -7.05
CA PHE C 307 -5.01 30.41 -8.47
C PHE C 307 -4.98 28.91 -8.76
N ASN C 308 -4.96 28.08 -7.73
CA ASN C 308 -5.10 26.64 -7.94
C ASN C 308 -6.57 26.30 -8.21
N ASP C 309 -6.77 25.17 -8.90
CA ASP C 309 -8.11 24.76 -9.30
C ASP C 309 -8.67 23.66 -8.39
N ALA C 310 -7.89 23.18 -7.42
CA ALA C 310 -8.37 22.22 -6.44
C ALA C 310 -8.68 22.86 -5.11
N TRP C 311 -7.78 23.72 -4.60
CA TRP C 311 -8.05 24.42 -3.36
C TRP C 311 -9.30 25.29 -3.47
N MET C 312 -9.59 25.78 -4.67
CA MET C 312 -10.81 26.57 -4.85
C MET C 312 -12.05 25.68 -4.85
N SER C 313 -11.96 24.52 -5.47
CA SER C 313 -13.10 23.61 -5.52
C SER C 313 -13.16 22.65 -4.36
N SER C 314 -12.16 22.65 -3.50
CA SER C 314 -12.32 21.97 -2.22
C SER C 314 -13.41 22.61 -1.41
N TYR C 315 -13.52 23.93 -1.59
CA TYR C 315 -14.59 24.71 -1.05
C TYR C 315 -15.65 24.86 -2.14
N GLY C 316 -16.69 25.68 -1.88
CA GLY C 316 -17.69 25.94 -2.92
C GLY C 316 -17.33 27.12 -3.80
N PHE C 317 -16.03 27.36 -3.94
CA PHE C 317 -15.49 28.40 -4.80
C PHE C 317 -15.32 27.83 -6.21
N LEU C 318 -14.53 28.49 -7.05
CA LEU C 318 -14.30 28.04 -8.42
C LEU C 318 -15.56 28.12 -9.27
N ARG C 319 -16.03 29.35 -9.51
CA ARG C 319 -17.10 29.56 -10.48
C ARG C 319 -16.77 28.93 -11.82
N SER C 320 -15.57 29.17 -12.33
CA SER C 320 -15.15 28.62 -13.61
C SER C 320 -13.65 28.37 -13.60
N ARG C 321 -13.22 27.46 -14.47
CA ARG C 321 -11.82 27.10 -14.56
C ARG C 321 -11.03 28.19 -15.27
N LEU C 322 -9.73 28.26 -14.94
CA LEU C 322 -8.90 29.31 -15.50
C LEU C 322 -8.77 29.20 -17.01
N ASP C 323 -8.60 27.99 -17.52
CA ASP C 323 -8.13 27.80 -18.90
C ASP C 323 -9.25 27.68 -19.91
N GLY C 324 -10.44 27.19 -19.53
CA GLY C 324 -11.45 26.93 -20.53
C GLY C 324 -12.80 26.48 -20.03
N SER C 325 -13.33 25.41 -20.64
CA SER C 325 -14.69 24.96 -20.41
C SER C 325 -14.98 24.76 -18.92
N THR C 326 -16.27 24.72 -18.57
CA THR C 326 -16.65 24.71 -17.16
C THR C 326 -16.08 23.50 -16.43
N GLU C 327 -16.57 22.31 -16.75
CA GLU C 327 -16.02 21.08 -16.18
C GLU C 327 -15.52 20.09 -17.21
N GLN C 328 -16.36 19.76 -18.20
CA GLN C 328 -16.04 18.75 -19.21
C GLN C 328 -15.54 17.45 -18.57
N SER C 329 -15.84 17.24 -17.29
CA SER C 329 -15.43 16.04 -16.56
C SER C 329 -16.68 15.28 -16.14
N THR C 330 -16.84 14.08 -16.65
CA THR C 330 -18.05 13.29 -16.46
C THR C 330 -17.88 12.28 -15.34
N VAL C 331 -19.02 11.77 -14.86
CA VAL C 331 -18.99 10.78 -13.79
C VAL C 331 -18.20 9.55 -14.23
N GLY C 332 -18.33 9.17 -15.49
CA GLY C 332 -17.55 8.07 -16.03
C GLY C 332 -16.06 8.23 -15.77
N ASP C 333 -15.63 9.48 -15.57
CA ASP C 333 -14.26 9.75 -15.17
C ASP C 333 -14.09 9.77 -13.65
N VAL C 334 -15.15 10.10 -12.91
CA VAL C 334 -15.06 10.13 -11.46
C VAL C 334 -14.82 8.74 -10.90
N LEU C 335 -15.07 7.69 -11.68
CA LEU C 335 -15.02 6.31 -11.21
C LEU C 335 -13.75 5.57 -11.62
N ARG C 336 -12.67 6.29 -11.89
CA ARG C 336 -11.42 5.65 -12.30
C ARG C 336 -10.43 5.51 -11.15
N ARG C 337 -9.94 6.63 -10.63
CA ARG C 337 -9.00 6.62 -9.51
C ARG C 337 -7.67 6.00 -9.93
N LYS C 338 -7.65 5.42 -11.13
CA LYS C 338 -6.42 4.88 -11.72
C LYS C 338 -6.40 5.08 -13.23
N SER C 339 -7.39 5.76 -13.80
CA SER C 339 -7.63 5.95 -15.22
C SER C 339 -8.22 4.70 -15.88
N GLY C 340 -8.28 3.57 -15.19
CA GLY C 340 -8.93 2.39 -15.73
C GLY C 340 -9.53 1.50 -14.65
N ALA C 341 -9.56 2.00 -13.42
CA ALA C 341 -9.85 1.15 -12.27
C ALA C 341 -11.34 0.97 -12.01
N LEU C 342 -12.09 0.55 -13.03
CA LEU C 342 -13.44 0.08 -12.73
C LEU C 342 -13.74 -1.24 -13.43
N PRO C 343 -12.80 -2.20 -13.46
CA PRO C 343 -13.18 -3.56 -13.84
C PRO C 343 -13.50 -4.38 -12.61
N ALA C 344 -14.25 -3.80 -11.67
CA ALA C 344 -14.45 -4.41 -10.36
C ALA C 344 -15.86 -4.21 -9.84
N LEU C 345 -16.87 -4.18 -10.72
CA LEU C 345 -18.23 -3.97 -10.23
C LEU C 345 -18.47 -4.93 -9.06
N VAL C 346 -18.62 -4.37 -7.87
CA VAL C 346 -18.63 -5.17 -6.64
C VAL C 346 -20.08 -5.50 -6.34
N HIS C 347 -20.42 -6.79 -6.41
CA HIS C 347 -21.79 -7.26 -6.30
C HIS C 347 -21.89 -8.35 -5.24
N THR C 348 -23.12 -8.60 -4.81
CA THR C 348 -23.40 -9.63 -3.81
C THR C 348 -24.73 -10.28 -4.19
N HIS C 349 -24.67 -11.53 -4.63
CA HIS C 349 -25.86 -12.19 -5.14
C HIS C 349 -26.85 -12.43 -4.01
N PRO C 350 -28.14 -12.54 -4.33
CA PRO C 350 -29.17 -12.59 -3.27
C PRO C 350 -29.16 -13.87 -2.45
N SER C 351 -28.23 -14.78 -2.68
CA SER C 351 -28.15 -16.01 -1.89
C SER C 351 -26.98 -16.03 -0.91
N GLU C 352 -25.92 -15.26 -1.17
CA GLU C 352 -24.77 -15.26 -0.29
C GLU C 352 -25.17 -14.88 1.14
N THR C 353 -24.31 -15.22 2.08
CA THR C 353 -24.55 -14.94 3.48
C THR C 353 -24.32 -13.46 3.78
N VAL C 354 -24.97 -12.97 4.82
CA VAL C 354 -24.81 -11.57 5.23
C VAL C 354 -23.34 -11.28 5.53
N ARG C 355 -22.68 -12.18 6.25
CA ARG C 355 -21.28 -11.99 6.57
C ARG C 355 -20.42 -11.94 5.32
N ASP C 356 -20.78 -12.73 4.31
CA ASP C 356 -20.05 -12.67 3.05
C ASP C 356 -20.16 -11.30 2.41
N ALA C 357 -21.36 -10.71 2.42
CA ALA C 357 -21.56 -9.39 1.85
C ALA C 357 -20.77 -8.33 2.64
N ILE C 358 -20.78 -8.44 3.97
CA ILE C 358 -20.01 -7.50 4.78
C ILE C 358 -18.52 -7.61 4.47
N GLY C 359 -18.03 -8.84 4.31
CA GLY C 359 -16.62 -9.02 3.98
C GLY C 359 -16.26 -8.47 2.63
N ILE C 360 -17.13 -8.69 1.63
CA ILE C 360 -16.87 -8.16 0.30
C ILE C 360 -17.03 -6.65 0.24
N LEU C 361 -17.70 -6.06 1.21
CA LEU C 361 -17.70 -4.61 1.36
C LEU C 361 -16.41 -4.11 2.01
N ARG C 362 -15.93 -4.82 3.04
CA ARG C 362 -14.73 -4.38 3.74
C ARG C 362 -13.45 -4.62 2.94
N GLU C 363 -13.45 -5.60 2.05
CA GLU C 363 -12.24 -5.96 1.33
C GLU C 363 -12.04 -5.17 0.04
N TYR C 364 -13.05 -4.45 -0.42
CA TYR C 364 -12.93 -3.64 -1.63
C TYR C 364 -13.00 -2.14 -1.34
N GLY C 365 -12.96 -1.75 -0.06
CA GLY C 365 -12.92 -0.33 0.28
C GLY C 365 -14.12 0.46 -0.17
N VAL C 366 -15.27 -0.19 -0.33
CA VAL C 366 -16.49 0.48 -0.73
C VAL C 366 -17.46 0.45 0.44
N SER C 367 -18.55 1.20 0.31
CA SER C 367 -19.57 1.26 1.36
C SER C 367 -20.97 0.99 0.83
N GLN C 368 -21.12 0.63 -0.44
CA GLN C 368 -22.42 0.27 -0.98
C GLN C 368 -22.21 -0.64 -2.18
N MET C 369 -23.19 -1.50 -2.44
CA MET C 369 -23.07 -2.40 -3.57
C MET C 369 -24.41 -3.03 -3.90
N PRO C 370 -24.72 -3.22 -5.17
CA PRO C 370 -26.03 -3.79 -5.55
C PRO C 370 -26.03 -5.32 -5.56
N VAL C 371 -26.99 -5.91 -4.87
CA VAL C 371 -27.18 -7.35 -4.93
C VAL C 371 -27.82 -7.68 -6.29
N VAL C 372 -27.07 -8.42 -7.11
CA VAL C 372 -27.46 -8.69 -8.49
C VAL C 372 -27.19 -10.15 -8.79
N GLY C 373 -28.18 -10.83 -9.37
CA GLY C 373 -27.97 -12.19 -9.83
C GLY C 373 -27.14 -12.22 -11.11
N ALA C 374 -26.79 -13.44 -11.54
CA ALA C 374 -25.98 -13.61 -12.74
C ALA C 374 -24.64 -12.89 -12.61
N GLU C 375 -23.83 -13.42 -11.69
CA GLU C 375 -22.60 -12.80 -11.19
C GLU C 375 -21.86 -11.98 -12.24
N PRO C 376 -21.55 -12.53 -13.40
CA PRO C 376 -20.75 -11.81 -14.39
C PRO C 376 -21.31 -10.41 -14.61
N PRO C 377 -20.56 -9.38 -14.24
CA PRO C 377 -21.10 -8.01 -14.35
C PRO C 377 -21.27 -7.56 -15.80
N VAL C 378 -22.27 -8.13 -16.47
CA VAL C 378 -22.66 -7.72 -17.81
C VAL C 378 -24.17 -7.53 -17.80
N MET C 379 -24.77 -7.65 -16.62
CA MET C 379 -26.22 -7.70 -16.49
C MET C 379 -26.85 -6.34 -16.75
N ALA C 380 -28.14 -6.38 -17.08
CA ALA C 380 -28.91 -5.17 -17.37
C ALA C 380 -29.57 -4.68 -16.07
N GLY C 381 -30.55 -3.79 -16.20
CA GLY C 381 -31.21 -3.18 -15.05
C GLY C 381 -31.88 -4.13 -14.09
N GLU C 382 -31.81 -5.43 -14.36
CA GLU C 382 -32.46 -6.44 -13.51
C GLU C 382 -31.61 -6.75 -12.27
N VAL C 383 -31.36 -5.70 -11.48
CA VAL C 383 -30.68 -5.84 -10.20
C VAL C 383 -31.71 -6.05 -9.11
N ALA C 384 -31.55 -7.13 -8.35
CA ALA C 384 -32.53 -7.47 -7.32
C ALA C 384 -32.61 -6.41 -6.24
N GLY C 385 -31.49 -5.78 -5.89
CA GLY C 385 -31.53 -4.72 -4.90
C GLY C 385 -30.15 -4.15 -4.66
N SER C 386 -29.99 -3.48 -3.52
CA SER C 386 -28.70 -2.96 -3.10
C SER C 386 -28.58 -3.14 -1.60
N VAL C 387 -27.44 -3.66 -1.14
CA VAL C 387 -27.19 -3.87 0.27
C VAL C 387 -26.16 -2.84 0.72
N SER C 388 -26.51 -2.05 1.73
CA SER C 388 -25.62 -1.02 2.23
C SER C 388 -24.57 -1.65 3.15
N GLU C 389 -23.79 -0.81 3.82
CA GLU C 389 -22.81 -1.25 4.81
C GLU C 389 -23.20 -0.88 6.22
N ARG C 390 -23.82 0.28 6.40
CA ARG C 390 -24.26 0.70 7.73
C ARG C 390 -25.48 -0.09 8.19
N GLU C 391 -26.33 -0.51 7.25
CA GLU C 391 -27.49 -1.32 7.61
C GLU C 391 -27.06 -2.67 8.19
N LEU C 392 -26.27 -3.43 7.41
CA LEU C 392 -25.82 -4.74 7.86
C LEU C 392 -25.15 -4.65 9.23
N LEU C 393 -24.25 -3.68 9.39
CA LEU C 393 -23.65 -3.46 10.70
C LEU C 393 -24.62 -2.89 11.71
N SER C 394 -25.85 -2.59 11.30
CA SER C 394 -26.92 -2.22 12.21
C SER C 394 -28.02 -3.27 12.32
N ALA C 395 -28.26 -4.02 11.25
CA ALA C 395 -29.16 -5.17 11.31
C ALA C 395 -28.48 -6.40 11.89
N VAL C 396 -27.18 -6.32 12.17
CA VAL C 396 -26.44 -7.43 12.74
C VAL C 396 -26.10 -7.22 14.21
N PHE C 397 -26.04 -5.98 14.68
CA PHE C 397 -25.76 -5.69 16.08
C PHE C 397 -27.02 -5.47 16.91
N GLU C 398 -28.09 -4.97 16.29
CA GLU C 398 -29.35 -4.82 17.01
C GLU C 398 -30.02 -6.15 17.29
N GLY C 399 -29.70 -7.18 16.51
CA GLY C 399 -30.36 -8.47 16.61
C GLY C 399 -31.38 -8.73 15.54
N ARG C 400 -31.70 -7.73 14.70
CA ARG C 400 -32.67 -7.91 13.64
C ARG C 400 -32.23 -8.90 12.57
N ALA C 401 -30.94 -9.23 12.52
CA ALA C 401 -30.43 -10.17 11.53
C ALA C 401 -29.24 -10.92 12.12
N LYS C 402 -28.91 -12.05 11.51
CA LYS C 402 -27.84 -12.91 11.96
C LYS C 402 -26.73 -12.98 10.91
N LEU C 403 -25.50 -13.15 11.38
CA LEU C 403 -24.36 -13.14 10.47
C LEU C 403 -24.48 -14.19 9.38
N ALA C 404 -25.16 -15.30 9.65
CA ALA C 404 -25.25 -16.42 8.72
C ALA C 404 -26.54 -16.43 7.92
N ASP C 405 -27.29 -15.32 7.92
CA ASP C 405 -28.55 -15.25 7.22
C ASP C 405 -28.36 -14.78 5.78
N ALA C 406 -29.28 -15.19 4.92
CA ALA C 406 -29.20 -14.83 3.51
C ALA C 406 -29.32 -13.32 3.32
N VAL C 407 -28.54 -12.79 2.38
CA VAL C 407 -28.55 -11.35 2.14
C VAL C 407 -29.87 -10.87 1.55
N SER C 408 -30.68 -11.78 1.01
CA SER C 408 -31.93 -11.41 0.37
C SER C 408 -33.04 -11.10 1.36
N ALA C 409 -32.72 -11.00 2.66
CA ALA C 409 -33.71 -10.69 3.67
C ALA C 409 -33.37 -9.43 4.47
N HIS C 410 -32.27 -8.75 4.14
CA HIS C 410 -31.90 -7.51 4.82
C HIS C 410 -31.35 -6.49 3.83
N MET C 411 -31.83 -6.51 2.59
CA MET C 411 -31.34 -5.64 1.53
C MET C 411 -32.37 -4.54 1.25
N SER C 412 -31.91 -3.30 1.20
CA SER C 412 -32.77 -2.19 0.87
C SER C 412 -33.07 -2.20 -0.64
N PRO C 413 -34.14 -1.53 -1.05
CA PRO C 413 -34.49 -1.49 -2.47
C PRO C 413 -33.34 -0.91 -3.29
N PRO C 414 -33.34 -1.11 -4.61
CA PRO C 414 -32.24 -0.63 -5.43
C PRO C 414 -32.06 0.88 -5.28
N LEU C 415 -30.87 1.34 -5.67
CA LEU C 415 -30.54 2.76 -5.63
C LEU C 415 -30.60 3.34 -7.03
N ARG C 416 -31.04 4.60 -7.12
CA ARG C 416 -31.24 5.21 -8.42
C ARG C 416 -29.95 5.25 -9.22
N MET C 417 -30.11 5.42 -10.54
CA MET C 417 -29.01 5.29 -11.47
C MET C 417 -28.93 6.51 -12.37
N ILE C 418 -27.73 6.77 -12.89
CA ILE C 418 -27.49 7.86 -13.81
C ILE C 418 -26.53 7.39 -14.91
N GLY C 419 -26.53 8.10 -16.02
CA GLY C 419 -25.64 7.77 -17.12
C GLY C 419 -24.18 7.91 -16.76
N ALA C 420 -23.33 7.38 -17.64
CA ALA C 420 -21.89 7.41 -17.42
C ALA C 420 -21.24 8.68 -17.93
N GLY C 421 -21.70 9.18 -19.08
CA GLY C 421 -21.10 10.37 -19.66
C GLY C 421 -21.80 11.66 -19.28
N GLU C 422 -22.02 11.88 -17.99
CA GLU C 422 -22.66 13.08 -17.49
C GLU C 422 -21.67 13.91 -16.69
N LEU C 423 -21.78 15.23 -16.82
CA LEU C 423 -20.85 16.13 -16.15
C LEU C 423 -21.03 16.11 -14.64
N VAL C 424 -19.93 16.37 -13.92
CA VAL C 424 -19.94 16.29 -12.46
C VAL C 424 -20.94 17.25 -11.85
N SER C 425 -21.27 18.34 -12.54
CA SER C 425 -22.30 19.25 -12.04
C SER C 425 -23.61 18.51 -11.81
N ALA C 426 -24.04 17.73 -12.80
CA ALA C 426 -25.24 16.93 -12.65
C ALA C 426 -25.15 16.05 -11.41
N ALA C 427 -24.15 15.17 -11.37
CA ALA C 427 -24.03 14.23 -10.26
C ALA C 427 -24.04 14.93 -8.92
N GLY C 428 -23.37 16.08 -8.83
CA GLY C 428 -23.36 16.82 -7.58
C GLY C 428 -24.74 17.32 -7.19
N LYS C 429 -25.57 17.65 -8.18
CA LYS C 429 -26.95 17.99 -7.89
C LYS C 429 -27.78 16.75 -7.54
N ALA C 430 -27.56 15.66 -8.27
CA ALA C 430 -28.39 14.47 -8.13
C ALA C 430 -28.20 13.82 -6.75
N LEU C 431 -26.96 13.78 -6.26
CA LEU C 431 -26.69 13.28 -4.92
C LEU C 431 -27.28 14.17 -3.83
N ARG C 432 -27.99 15.23 -4.20
CA ARG C 432 -28.60 16.11 -3.21
C ARG C 432 -29.82 15.49 -2.56
N ASP C 433 -30.33 14.38 -3.08
CA ASP C 433 -31.46 13.68 -2.48
C ASP C 433 -31.12 12.29 -1.98
N TRP C 434 -30.20 11.58 -2.63
CA TRP C 434 -29.77 10.26 -2.21
C TRP C 434 -28.34 10.30 -1.71
N ASP C 435 -27.86 9.17 -1.21
CA ASP C 435 -26.50 9.05 -0.69
C ASP C 435 -25.56 8.31 -1.63
N ALA C 436 -26.04 7.88 -2.79
CA ALA C 436 -25.22 7.18 -3.76
C ALA C 436 -26.11 6.83 -4.95
N LEU C 437 -25.47 6.46 -6.06
CA LEU C 437 -26.26 6.09 -7.23
C LEU C 437 -25.37 5.38 -8.24
N MET C 438 -25.96 4.45 -8.98
CA MET C 438 -25.21 3.66 -9.94
C MET C 438 -24.90 4.48 -11.19
N VAL C 439 -23.94 3.99 -11.96
CA VAL C 439 -23.56 4.57 -13.23
C VAL C 439 -23.85 3.53 -14.30
N VAL C 440 -24.87 3.78 -15.11
CA VAL C 440 -25.28 2.86 -16.16
C VAL C 440 -24.57 3.22 -17.45
N GLU C 441 -23.87 2.25 -18.03
CA GLU C 441 -23.23 2.40 -19.34
C GLU C 441 -23.98 1.50 -20.31
N GLU C 442 -24.73 2.10 -21.22
CA GLU C 442 -25.59 1.40 -22.17
C GLU C 442 -26.77 0.72 -21.50
N GLY C 443 -26.89 0.82 -20.16
CA GLY C 443 -27.92 0.13 -19.40
C GLY C 443 -27.35 -0.83 -18.38
N LYS C 444 -26.13 -1.33 -18.60
CA LYS C 444 -25.51 -2.28 -17.70
C LYS C 444 -24.71 -1.50 -16.66
N PRO C 445 -25.10 -1.53 -15.38
CA PRO C 445 -24.38 -0.75 -14.37
C PRO C 445 -22.92 -1.18 -14.27
N VAL C 446 -22.05 -0.20 -14.00
CA VAL C 446 -20.61 -0.42 -13.94
C VAL C 446 -19.97 0.12 -12.67
N GLY C 447 -20.75 0.68 -11.75
CA GLY C 447 -20.19 1.19 -10.51
C GLY C 447 -21.19 2.08 -9.79
N VAL C 448 -20.84 2.43 -8.56
CA VAL C 448 -21.66 3.28 -7.72
C VAL C 448 -20.85 4.52 -7.34
N ILE C 449 -21.40 5.70 -7.59
CA ILE C 449 -20.77 6.96 -7.23
C ILE C 449 -21.46 7.48 -5.97
N THR C 450 -20.66 7.87 -4.98
CA THR C 450 -21.14 8.29 -3.68
C THR C 450 -20.60 9.68 -3.35
N ARG C 451 -21.28 10.38 -2.45
CA ARG C 451 -20.88 11.74 -2.10
C ARG C 451 -19.41 11.78 -1.70
N TYR C 452 -19.03 10.92 -0.76
CA TYR C 452 -17.66 10.92 -0.27
C TYR C 452 -16.65 10.73 -1.39
N ASP C 453 -17.05 10.12 -2.50
CA ASP C 453 -16.19 9.99 -3.66
C ASP C 453 -16.28 11.21 -4.58
N LEU C 454 -17.45 11.82 -4.68
CA LEU C 454 -17.59 13.02 -5.50
C LEU C 454 -16.72 14.15 -4.96
N LEU C 455 -16.84 14.44 -3.67
CA LEU C 455 -16.00 15.47 -3.06
C LEU C 455 -14.53 15.12 -3.16
N GLY C 456 -14.19 13.83 -3.12
CA GLY C 456 -12.80 13.43 -3.28
C GLY C 456 -12.27 13.72 -4.67
N PHE C 457 -13.09 13.48 -5.69
CA PHE C 457 -12.65 13.80 -7.06
C PHE C 457 -12.57 15.30 -7.27
N LEU C 458 -13.51 16.05 -6.70
CA LEU C 458 -13.48 17.51 -6.87
C LEU C 458 -12.25 18.12 -6.22
N SER C 459 -12.00 17.77 -4.96
CA SER C 459 -10.93 18.37 -4.18
C SER C 459 -9.54 17.86 -4.56
N GLU C 460 -9.43 17.07 -5.62
CA GLU C 460 -8.12 16.61 -6.09
C GLU C 460 -7.95 16.66 -7.59
N GLY C 461 -8.95 17.12 -8.34
CA GLY C 461 -8.87 17.18 -9.79
C GLY C 461 -10.00 17.96 -10.41
N ILE D 4 -3.32 -60.04 0.48
CA ILE D 4 -2.84 -58.88 -0.27
C ILE D 4 -3.89 -58.45 -1.28
N ALA D 5 -4.63 -57.39 -0.95
CA ALA D 5 -5.66 -56.86 -1.85
C ALA D 5 -5.06 -56.52 -3.21
N GLN D 6 -5.91 -56.45 -4.24
CA GLN D 6 -5.47 -56.14 -5.58
C GLN D 6 -5.53 -54.65 -5.90
N HIS D 7 -6.14 -53.84 -5.04
CA HIS D 7 -6.22 -52.40 -5.25
C HIS D 7 -6.84 -51.77 -4.02
N ILE D 8 -6.45 -50.52 -3.76
CA ILE D 8 -6.94 -49.80 -2.59
C ILE D 8 -8.45 -49.64 -2.60
N SER D 9 -9.11 -49.98 -3.71
CA SER D 9 -10.55 -49.85 -3.83
C SER D 9 -11.31 -51.07 -3.32
N GLU D 10 -10.60 -52.11 -2.88
CA GLU D 10 -11.26 -53.28 -2.29
C GLU D 10 -11.44 -53.16 -0.78
N LEU D 11 -10.78 -52.19 -0.14
CA LEU D 11 -10.90 -51.98 1.29
C LEU D 11 -12.08 -51.08 1.64
N ILE D 12 -13.01 -50.88 0.71
CA ILE D 12 -14.16 -49.99 0.90
C ILE D 12 -15.25 -50.82 1.58
N GLY D 13 -15.42 -50.60 2.88
CA GLY D 13 -16.45 -51.31 3.62
C GLY D 13 -15.99 -51.87 4.94
N GLY D 14 -16.88 -52.55 5.65
CA GLY D 14 -16.53 -53.14 6.94
C GLY D 14 -15.98 -52.14 7.93
N THR D 15 -16.43 -50.90 7.86
CA THR D 15 -15.92 -49.87 8.77
C THR D 15 -16.34 -50.20 10.20
N PRO D 16 -15.49 -49.90 11.19
CA PRO D 16 -15.79 -50.29 12.56
C PRO D 16 -17.00 -49.60 13.14
N LEU D 17 -17.34 -49.93 14.38
CA LEU D 17 -18.50 -49.36 15.07
C LEU D 17 -18.09 -49.05 16.50
N VAL D 18 -17.66 -47.81 16.73
CA VAL D 18 -17.18 -47.39 18.04
C VAL D 18 -18.35 -46.89 18.88
N ARG D 19 -18.13 -46.79 20.19
CA ARG D 19 -19.15 -46.35 21.14
C ARG D 19 -18.79 -44.99 21.70
N LEU D 20 -19.79 -44.13 21.82
CA LEU D 20 -19.60 -42.80 22.41
C LEU D 20 -19.65 -42.92 23.93
N ASN D 21 -18.61 -42.43 24.60
CA ASN D 21 -18.47 -42.59 26.05
C ASN D 21 -18.90 -41.34 26.81
N SER D 22 -18.30 -40.19 26.52
CA SER D 22 -18.43 -39.00 27.35
C SER D 22 -19.37 -37.94 26.79
N VAL D 23 -19.96 -38.17 25.62
CA VAL D 23 -20.89 -37.18 25.04
C VAL D 23 -22.32 -37.49 25.43
N VAL D 24 -22.73 -38.74 25.34
CA VAL D 24 -24.11 -39.10 25.68
C VAL D 24 -24.37 -38.79 27.14
N PRO D 25 -25.48 -38.16 27.50
CA PRO D 25 -25.76 -37.89 28.92
C PRO D 25 -26.05 -39.18 29.67
N ASP D 26 -25.71 -39.18 30.96
CA ASP D 26 -25.99 -40.33 31.80
C ASP D 26 -27.50 -40.47 32.00
N GLY D 27 -27.95 -41.71 32.12
CA GLY D 27 -29.36 -42.01 32.24
C GLY D 27 -30.06 -42.33 30.94
N ALA D 28 -29.35 -42.92 29.97
CA ALA D 28 -29.91 -43.24 28.68
C ALA D 28 -29.19 -44.46 28.11
N GLY D 29 -29.77 -45.04 27.07
CA GLY D 29 -29.20 -46.22 26.46
C GLY D 29 -27.83 -45.98 25.87
N THR D 30 -27.29 -46.98 25.17
CA THR D 30 -25.99 -46.86 24.55
C THR D 30 -26.12 -46.24 23.17
N VAL D 31 -25.19 -45.35 22.83
CA VAL D 31 -25.15 -44.71 21.53
C VAL D 31 -23.83 -45.09 20.88
N ALA D 32 -23.88 -45.99 19.90
CA ALA D 32 -22.72 -46.39 19.13
C ALA D 32 -22.66 -45.58 17.85
N ALA D 33 -21.46 -45.20 17.46
CA ALA D 33 -21.25 -44.31 16.31
C ALA D 33 -20.48 -45.06 15.25
N LYS D 34 -21.18 -45.51 14.21
CA LYS D 34 -20.53 -46.16 13.07
C LYS D 34 -19.60 -45.16 12.41
N VAL D 35 -18.30 -45.34 12.61
CA VAL D 35 -17.29 -44.43 12.09
C VAL D 35 -16.97 -44.81 10.65
N GLU D 36 -17.31 -43.93 9.71
CA GLU D 36 -17.16 -44.24 8.29
C GLU D 36 -16.10 -43.39 7.61
N TYR D 37 -15.26 -42.70 8.37
CA TYR D 37 -14.17 -41.94 7.79
C TYR D 37 -12.89 -42.75 7.67
N LEU D 38 -12.91 -44.02 8.03
CA LEU D 38 -11.76 -44.90 7.93
C LEU D 38 -11.72 -45.65 6.60
N ASN D 39 -12.58 -45.31 5.66
CA ASN D 39 -12.58 -45.93 4.35
C ASN D 39 -11.32 -45.52 3.60
N PRO D 40 -10.92 -46.27 2.56
CA PRO D 40 -9.72 -45.88 1.81
C PRO D 40 -9.86 -44.52 1.15
N GLY D 41 -11.08 -44.11 0.81
CA GLY D 41 -11.30 -42.81 0.22
C GLY D 41 -11.60 -41.71 1.20
N GLY D 42 -11.54 -41.98 2.50
CA GLY D 42 -11.75 -40.95 3.49
C GLY D 42 -13.22 -40.69 3.83
N SER D 43 -14.09 -40.81 2.83
CA SER D 43 -15.48 -40.44 2.96
C SER D 43 -16.35 -41.68 3.15
N SER D 44 -17.64 -41.44 3.37
CA SER D 44 -18.65 -42.50 3.40
C SER D 44 -19.37 -42.65 2.07
N ASP D 46 -17.62 -43.13 -0.90
CA ASP D 46 -16.93 -44.08 -1.76
C ASP D 46 -17.54 -45.47 -1.67
N ARG D 47 -18.43 -45.69 -0.71
CA ARG D 47 -19.17 -46.95 -0.66
C ARG D 47 -20.20 -47.02 -1.78
N ILE D 48 -20.81 -45.89 -2.12
CA ILE D 48 -21.76 -45.85 -3.25
C ILE D 48 -21.06 -45.62 -4.58
N ALA D 49 -19.87 -45.01 -4.58
CA ALA D 49 -19.16 -44.81 -5.84
C ALA D 49 -18.81 -46.15 -6.48
N VAL D 50 -18.33 -47.11 -5.68
CA VAL D 50 -17.99 -48.42 -6.21
C VAL D 50 -19.23 -49.11 -6.76
N LYS D 51 -20.33 -49.02 -6.02
CA LYS D 51 -21.56 -49.67 -6.46
C LYS D 51 -22.06 -49.08 -7.77
N MET D 52 -22.03 -47.75 -7.89
CA MET D 52 -22.45 -47.11 -9.13
C MET D 52 -21.54 -47.49 -10.29
N ILE D 53 -20.22 -47.51 -10.06
CA ILE D 53 -19.30 -47.91 -11.12
C ILE D 53 -19.60 -49.32 -11.58
N GLU D 54 -19.83 -50.24 -10.63
CA GLU D 54 -20.09 -51.63 -10.99
C GLU D 54 -21.42 -51.77 -11.72
N ALA D 55 -22.46 -51.07 -11.26
CA ALA D 55 -23.76 -51.17 -11.91
C ALA D 55 -23.79 -50.47 -13.25
N ALA D 56 -22.87 -49.55 -13.50
CA ALA D 56 -22.76 -48.95 -14.83
C ALA D 56 -21.88 -49.76 -15.78
N GLU D 57 -20.90 -50.49 -15.25
CA GLU D 57 -20.13 -51.40 -16.09
C GLU D 57 -20.94 -52.62 -16.48
N ALA D 58 -21.65 -53.23 -15.52
CA ALA D 58 -22.37 -54.46 -15.80
C ALA D 58 -23.56 -54.22 -16.71
N SER D 59 -24.33 -53.15 -16.45
CA SER D 59 -25.53 -52.88 -17.22
C SER D 59 -25.24 -52.27 -18.59
N GLY D 60 -23.98 -52.27 -19.02
CA GLY D 60 -23.65 -51.79 -20.35
C GLY D 60 -23.92 -50.32 -20.61
N GLN D 61 -23.47 -49.46 -19.69
CA GLN D 61 -23.55 -48.02 -19.89
C GLN D 61 -22.20 -47.32 -19.82
N LEU D 62 -21.18 -47.93 -19.23
CA LEU D 62 -19.84 -47.37 -19.16
C LEU D 62 -18.88 -48.35 -19.84
N LYS D 63 -18.75 -48.21 -21.15
CA LYS D 63 -17.87 -49.08 -21.92
C LYS D 63 -16.42 -48.82 -21.52
N PRO D 64 -15.61 -49.85 -21.28
CA PRO D 64 -14.21 -49.64 -20.91
C PRO D 64 -13.53 -48.64 -21.83
N GLY D 65 -13.08 -47.52 -21.28
CA GLY D 65 -12.55 -46.42 -22.04
C GLY D 65 -13.38 -45.15 -21.97
N GLY D 66 -14.53 -45.19 -21.31
CA GLY D 66 -15.38 -44.03 -21.17
C GLY D 66 -14.75 -42.98 -20.25
N THR D 67 -15.50 -41.90 -20.05
CA THR D 67 -15.04 -40.78 -19.23
C THR D 67 -16.19 -40.35 -18.33
N ILE D 68 -16.08 -40.68 -17.04
CA ILE D 68 -17.13 -40.32 -16.09
C ILE D 68 -17.23 -38.80 -15.99
N VAL D 69 -18.46 -38.32 -15.74
CA VAL D 69 -18.70 -36.89 -15.59
C VAL D 69 -19.76 -36.68 -14.52
N GLU D 70 -19.41 -35.93 -13.47
CA GLU D 70 -20.35 -35.75 -12.38
C GLU D 70 -20.19 -34.37 -11.76
N PRO D 71 -21.26 -33.57 -11.69
CA PRO D 71 -21.19 -32.25 -11.04
C PRO D 71 -21.22 -32.38 -9.51
N THR D 72 -20.11 -32.85 -8.95
CA THR D 72 -20.01 -33.11 -7.53
C THR D 72 -19.37 -31.92 -6.83
N SER D 73 -19.33 -32.00 -5.50
CA SER D 73 -18.81 -30.91 -4.67
C SER D 73 -17.37 -31.14 -4.22
N GLY D 74 -16.99 -32.38 -3.99
CA GLY D 74 -15.64 -32.65 -3.51
C GLY D 74 -15.55 -33.76 -2.49
N ASN D 75 -16.69 -34.36 -2.12
CA ASN D 75 -16.70 -35.48 -1.19
C ASN D 75 -17.08 -36.80 -1.85
N THR D 76 -17.94 -36.77 -2.86
CA THR D 76 -18.15 -37.96 -3.69
C THR D 76 -17.10 -38.07 -4.78
N GLY D 77 -16.53 -36.93 -5.18
CA GLY D 77 -15.53 -36.94 -6.23
C GLY D 77 -14.31 -37.76 -5.87
N VAL D 78 -13.91 -37.73 -4.60
CA VAL D 78 -12.73 -38.49 -4.18
C VAL D 78 -12.96 -39.99 -4.40
N GLY D 79 -14.09 -40.50 -3.91
CA GLY D 79 -14.39 -41.91 -4.09
C GLY D 79 -14.57 -42.29 -5.55
N LEU D 80 -15.27 -41.44 -6.31
CA LEU D 80 -15.44 -41.72 -7.73
C LEU D 80 -14.10 -41.80 -8.44
N ALA D 81 -13.22 -40.83 -8.17
CA ALA D 81 -11.91 -40.83 -8.82
C ALA D 81 -11.10 -42.05 -8.44
N LEU D 82 -11.10 -42.42 -7.16
CA LEU D 82 -10.35 -43.59 -6.73
C LEU D 82 -10.83 -44.85 -7.43
N VAL D 83 -12.14 -45.10 -7.37
CA VAL D 83 -12.67 -46.34 -7.93
C VAL D 83 -12.51 -46.36 -9.45
N ALA D 84 -12.71 -45.21 -10.10
CA ALA D 84 -12.57 -45.15 -11.55
C ALA D 84 -11.12 -45.40 -11.98
N GLN D 85 -10.18 -44.67 -11.39
CA GLN D 85 -8.79 -44.84 -11.79
C GLN D 85 -8.22 -46.19 -11.38
N ARG D 86 -8.93 -46.96 -10.55
CA ARG D 86 -8.57 -48.36 -10.41
C ARG D 86 -8.35 -48.99 -11.78
N ARG D 87 -9.39 -48.99 -12.63
CA ARG D 87 -9.35 -49.67 -13.91
C ARG D 87 -9.06 -48.74 -15.08
N GLY D 88 -8.92 -47.44 -14.84
CA GLY D 88 -8.50 -46.53 -15.89
C GLY D 88 -9.59 -45.86 -16.67
N TYR D 89 -10.54 -45.22 -15.98
CA TYR D 89 -11.57 -44.41 -16.63
C TYR D 89 -11.26 -42.94 -16.38
N LYS D 90 -11.05 -42.20 -17.47
CA LYS D 90 -10.80 -40.77 -17.34
C LYS D 90 -11.99 -40.10 -16.66
N CYS D 91 -11.70 -39.28 -15.65
CA CYS D 91 -12.71 -38.65 -14.83
C CYS D 91 -12.71 -37.14 -15.03
N VAL D 92 -13.87 -36.58 -15.35
CA VAL D 92 -14.02 -35.15 -15.57
C VAL D 92 -15.14 -34.67 -14.65
N PHE D 93 -14.82 -33.74 -13.75
CA PHE D 93 -15.76 -33.25 -12.76
C PHE D 93 -16.23 -31.84 -13.14
N VAL D 94 -17.13 -31.31 -12.32
CA VAL D 94 -17.62 -29.94 -12.46
C VAL D 94 -17.91 -29.42 -11.06
N CYS D 95 -17.33 -28.27 -10.71
CA CYS D 95 -17.42 -27.80 -9.34
C CYS D 95 -17.79 -26.32 -9.25
N PRO D 96 -18.57 -25.94 -8.26
CA PRO D 96 -18.81 -24.52 -7.99
C PRO D 96 -17.64 -23.90 -7.23
N ASP D 97 -17.57 -22.57 -7.30
CA ASP D 97 -16.46 -21.86 -6.67
C ASP D 97 -16.46 -21.98 -5.15
N LYS D 98 -17.55 -22.46 -4.55
CA LYS D 98 -17.62 -22.54 -3.10
C LYS D 98 -16.57 -23.48 -2.52
N VAL D 99 -16.03 -24.39 -3.31
CA VAL D 99 -15.07 -25.37 -2.81
C VAL D 99 -13.68 -24.76 -2.80
N SER D 100 -12.93 -25.02 -1.73
CA SER D 100 -11.62 -24.42 -1.54
C SER D 100 -10.65 -24.92 -2.61
N GLU D 101 -9.42 -24.40 -2.57
CA GLU D 101 -8.38 -24.89 -3.47
C GLU D 101 -7.85 -26.26 -3.03
N ASP D 102 -7.87 -26.54 -1.73
CA ASP D 102 -7.32 -27.80 -1.24
C ASP D 102 -8.18 -28.98 -1.70
N LYS D 103 -9.50 -28.84 -1.65
CA LYS D 103 -10.37 -29.92 -2.09
C LYS D 103 -10.18 -30.20 -3.57
N ARG D 104 -10.05 -29.16 -4.39
CA ARG D 104 -9.82 -29.37 -5.81
C ARG D 104 -8.45 -29.99 -6.07
N ASN D 105 -7.44 -29.59 -5.29
CA ASN D 105 -6.13 -30.22 -5.41
C ASN D 105 -6.21 -31.69 -5.06
N VAL D 106 -7.01 -32.05 -4.06
CA VAL D 106 -7.22 -33.45 -3.73
C VAL D 106 -7.88 -34.18 -4.89
N LEU D 107 -8.95 -33.60 -5.43
CA LEU D 107 -9.63 -34.23 -6.56
C LEU D 107 -8.70 -34.44 -7.75
N ILE D 108 -7.76 -33.53 -7.95
CA ILE D 108 -6.83 -33.67 -9.08
C ILE D 108 -5.74 -34.68 -8.78
N ALA D 109 -5.28 -34.72 -7.53
CA ALA D 109 -4.20 -35.63 -7.17
C ALA D 109 -4.55 -37.09 -7.44
N TYR D 110 -5.84 -37.41 -7.52
CA TYR D 110 -6.30 -38.76 -7.80
C TYR D 110 -6.44 -39.03 -9.30
N GLY D 111 -6.05 -38.09 -10.15
CA GLY D 111 -6.07 -38.32 -11.57
C GLY D 111 -7.32 -37.88 -12.28
N ALA D 112 -8.04 -36.90 -11.76
CA ALA D 112 -9.23 -36.37 -12.39
C ALA D 112 -8.92 -35.03 -13.05
N GLU D 113 -9.92 -34.47 -13.71
CA GLU D 113 -9.83 -33.14 -14.30
C GLU D 113 -11.03 -32.34 -13.82
N VAL D 114 -10.77 -31.31 -13.01
CA VAL D 114 -11.83 -30.56 -12.34
C VAL D 114 -11.98 -29.22 -13.04
N VAL D 115 -13.11 -29.01 -13.70
CA VAL D 115 -13.48 -27.73 -14.28
C VAL D 115 -14.41 -27.03 -13.31
N VAL D 116 -14.38 -25.71 -13.31
CA VAL D 116 -15.08 -24.92 -12.31
C VAL D 116 -16.03 -23.94 -12.99
N CYS D 117 -17.13 -23.66 -12.31
CA CYS D 117 -18.11 -22.66 -12.72
C CYS D 117 -18.48 -21.82 -11.52
N PRO D 118 -18.89 -20.57 -11.72
CA PRO D 118 -19.19 -19.68 -10.59
C PRO D 118 -20.29 -20.25 -9.70
N THR D 119 -20.21 -19.91 -8.42
CA THR D 119 -21.11 -20.43 -7.40
C THR D 119 -22.24 -19.45 -7.13
N ALA D 120 -23.39 -19.99 -6.71
CA ALA D 120 -24.61 -19.26 -6.39
C ALA D 120 -25.33 -18.76 -7.63
N VAL D 121 -24.77 -18.96 -8.82
CA VAL D 121 -25.40 -18.56 -10.07
C VAL D 121 -26.69 -19.36 -10.23
N PRO D 122 -27.71 -18.85 -10.91
CA PRO D 122 -28.96 -19.60 -11.07
C PRO D 122 -28.68 -20.99 -11.63
N PRO D 123 -29.04 -22.03 -10.88
CA PRO D 123 -28.78 -23.39 -11.36
C PRO D 123 -29.43 -23.70 -12.70
N HIS D 124 -30.62 -23.16 -12.94
CA HIS D 124 -31.38 -23.52 -14.15
C HIS D 124 -30.75 -22.98 -15.43
N ASP D 125 -29.96 -21.93 -15.35
CA ASP D 125 -29.40 -21.30 -16.54
C ASP D 125 -28.24 -22.13 -17.06
N PRO D 126 -27.65 -21.72 -18.20
CA PRO D 126 -26.46 -22.42 -18.70
C PRO D 126 -25.19 -21.94 -18.01
N ALA D 127 -25.34 -21.21 -16.91
CA ALA D 127 -24.21 -20.62 -16.20
C ALA D 127 -23.69 -21.52 -15.09
N SER D 128 -24.57 -22.01 -14.22
CA SER D 128 -24.14 -22.83 -13.11
C SER D 128 -23.53 -24.14 -13.62
N TYR D 129 -23.04 -24.96 -12.68
CA TYR D 129 -22.33 -26.17 -13.06
C TYR D 129 -23.25 -27.27 -13.58
N TYR D 130 -24.55 -27.22 -13.29
CA TYR D 130 -25.45 -28.25 -13.77
C TYR D 130 -25.56 -28.22 -15.30
N SER D 131 -25.78 -27.02 -15.86
CA SER D 131 -25.90 -26.90 -17.31
C SER D 131 -24.60 -27.27 -18.00
N VAL D 132 -23.46 -26.84 -17.46
CA VAL D 132 -22.18 -27.16 -18.07
C VAL D 132 -21.94 -28.65 -18.00
N SER D 133 -22.31 -29.28 -16.89
CA SER D 133 -22.17 -30.74 -16.77
C SER D 133 -23.02 -31.45 -17.81
N ASP D 134 -24.26 -31.00 -18.00
CA ASP D 134 -25.12 -31.64 -18.99
C ASP D 134 -24.56 -31.46 -20.39
N ARG D 135 -24.06 -30.27 -20.71
CA ARG D 135 -23.47 -30.03 -22.02
C ARG D 135 -22.26 -30.94 -22.26
N LEU D 136 -21.37 -31.02 -21.26
CA LEU D 136 -20.20 -31.87 -21.38
C LEU D 136 -20.59 -33.33 -21.56
N VAL D 137 -21.64 -33.77 -20.86
CA VAL D 137 -22.12 -35.14 -21.03
C VAL D 137 -22.62 -35.36 -22.45
N ARG D 138 -23.40 -34.40 -22.97
CA ARG D 138 -23.94 -34.56 -24.32
C ARG D 138 -22.82 -34.64 -25.35
N ASP D 139 -21.84 -33.74 -25.25
CA ASP D 139 -20.84 -33.62 -26.32
C ASP D 139 -19.91 -34.83 -26.35
N ILE D 140 -19.17 -35.07 -25.26
CA ILE D 140 -18.19 -36.14 -25.27
C ILE D 140 -18.87 -37.47 -25.56
N ASP D 141 -18.07 -38.42 -26.06
CA ASP D 141 -18.55 -39.77 -26.35
C ASP D 141 -18.06 -40.72 -25.26
N GLY D 142 -18.96 -41.58 -24.78
CA GLY D 142 -18.64 -42.51 -23.73
C GLY D 142 -18.83 -41.99 -22.32
N ALA D 143 -19.19 -40.72 -22.16
CA ALA D 143 -19.37 -40.14 -20.85
C ALA D 143 -20.63 -40.66 -20.19
N TRP D 144 -20.55 -40.91 -18.87
CA TRP D 144 -21.66 -41.44 -18.10
C TRP D 144 -21.80 -40.62 -16.82
N LYS D 145 -22.75 -39.70 -16.80
CA LYS D 145 -23.04 -38.91 -15.62
C LYS D 145 -23.79 -39.74 -14.59
N PRO D 146 -23.16 -40.16 -13.49
CA PRO D 146 -23.86 -41.06 -12.56
C PRO D 146 -25.12 -40.46 -11.96
N ASP D 147 -25.16 -39.14 -11.76
CA ASP D 147 -26.33 -38.47 -11.20
C ASP D 147 -26.70 -39.09 -9.85
N GLN D 148 -25.77 -38.92 -8.90
CA GLN D 148 -25.91 -39.52 -7.59
C GLN D 148 -27.20 -39.10 -6.87
N TYR D 149 -27.93 -38.12 -7.38
CA TYR D 149 -29.15 -37.67 -6.74
C TYR D 149 -30.37 -38.47 -7.16
N ALA D 150 -30.41 -38.97 -8.39
CA ALA D 150 -31.52 -39.76 -8.89
C ALA D 150 -31.06 -41.13 -9.36
N ASN D 151 -30.13 -41.73 -8.63
CA ASN D 151 -29.60 -43.05 -8.97
C ASN D 151 -29.87 -44.00 -7.82
N PRO D 152 -30.83 -44.92 -7.95
CA PRO D 152 -31.13 -45.84 -6.84
C PRO D 152 -29.94 -46.69 -6.41
N GLU D 153 -28.84 -46.70 -7.14
CA GLU D 153 -27.69 -47.51 -6.75
C GLU D 153 -27.11 -47.05 -5.42
N GLY D 154 -27.24 -45.77 -5.09
CA GLY D 154 -26.78 -45.28 -3.82
C GLY D 154 -27.47 -45.98 -2.66
N PRO D 155 -28.79 -45.86 -2.61
CA PRO D 155 -29.54 -46.61 -1.58
C PRO D 155 -29.37 -48.10 -1.70
N ALA D 156 -29.20 -48.64 -2.90
CA ALA D 156 -28.98 -50.08 -3.04
C ALA D 156 -27.68 -50.50 -2.36
N SER D 157 -26.62 -49.71 -2.52
CA SER D 157 -25.35 -50.04 -1.87
C SER D 157 -25.45 -49.85 -0.35
N HIS D 158 -26.06 -48.76 0.09
CA HIS D 158 -26.24 -48.59 1.53
C HIS D 158 -27.22 -49.60 2.13
N TYR D 159 -27.96 -50.31 1.28
CA TYR D 159 -28.88 -51.37 1.67
C TYR D 159 -28.19 -52.73 1.70
N VAL D 160 -27.26 -52.96 0.78
CA VAL D 160 -26.60 -54.26 0.68
C VAL D 160 -25.35 -54.36 1.55
N THR D 161 -24.69 -53.23 1.83
CA THR D 161 -23.41 -53.28 2.53
C THR D 161 -23.35 -52.41 3.78
N THR D 162 -24.30 -51.50 4.01
CA THR D 162 -24.35 -50.73 5.23
C THR D 162 -25.38 -51.23 6.22
N GLY D 163 -26.57 -51.62 5.75
CA GLY D 163 -27.57 -52.18 6.60
C GLY D 163 -27.15 -53.51 7.21
N PRO D 164 -26.67 -54.42 6.37
CA PRO D 164 -26.20 -55.71 6.90
C PRO D 164 -25.10 -55.57 7.93
N GLU D 165 -24.21 -54.59 7.80
CA GLU D 165 -23.12 -54.44 8.76
C GLU D 165 -23.64 -53.93 10.09
N ILE D 166 -24.50 -52.92 10.07
CA ILE D 166 -25.04 -52.36 11.31
C ILE D 166 -25.84 -53.40 12.08
N TRP D 167 -26.37 -54.41 11.39
CA TRP D 167 -27.12 -55.49 12.02
C TRP D 167 -26.21 -56.59 12.51
N ALA D 168 -25.30 -57.07 11.66
CA ALA D 168 -24.40 -58.14 12.03
C ALA D 168 -23.41 -57.73 13.12
N ASP D 169 -23.12 -56.45 13.26
CA ASP D 169 -22.20 -55.99 14.30
C ASP D 169 -22.87 -55.80 15.64
N THR D 170 -24.17 -55.53 15.66
CA THR D 170 -24.91 -55.35 16.90
C THR D 170 -25.82 -56.52 17.23
N GLU D 171 -26.03 -57.45 16.30
CA GLU D 171 -26.86 -58.63 16.53
C GLU D 171 -28.32 -58.22 16.78
N GLY D 172 -28.85 -57.44 15.85
CA GLY D 172 -30.27 -57.13 15.81
C GLY D 172 -30.82 -56.39 17.02
N LYS D 173 -29.98 -56.12 18.00
CA LYS D 173 -30.41 -55.38 19.18
C LYS D 173 -30.10 -53.89 19.04
N VAL D 174 -30.61 -53.30 17.96
CA VAL D 174 -30.48 -51.87 17.69
C VAL D 174 -31.89 -51.30 17.54
N THR D 175 -32.26 -50.39 18.44
CA THR D 175 -33.60 -49.83 18.41
C THR D 175 -33.74 -48.73 17.37
N HIS D 176 -32.85 -47.74 17.40
CA HIS D 176 -32.94 -46.59 16.51
C HIS D 176 -31.70 -46.52 15.63
N PHE D 177 -31.80 -45.73 14.57
CA PHE D 177 -30.68 -45.52 13.65
C PHE D 177 -30.80 -44.10 13.11
N VAL D 178 -30.02 -43.18 13.68
CA VAL D 178 -30.04 -41.79 13.29
C VAL D 178 -28.87 -41.55 12.33
N ALA D 179 -29.15 -40.90 11.21
CA ALA D 179 -28.12 -40.63 10.20
C ALA D 179 -28.49 -39.38 9.44
N GLY D 180 -27.53 -38.47 9.30
CA GLY D 180 -27.75 -37.27 8.53
C GLY D 180 -28.26 -37.58 7.14
N ILE D 181 -29.21 -36.79 6.65
CA ILE D 181 -29.86 -37.04 5.37
C ILE D 181 -29.52 -35.87 4.46
N GLY D 182 -28.49 -36.04 3.64
CA GLY D 182 -28.08 -35.01 2.71
C GLY D 182 -28.61 -35.21 1.31
N THR D 183 -28.46 -36.43 0.78
CA THR D 183 -28.90 -36.76 -0.56
C THR D 183 -29.91 -37.91 -0.56
N GLY D 184 -30.59 -38.11 0.56
CA GLY D 184 -31.54 -39.21 0.67
C GLY D 184 -30.89 -40.57 0.42
N GLY D 185 -29.69 -40.77 0.93
CA GLY D 185 -28.95 -41.99 0.70
C GLY D 185 -28.98 -42.94 1.87
N THR D 186 -27.93 -42.92 2.68
CA THR D 186 -27.82 -43.82 3.83
C THR D 186 -29.15 -44.04 4.52
N ILE D 187 -29.88 -42.96 4.79
CA ILE D 187 -31.13 -43.10 5.55
C ILE D 187 -32.06 -44.08 4.87
N THR D 188 -32.27 -43.92 3.56
CA THR D 188 -33.25 -44.74 2.86
C THR D 188 -32.85 -46.20 2.85
N GLY D 189 -31.62 -46.51 2.44
CA GLY D 189 -31.20 -47.90 2.35
C GLY D 189 -31.11 -48.57 3.71
N ALA D 190 -30.47 -47.91 4.66
CA ALA D 190 -30.36 -48.49 6.00
C ALA D 190 -31.73 -48.65 6.64
N GLY D 191 -32.65 -47.72 6.40
CA GLY D 191 -34.00 -47.87 6.93
C GLY D 191 -34.74 -49.04 6.28
N ARG D 192 -34.64 -49.15 4.96
CA ARG D 192 -35.26 -50.29 4.29
C ARG D 192 -34.76 -51.60 4.87
N TYR D 193 -33.45 -51.72 5.05
CA TYR D 193 -32.91 -52.98 5.55
C TYR D 193 -33.31 -53.21 7.00
N LEU D 194 -33.03 -52.25 7.88
CA LEU D 194 -33.30 -52.42 9.29
C LEU D 194 -34.78 -52.52 9.61
N LYS D 195 -35.66 -52.16 8.67
CA LYS D 195 -37.08 -52.41 8.83
C LYS D 195 -37.50 -53.74 8.23
N GLU D 196 -36.81 -54.21 7.19
CA GLU D 196 -37.17 -55.47 6.55
C GLU D 196 -36.86 -56.66 7.46
N VAL D 197 -35.62 -56.74 7.94
CA VAL D 197 -35.15 -57.92 8.65
C VAL D 197 -35.22 -57.73 10.17
N SER D 198 -36.03 -56.78 10.64
CA SER D 198 -36.23 -56.61 12.07
C SER D 198 -37.68 -56.38 12.43
N GLY D 199 -38.62 -56.62 11.51
CA GLY D 199 -40.02 -56.34 11.76
C GLY D 199 -40.30 -54.85 11.75
N GLY D 200 -40.57 -54.29 12.92
CA GLY D 200 -40.79 -52.86 13.05
C GLY D 200 -40.18 -52.29 14.31
N ARG D 201 -39.30 -53.07 14.93
CA ARG D 201 -38.67 -52.61 16.17
C ARG D 201 -37.79 -51.40 15.94
N VAL D 202 -37.11 -51.33 14.80
CA VAL D 202 -36.15 -50.27 14.52
C VAL D 202 -36.91 -49.05 14.01
N ARG D 203 -36.76 -47.92 14.71
CA ARG D 203 -37.32 -46.66 14.26
C ARG D 203 -36.22 -45.82 13.63
N ILE D 204 -36.45 -45.38 12.39
CA ILE D 204 -35.42 -44.75 11.57
C ILE D 204 -35.55 -43.24 11.75
N VAL D 205 -34.71 -42.67 12.59
CA VAL D 205 -34.66 -41.23 12.77
C VAL D 205 -33.72 -40.65 11.73
N GLY D 206 -33.91 -39.37 11.41
CA GLY D 206 -33.08 -38.71 10.42
C GLY D 206 -32.78 -37.26 10.75
N ALA D 207 -31.51 -36.90 10.79
CA ALA D 207 -31.10 -35.54 11.09
C ALA D 207 -31.10 -34.69 9.83
N ASP D 208 -31.25 -33.37 10.03
CA ASP D 208 -31.35 -32.45 8.92
C ASP D 208 -31.07 -31.04 9.41
N PRO D 209 -30.36 -30.22 8.66
CA PRO D 209 -30.07 -28.85 9.12
C PRO D 209 -31.34 -28.03 9.23
N GLU D 210 -31.44 -27.25 10.31
CA GLU D 210 -32.64 -26.47 10.58
C GLU D 210 -32.97 -25.57 9.41
N GLY D 211 -34.12 -25.82 8.79
CA GLY D 211 -34.57 -25.03 7.68
C GLY D 211 -34.36 -25.62 6.31
N SER D 212 -34.44 -26.94 6.17
CA SER D 212 -34.29 -27.61 4.89
C SER D 212 -35.63 -28.17 4.43
N VAL D 213 -35.64 -28.70 3.20
CA VAL D 213 -36.86 -29.25 2.64
C VAL D 213 -37.33 -30.45 3.44
N TYR D 214 -36.40 -31.35 3.77
CA TYR D 214 -36.76 -32.57 4.50
C TYR D 214 -37.44 -32.23 5.82
N SER D 215 -36.84 -31.31 6.58
CA SER D 215 -37.44 -30.91 7.85
C SER D 215 -38.82 -30.31 7.66
N GLY D 216 -39.08 -29.72 6.49
CA GLY D 216 -40.37 -29.12 6.21
C GLY D 216 -40.32 -27.62 6.10
N GLY D 217 -39.15 -27.08 5.74
CA GLY D 217 -38.99 -25.65 5.61
C GLY D 217 -38.73 -25.18 4.19
N ALA D 218 -38.06 -24.05 4.05
CA ALA D 218 -37.75 -23.47 2.75
C ALA D 218 -36.24 -23.36 2.59
N GLY D 219 -35.82 -22.70 1.51
CA GLY D 219 -34.40 -22.64 1.19
C GLY D 219 -33.59 -21.82 2.19
N ARG D 220 -32.28 -21.97 2.10
CA ARG D 220 -31.33 -21.30 2.96
C ARG D 220 -29.94 -21.41 2.33
N PRO D 221 -28.99 -20.61 2.79
CA PRO D 221 -27.59 -20.90 2.50
C PRO D 221 -27.00 -21.81 3.56
N TYR D 222 -26.39 -22.92 3.16
CA TYR D 222 -25.95 -23.93 4.10
C TYR D 222 -24.46 -23.82 4.38
N LEU D 223 -24.06 -24.29 5.55
CA LEU D 223 -22.66 -24.29 5.98
C LEU D 223 -22.11 -25.69 6.23
N VAL D 224 -22.94 -26.64 6.67
CA VAL D 224 -22.51 -28.02 6.86
C VAL D 224 -22.50 -28.72 5.51
N GLU D 225 -21.34 -28.73 4.86
CA GLU D 225 -21.25 -29.23 3.50
C GLU D 225 -21.64 -30.70 3.44
N GLY D 226 -22.66 -31.00 2.61
CA GLY D 226 -23.10 -32.37 2.41
C GLY D 226 -24.55 -32.61 2.74
N VAL D 227 -25.04 -32.02 3.82
CA VAL D 227 -26.39 -32.24 4.27
C VAL D 227 -27.27 -31.07 3.83
N GLY D 228 -28.59 -31.24 3.96
CA GLY D 228 -29.53 -30.23 3.55
C GLY D 228 -29.74 -30.21 2.04
N GLU D 229 -30.89 -29.67 1.64
CA GLU D 229 -31.24 -29.60 0.24
C GLU D 229 -32.34 -28.56 0.06
N ASP D 230 -32.65 -28.25 -1.20
CA ASP D 230 -33.71 -27.30 -1.51
C ASP D 230 -34.77 -27.89 -2.44
N PHE D 231 -34.79 -29.22 -2.58
CA PHE D 231 -35.83 -29.90 -3.34
C PHE D 231 -35.81 -31.37 -2.94
N TRP D 232 -36.55 -32.19 -3.69
CA TRP D 232 -36.70 -33.59 -3.34
C TRP D 232 -35.93 -34.47 -4.32
N PRO D 233 -34.81 -35.07 -3.92
CA PRO D 233 -34.11 -36.00 -4.80
C PRO D 233 -34.98 -37.23 -5.09
N ALA D 234 -34.90 -37.71 -6.32
CA ALA D 234 -35.69 -38.88 -6.73
C ALA D 234 -35.13 -40.19 -6.19
N ALA D 235 -34.11 -40.14 -5.33
CA ALA D 235 -33.51 -41.33 -4.73
C ALA D 235 -33.65 -41.31 -3.22
N TYR D 236 -34.77 -40.80 -2.73
CA TYR D 236 -35.02 -40.68 -1.29
C TYR D 236 -36.49 -40.92 -1.04
N ASP D 237 -36.82 -42.03 -0.39
CA ASP D 237 -38.19 -42.35 -0.03
C ASP D 237 -38.57 -41.62 1.26
N PRO D 238 -39.36 -40.55 1.17
CA PRO D 238 -39.71 -39.80 2.39
C PRO D 238 -40.51 -40.61 3.39
N SER D 239 -40.94 -41.83 3.04
CA SER D 239 -41.71 -42.66 3.95
C SER D 239 -40.84 -43.52 4.86
N VAL D 240 -39.62 -43.84 4.43
CA VAL D 240 -38.73 -44.70 5.20
C VAL D 240 -38.47 -44.09 6.58
N PRO D 241 -37.92 -42.89 6.66
CA PRO D 241 -37.70 -42.27 7.97
C PRO D 241 -39.00 -42.13 8.75
N ASP D 242 -38.87 -41.91 10.05
CA ASP D 242 -40.01 -41.78 10.94
C ASP D 242 -40.11 -40.42 11.61
N GLU D 243 -38.98 -39.85 12.03
CA GLU D 243 -38.96 -38.57 12.74
C GLU D 243 -37.75 -37.79 12.24
N ILE D 244 -37.95 -36.91 11.27
CA ILE D 244 -36.87 -36.11 10.71
C ILE D 244 -36.60 -34.91 11.62
N ILE D 245 -35.69 -35.07 12.58
CA ILE D 245 -35.32 -33.96 13.44
C ILE D 245 -34.69 -32.85 12.61
N ALA D 246 -34.72 -31.64 13.15
CA ALA D 246 -34.11 -30.48 12.52
C ALA D 246 -33.14 -29.85 13.50
N VAL D 247 -31.87 -29.76 13.10
CA VAL D 247 -30.80 -29.25 13.96
C VAL D 247 -30.25 -27.97 13.38
N SER D 248 -29.74 -27.11 14.25
CA SER D 248 -29.15 -25.85 13.86
C SER D 248 -27.70 -26.02 13.45
N ASP D 249 -27.11 -24.95 12.92
CA ASP D 249 -25.72 -24.96 12.49
C ASP D 249 -24.75 -24.70 13.64
N SER D 250 -25.09 -23.79 14.54
CA SER D 250 -24.28 -23.58 15.73
C SER D 250 -24.17 -24.85 16.55
N ASP D 251 -25.31 -25.52 16.76
CA ASP D 251 -25.29 -26.79 17.48
C ASP D 251 -24.48 -27.84 16.75
N SER D 252 -24.62 -27.92 15.42
CA SER D 252 -23.87 -28.88 14.65
C SER D 252 -22.37 -28.69 14.83
N PHE D 253 -21.89 -27.45 14.65
CA PHE D 253 -20.46 -27.20 14.77
C PHE D 253 -19.97 -27.41 16.20
N ASP D 254 -20.75 -26.98 17.19
CA ASP D 254 -20.34 -27.17 18.57
C ASP D 254 -20.22 -28.65 18.91
N MET D 255 -21.19 -29.46 18.46
CA MET D 255 -21.13 -30.89 18.72
C MET D 255 -19.96 -31.53 17.99
N THR D 256 -19.68 -31.09 16.76
CA THR D 256 -18.51 -31.60 16.05
C THR D 256 -17.24 -31.34 16.84
N ARG D 257 -17.06 -30.11 17.30
CA ARG D 257 -15.86 -29.77 18.08
C ARG D 257 -15.80 -30.57 19.37
N ARG D 258 -16.91 -30.65 20.10
CA ARG D 258 -16.92 -31.36 21.37
C ARG D 258 -16.70 -32.86 21.17
N LEU D 259 -17.13 -33.40 20.02
CA LEU D 259 -16.89 -34.80 19.72
C LEU D 259 -15.42 -35.05 19.45
N ALA D 260 -14.82 -34.21 18.61
CA ALA D 260 -13.38 -34.36 18.36
C ALA D 260 -12.57 -34.10 19.62
N ARG D 261 -13.13 -33.39 20.60
CA ARG D 261 -12.42 -33.09 21.83
C ARG D 261 -12.57 -34.18 22.89
N GLU D 262 -13.74 -34.80 22.99
CA GLU D 262 -14.03 -35.72 24.09
C GLU D 262 -14.16 -37.17 23.66
N GLU D 263 -14.23 -37.46 22.37
CA GLU D 263 -14.33 -38.83 21.89
C GLU D 263 -13.18 -39.25 20.99
N ALA D 264 -12.27 -38.34 20.63
CA ALA D 264 -11.12 -38.66 19.81
C ALA D 264 -11.49 -38.96 18.36
N MET D 265 -12.52 -38.31 17.84
CA MET D 265 -12.96 -38.49 16.46
C MET D 265 -12.98 -37.14 15.77
N LEU D 266 -12.21 -37.01 14.69
CA LEU D 266 -12.18 -35.77 13.91
C LEU D 266 -13.22 -35.88 12.79
N VAL D 267 -14.47 -35.61 13.15
CA VAL D 267 -15.57 -35.67 12.22
C VAL D 267 -15.95 -34.25 11.81
N GLY D 268 -16.63 -34.13 10.68
CA GLY D 268 -16.96 -32.82 10.13
C GLY D 268 -18.19 -32.19 10.74
N GLY D 269 -19.01 -31.54 9.90
CA GLY D 269 -20.22 -30.91 10.37
C GLY D 269 -21.40 -31.85 10.40
N SER D 270 -21.59 -32.59 9.30
CA SER D 270 -22.68 -33.56 9.23
C SER D 270 -22.60 -34.55 10.38
N CYS D 271 -21.40 -34.96 10.76
CA CYS D 271 -21.25 -35.87 11.88
C CYS D 271 -21.76 -35.24 13.17
N GLY D 272 -21.43 -33.97 13.40
CA GLY D 272 -21.94 -33.31 14.59
C GLY D 272 -23.45 -33.17 14.58
N MET D 273 -24.01 -32.86 13.42
CA MET D 273 -25.47 -32.76 13.31
C MET D 273 -26.12 -34.11 13.60
N ALA D 274 -25.58 -35.19 13.06
CA ALA D 274 -26.14 -36.51 13.31
C ALA D 274 -26.03 -36.88 14.78
N VAL D 275 -24.89 -36.58 15.41
CA VAL D 275 -24.73 -36.92 16.81
C VAL D 275 -25.67 -36.11 17.68
N VAL D 276 -25.90 -34.84 17.35
CA VAL D 276 -26.83 -34.04 18.15
C VAL D 276 -28.25 -34.55 17.96
N ALA D 277 -28.62 -34.93 16.74
CA ALA D 277 -29.93 -35.53 16.52
C ALA D 277 -30.09 -36.79 17.35
N ALA D 278 -29.06 -37.63 17.39
CA ALA D 278 -29.13 -38.83 18.21
C ALA D 278 -29.29 -38.49 19.69
N LEU D 279 -28.43 -37.60 20.20
CA LEU D 279 -28.50 -37.20 21.60
C LEU D 279 -29.90 -36.71 21.95
N LYS D 280 -30.52 -35.97 21.04
CA LYS D 280 -31.90 -35.56 21.23
C LYS D 280 -32.87 -36.73 21.08
N VAL D 281 -32.43 -37.83 20.46
CA VAL D 281 -33.26 -39.02 20.38
C VAL D 281 -33.00 -39.98 21.54
N ALA D 282 -31.89 -39.82 22.26
CA ALA D 282 -31.60 -40.66 23.41
C ALA D 282 -32.30 -40.17 24.67
N GLU D 283 -33.29 -39.29 24.55
CA GLU D 283 -34.05 -38.82 25.69
C GLU D 283 -35.48 -39.36 25.73
N GLU D 284 -36.02 -39.80 24.60
CA GLU D 284 -37.34 -40.43 24.58
C GLU D 284 -37.30 -41.92 24.86
N ALA D 285 -36.11 -42.54 24.81
CA ALA D 285 -35.97 -43.97 25.04
C ALA D 285 -35.01 -44.17 26.21
N GLY D 286 -35.52 -44.72 27.30
CA GLY D 286 -34.73 -44.95 28.48
C GLY D 286 -33.69 -46.04 28.26
N PRO D 287 -33.15 -46.58 29.35
CA PRO D 287 -32.13 -47.63 29.23
C PRO D 287 -32.65 -48.80 28.40
N ASP D 288 -31.72 -49.71 28.07
CA ASP D 288 -32.02 -50.88 27.26
C ASP D 288 -32.22 -50.55 25.79
N ALA D 289 -31.68 -49.43 25.33
CA ALA D 289 -31.76 -49.02 23.93
C ALA D 289 -30.35 -48.90 23.35
N LEU D 290 -30.27 -48.97 22.03
CA LEU D 290 -29.00 -48.90 21.32
C LEU D 290 -29.21 -48.08 20.05
N ILE D 291 -28.66 -46.88 20.01
CA ILE D 291 -28.83 -45.95 18.90
C ILE D 291 -27.53 -45.89 18.11
N VAL D 292 -27.61 -46.17 16.81
CA VAL D 292 -26.40 -46.25 15.99
C VAL D 292 -26.32 -45.04 15.07
N VAL D 293 -25.62 -43.99 15.52
CA VAL D 293 -25.33 -42.86 14.65
C VAL D 293 -24.40 -43.31 13.53
N LEU D 294 -24.37 -42.52 12.46
CA LEU D 294 -23.47 -42.79 11.34
C LEU D 294 -22.64 -41.53 11.08
N LEU D 295 -21.33 -41.61 11.37
CA LEU D 295 -20.46 -40.47 11.12
C LEU D 295 -19.93 -40.57 9.69
N PRO D 296 -20.47 -39.79 8.76
CA PRO D 296 -20.23 -40.03 7.33
C PRO D 296 -19.00 -39.34 6.75
N ASP D 297 -18.09 -38.81 7.56
CA ASP D 297 -16.96 -38.08 6.98
C ASP D 297 -15.87 -37.93 8.02
N GLY D 298 -14.68 -37.56 7.53
CA GLY D 298 -13.52 -37.33 8.37
C GLY D 298 -13.18 -35.85 8.42
N GLY D 299 -12.95 -35.35 9.64
CA GLY D 299 -12.77 -33.93 9.86
C GLY D 299 -11.35 -33.43 9.75
N ARG D 300 -10.71 -33.65 8.60
CA ARG D 300 -9.41 -33.07 8.32
C ARG D 300 -9.45 -32.01 7.23
N GLY D 301 -10.44 -32.05 6.35
CA GLY D 301 -10.65 -30.96 5.42
C GLY D 301 -11.34 -29.77 6.01
N TYR D 302 -11.84 -29.88 7.25
CA TYR D 302 -12.51 -28.80 7.95
C TYR D 302 -11.61 -28.15 9.00
N MET D 303 -10.30 -28.34 8.91
CA MET D 303 -9.40 -27.72 9.87
C MET D 303 -9.34 -26.20 9.69
N SER D 304 -9.83 -25.68 8.58
CA SER D 304 -9.93 -24.25 8.37
C SER D 304 -11.33 -23.70 8.55
N LYS D 305 -12.35 -24.55 8.56
CA LYS D 305 -13.75 -24.08 8.67
C LYS D 305 -14.23 -24.10 10.11
N ILE D 306 -14.31 -25.30 10.71
CA ILE D 306 -14.91 -25.43 12.03
C ILE D 306 -13.82 -25.35 13.09
N PHE D 307 -12.86 -26.28 13.04
CA PHE D 307 -11.78 -26.27 14.02
C PHE D 307 -10.91 -25.03 13.95
N ASN D 308 -11.16 -24.14 12.99
CA ASN D 308 -10.59 -22.81 13.03
C ASN D 308 -11.30 -21.99 14.11
N ASP D 309 -10.69 -20.86 14.46
CA ASP D 309 -11.25 -20.00 15.50
C ASP D 309 -11.70 -18.65 14.96
N ALA D 310 -11.48 -18.37 13.68
CA ALA D 310 -11.98 -17.16 13.05
C ALA D 310 -13.22 -17.43 12.19
N TRP D 311 -13.19 -18.48 11.38
CA TRP D 311 -14.36 -18.80 10.57
C TRP D 311 -15.56 -19.16 11.43
N MET D 312 -15.32 -19.71 12.63
CA MET D 312 -16.39 -19.98 13.57
C MET D 312 -16.84 -18.74 14.31
N SER D 313 -16.16 -17.61 14.12
CA SER D 313 -16.62 -16.33 14.63
C SER D 313 -16.86 -15.31 13.53
N SER D 314 -16.65 -15.73 12.28
CA SER D 314 -17.02 -14.84 11.15
C SER D 314 -18.54 -14.80 11.15
N TYR D 315 -19.15 -15.78 11.84
CA TYR D 315 -20.62 -15.92 11.95
C TYR D 315 -21.05 -15.74 13.40
N GLY D 316 -22.05 -16.49 13.87
CA GLY D 316 -22.57 -16.30 15.22
C GLY D 316 -22.18 -17.46 16.10
N PHE D 317 -21.20 -18.22 15.65
CA PHE D 317 -20.75 -19.45 16.28
C PHE D 317 -19.62 -19.11 17.27
N LEU D 318 -18.85 -20.12 17.67
CA LEU D 318 -17.79 -19.93 18.66
C LEU D 318 -18.36 -19.61 20.03
N ARG D 319 -19.12 -20.54 20.60
CA ARG D 319 -19.55 -20.40 21.99
C ARG D 319 -18.36 -20.21 22.92
N SER D 320 -17.24 -20.87 22.62
CA SER D 320 -16.04 -20.76 23.44
C SER D 320 -14.82 -20.98 22.55
N ARG D 321 -13.68 -20.49 23.03
CA ARG D 321 -12.44 -20.62 22.27
C ARG D 321 -12.02 -22.08 22.22
N LEU D 322 -11.18 -22.39 21.23
CA LEU D 322 -10.92 -23.79 20.87
C LEU D 322 -10.40 -24.60 22.05
N ASP D 323 -9.55 -23.99 22.89
CA ASP D 323 -8.86 -24.75 23.92
C ASP D 323 -8.84 -24.11 25.30
N GLY D 324 -9.27 -22.86 25.47
CA GLY D 324 -9.08 -22.22 26.75
C GLY D 324 -9.98 -21.04 27.07
N SER D 325 -9.39 -19.99 27.66
CA SER D 325 -10.13 -18.85 28.20
C SER D 325 -11.09 -18.26 27.18
N THR D 326 -12.09 -17.53 27.66
CA THR D 326 -13.14 -17.00 26.79
C THR D 326 -12.57 -16.03 25.76
N GLU D 327 -12.07 -14.89 26.21
CA GLU D 327 -11.55 -13.94 25.23
C GLU D 327 -10.13 -13.47 25.52
N GLN D 328 -9.81 -13.12 26.76
CA GLN D 328 -8.50 -12.57 27.11
C GLN D 328 -8.03 -11.54 26.08
N SER D 329 -8.97 -10.77 25.53
CA SER D 329 -8.66 -9.76 24.53
C SER D 329 -9.48 -8.51 24.83
N THR D 330 -8.81 -7.37 24.92
CA THR D 330 -9.44 -6.12 25.32
C THR D 330 -9.58 -5.19 24.13
N VAL D 331 -10.50 -4.22 24.27
CA VAL D 331 -10.70 -3.24 23.21
C VAL D 331 -9.40 -2.50 22.92
N GLY D 332 -8.64 -2.18 23.95
CA GLY D 332 -7.35 -1.54 23.78
C GLY D 332 -6.43 -2.30 22.83
N ASP D 333 -6.77 -3.56 22.55
CA ASP D 333 -6.04 -4.36 21.59
C ASP D 333 -6.69 -4.37 20.22
N VAL D 334 -8.00 -4.13 20.14
CA VAL D 334 -8.67 -4.00 18.85
C VAL D 334 -8.13 -2.80 18.07
N LEU D 335 -7.54 -1.83 18.77
CA LEU D 335 -7.11 -0.57 18.17
C LEU D 335 -5.65 -0.57 17.76
N ARG D 336 -5.05 -1.74 17.54
CA ARG D 336 -3.64 -1.78 17.17
C ARG D 336 -3.45 -1.98 15.67
N ARG D 337 -3.87 -3.12 15.14
CA ARG D 337 -3.76 -3.40 13.71
C ARG D 337 -2.30 -3.39 13.25
N LYS D 338 -1.40 -3.03 14.16
CA LYS D 338 0.04 -3.09 13.93
C LYS D 338 0.80 -3.51 15.17
N SER D 339 0.11 -3.81 16.28
CA SER D 339 0.72 -4.11 17.57
C SER D 339 1.26 -2.86 18.25
N GLY D 340 1.33 -1.75 17.53
CA GLY D 340 1.75 -0.49 18.13
C GLY D 340 1.03 0.74 17.62
N ALA D 341 0.17 0.58 16.62
CA ALA D 341 -0.30 1.69 15.80
C ALA D 341 -1.51 2.40 16.42
N LEU D 342 -1.30 2.97 17.62
CA LEU D 342 -2.33 3.87 18.12
C LEU D 342 -1.75 5.14 18.76
N PRO D 343 -0.70 5.75 18.18
CA PRO D 343 -0.38 7.13 18.56
C PRO D 343 -0.98 8.12 17.58
N ALA D 344 -2.27 7.99 17.28
CA ALA D 344 -2.84 8.73 16.16
C ALA D 344 -4.24 9.25 16.43
N LEU D 345 -4.54 9.63 17.67
CA LEU D 345 -5.86 10.20 17.95
C LEU D 345 -6.17 11.29 16.94
N VAL D 346 -7.16 11.04 16.10
CA VAL D 346 -7.45 11.87 14.95
C VAL D 346 -8.57 12.82 15.33
N HIS D 347 -8.22 14.08 15.56
CA HIS D 347 -9.13 15.07 16.10
C HIS D 347 -9.19 16.29 15.20
N THR D 348 -10.29 17.03 15.33
CA THR D 348 -10.49 18.27 14.57
C THR D 348 -11.02 19.32 15.53
N HIS D 349 -10.21 20.36 15.78
CA HIS D 349 -10.57 21.38 16.74
C HIS D 349 -11.86 22.08 16.32
N PRO D 350 -12.52 22.78 17.25
CA PRO D 350 -13.82 23.38 16.92
C PRO D 350 -13.75 24.57 15.99
N SER D 351 -12.57 24.97 15.54
CA SER D 351 -12.43 26.13 14.66
C SER D 351 -12.06 25.80 13.23
N GLU D 352 -11.43 24.64 12.99
CA GLU D 352 -11.02 24.30 11.64
C GLU D 352 -12.21 24.19 10.71
N THR D 353 -12.05 24.70 9.49
CA THR D 353 -13.14 24.70 8.53
C THR D 353 -13.69 23.29 8.32
N VAL D 354 -14.93 23.23 7.85
CA VAL D 354 -15.58 21.94 7.62
C VAL D 354 -14.78 21.11 6.62
N ARG D 355 -14.34 21.75 5.54
CA ARG D 355 -13.60 21.02 4.51
C ARG D 355 -12.36 20.36 5.08
N ASP D 356 -11.69 21.01 6.04
CA ASP D 356 -10.55 20.41 6.69
C ASP D 356 -10.92 19.18 7.50
N ALA D 357 -12.10 19.18 8.12
CA ALA D 357 -12.54 18.00 8.86
C ALA D 357 -12.82 16.86 7.91
N ILE D 358 -13.54 17.13 6.82
CA ILE D 358 -13.82 16.08 5.85
C ILE D 358 -12.53 15.53 5.28
N GLY D 359 -11.53 16.40 5.06
CA GLY D 359 -10.27 15.93 4.55
C GLY D 359 -9.48 15.10 5.53
N ILE D 360 -9.48 15.51 6.81
CA ILE D 360 -8.81 14.73 7.84
C ILE D 360 -9.49 13.39 8.05
N LEU D 361 -10.75 13.28 7.64
CA LEU D 361 -11.41 11.98 7.61
C LEU D 361 -10.95 11.18 6.40
N ARG D 362 -11.07 11.76 5.20
CA ARG D 362 -10.70 11.05 3.98
C ARG D 362 -9.25 10.60 3.99
N GLU D 363 -8.39 11.31 4.71
CA GLU D 363 -6.96 11.02 4.72
C GLU D 363 -6.60 9.83 5.61
N TYR D 364 -7.25 9.72 6.76
CA TYR D 364 -6.93 8.67 7.73
C TYR D 364 -7.88 7.48 7.63
N GLY D 365 -8.77 7.46 6.65
CA GLY D 365 -9.65 6.33 6.43
C GLY D 365 -10.53 5.99 7.62
N VAL D 366 -10.86 6.99 8.43
CA VAL D 366 -11.79 6.82 9.53
C VAL D 366 -13.11 7.47 9.13
N SER D 367 -14.15 7.25 9.94
CA SER D 367 -15.47 7.78 9.63
C SER D 367 -16.11 8.43 10.85
N GLN D 368 -15.32 8.80 11.85
CA GLN D 368 -15.81 9.52 13.02
C GLN D 368 -14.61 10.06 13.78
N MET D 369 -14.83 11.13 14.53
CA MET D 369 -13.72 11.73 15.25
C MET D 369 -14.18 12.78 16.25
N PRO D 370 -13.51 12.88 17.40
CA PRO D 370 -13.89 13.88 18.40
C PRO D 370 -13.27 15.23 18.04
N VAL D 371 -14.11 16.27 18.04
CA VAL D 371 -13.66 17.63 17.83
C VAL D 371 -13.20 18.17 19.18
N VAL D 372 -11.95 17.93 19.53
CA VAL D 372 -11.43 18.19 20.87
C VAL D 372 -10.43 19.33 20.78
N GLY D 373 -10.73 20.44 21.48
CA GLY D 373 -9.79 21.51 21.63
C GLY D 373 -8.57 21.03 22.40
N ALA D 374 -7.61 21.92 22.67
CA ALA D 374 -6.40 21.53 23.38
C ALA D 374 -5.65 20.43 22.63
N GLU D 375 -5.12 20.84 21.48
CA GLU D 375 -4.48 19.98 20.49
C GLU D 375 -3.71 18.82 21.11
N PRO D 376 -2.92 19.04 22.15
CA PRO D 376 -2.15 17.93 22.75
C PRO D 376 -3.05 16.74 23.04
N PRO D 377 -2.83 15.62 22.35
CA PRO D 377 -3.66 14.43 22.59
C PRO D 377 -3.38 13.78 23.93
N VAL D 378 -3.42 14.56 25.00
CA VAL D 378 -3.24 14.05 26.35
C VAL D 378 -4.38 14.60 27.19
N MET D 379 -5.33 15.26 26.55
CA MET D 379 -6.40 15.97 27.23
C MET D 379 -7.33 15.00 27.97
N ALA D 380 -8.15 15.56 28.84
CA ALA D 380 -9.09 14.81 29.64
C ALA D 380 -10.42 14.70 28.88
N GLY D 381 -11.49 14.31 29.57
CA GLY D 381 -12.80 14.19 28.96
C GLY D 381 -13.37 15.50 28.44
N GLU D 382 -12.57 16.56 28.47
CA GLU D 382 -12.98 17.85 27.94
C GLU D 382 -12.96 17.87 26.43
N VAL D 383 -13.84 17.07 25.80
CA VAL D 383 -13.98 17.04 24.35
C VAL D 383 -15.23 17.82 23.98
N ALA D 384 -15.09 18.78 23.08
CA ALA D 384 -16.21 19.65 22.73
C ALA D 384 -17.36 18.87 22.10
N GLY D 385 -17.06 17.85 21.31
CA GLY D 385 -18.11 17.07 20.66
C GLY D 385 -17.50 16.07 19.69
N SER D 386 -18.31 15.66 18.72
CA SER D 386 -17.85 14.72 17.71
C SER D 386 -18.41 15.12 16.35
N VAL D 387 -17.64 14.87 15.30
CA VAL D 387 -18.06 15.17 13.93
C VAL D 387 -17.93 13.89 13.12
N SER D 388 -19.06 13.39 12.62
CA SER D 388 -19.05 12.19 11.80
C SER D 388 -18.68 12.56 10.36
N GLU D 389 -18.82 11.61 9.45
CA GLU D 389 -18.58 11.83 8.03
C GLU D 389 -19.88 11.83 7.23
N ARG D 390 -20.76 10.86 7.49
CA ARG D 390 -22.02 10.79 6.77
C ARG D 390 -22.91 11.99 7.06
N GLU D 391 -22.67 12.69 8.17
CA GLU D 391 -23.43 13.91 8.46
C GLU D 391 -22.86 15.10 7.71
N LEU D 392 -21.57 15.36 7.84
CA LEU D 392 -20.95 16.46 7.11
C LEU D 392 -21.26 16.35 5.62
N LEU D 393 -21.02 15.16 5.06
CA LEU D 393 -21.36 14.93 3.67
C LEU D 393 -22.87 14.95 3.43
N SER D 394 -23.67 14.87 4.49
CA SER D 394 -25.12 15.04 4.37
C SER D 394 -25.55 16.48 4.59
N ALA D 395 -24.77 17.26 5.33
CA ALA D 395 -25.06 18.67 5.56
C ALA D 395 -24.26 19.58 4.66
N VAL D 396 -23.62 19.03 3.63
CA VAL D 396 -22.83 19.83 2.69
C VAL D 396 -23.46 19.74 1.31
N PHE D 397 -24.17 18.64 1.04
CA PHE D 397 -24.84 18.45 -0.23
C PHE D 397 -26.31 18.84 -0.19
N GLU D 398 -26.92 18.92 0.99
CA GLU D 398 -28.29 19.37 1.11
C GLU D 398 -28.42 20.88 1.31
N GLY D 399 -27.30 21.57 1.51
CA GLY D 399 -27.31 23.01 1.67
C GLY D 399 -27.32 23.48 3.11
N ARG D 400 -27.42 22.58 4.07
CA ARG D 400 -27.48 22.95 5.48
C ARG D 400 -26.13 23.40 6.03
N ALA D 401 -25.07 23.36 5.24
CA ALA D 401 -23.76 23.81 5.66
C ALA D 401 -22.87 23.93 4.44
N LYS D 402 -21.96 24.91 4.47
CA LYS D 402 -21.07 25.19 3.35
C LYS D 402 -19.65 24.78 3.71
N LEU D 403 -18.88 24.44 2.67
CA LEU D 403 -17.53 23.90 2.89
C LEU D 403 -16.68 24.85 3.72
N ALA D 404 -16.76 26.15 3.46
CA ALA D 404 -15.93 27.14 4.12
C ALA D 404 -16.42 27.49 5.52
N ASP D 405 -17.30 26.69 6.09
CA ASP D 405 -17.88 26.99 7.39
C ASP D 405 -17.02 26.41 8.51
N ALA D 406 -17.39 26.73 9.75
CA ALA D 406 -16.67 26.24 10.92
C ALA D 406 -17.35 25.00 11.47
N VAL D 407 -16.55 23.98 11.80
CA VAL D 407 -17.11 22.74 12.28
C VAL D 407 -17.82 22.91 13.61
N SER D 408 -17.55 23.99 14.34
CA SER D 408 -18.16 24.21 15.64
C SER D 408 -19.65 24.49 15.56
N ALA D 409 -20.25 24.47 14.37
CA ALA D 409 -21.68 24.69 14.22
C ALA D 409 -22.36 23.54 13.50
N HIS D 410 -21.66 22.43 13.23
CA HIS D 410 -22.26 21.29 12.56
C HIS D 410 -21.77 19.97 13.15
N MET D 411 -21.45 19.97 14.45
CA MET D 411 -20.92 18.80 15.13
C MET D 411 -21.99 18.17 16.01
N SER D 412 -22.07 16.84 15.97
CA SER D 412 -23.00 16.11 16.80
C SER D 412 -22.51 16.05 18.24
N PRO D 413 -23.40 15.80 19.19
CA PRO D 413 -23.00 15.72 20.59
C PRO D 413 -21.95 14.64 20.79
N PRO D 414 -21.13 14.74 21.84
CA PRO D 414 -20.07 13.76 22.05
C PRO D 414 -20.61 12.34 21.99
N LEU D 415 -19.75 11.41 21.59
CA LEU D 415 -20.11 10.01 21.48
C LEU D 415 -19.74 9.26 22.76
N ARG D 416 -20.56 8.29 23.12
CA ARG D 416 -20.33 7.55 24.36
C ARG D 416 -18.96 6.90 24.35
N MET D 417 -18.46 6.58 25.56
CA MET D 417 -17.09 6.14 25.74
C MET D 417 -17.06 4.91 26.64
N ILE D 418 -16.00 4.11 26.47
CA ILE D 418 -15.74 2.95 27.31
C ILE D 418 -14.24 2.86 27.56
N GLY D 419 -13.87 2.20 28.65
CA GLY D 419 -12.47 2.03 28.97
C GLY D 419 -11.77 1.09 27.98
N ALA D 420 -10.50 1.38 27.72
CA ALA D 420 -9.75 0.62 26.74
C ALA D 420 -9.30 -0.74 27.26
N GLY D 421 -9.21 -0.92 28.57
CA GLY D 421 -8.77 -2.19 29.12
C GLY D 421 -9.89 -3.14 29.47
N GLU D 422 -10.75 -3.45 28.50
CA GLU D 422 -11.89 -4.32 28.73
C GLU D 422 -12.10 -5.22 27.51
N LEU D 423 -12.60 -6.43 27.78
CA LEU D 423 -12.73 -7.45 26.74
C LEU D 423 -13.71 -7.01 25.65
N VAL D 424 -13.69 -7.74 24.54
CA VAL D 424 -14.56 -7.45 23.41
C VAL D 424 -16.02 -7.80 23.69
N SER D 425 -16.31 -8.56 24.75
CA SER D 425 -17.69 -8.93 25.04
C SER D 425 -18.52 -7.69 25.36
N ALA D 426 -18.04 -6.88 26.31
CA ALA D 426 -18.76 -5.69 26.70
C ALA D 426 -18.92 -4.73 25.53
N ALA D 427 -17.95 -4.71 24.61
CA ALA D 427 -18.08 -3.89 23.41
C ALA D 427 -19.14 -4.44 22.46
N GLY D 428 -19.07 -5.74 22.18
CA GLY D 428 -20.06 -6.35 21.31
C GLY D 428 -21.48 -6.13 21.80
N LYS D 429 -21.64 -5.99 23.12
CA LYS D 429 -22.93 -5.60 23.66
C LYS D 429 -23.16 -4.09 23.65
N ALA D 430 -22.12 -3.28 23.85
CA ALA D 430 -22.31 -1.84 24.00
C ALA D 430 -22.62 -1.19 22.66
N LEU D 431 -21.91 -1.59 21.60
CA LEU D 431 -22.25 -1.10 20.26
C LEU D 431 -23.62 -1.57 19.80
N ARG D 432 -24.34 -2.34 20.63
CA ARG D 432 -25.71 -2.71 20.31
C ARG D 432 -26.69 -1.56 20.48
N ASP D 433 -26.25 -0.44 21.07
CA ASP D 433 -27.10 0.74 21.23
C ASP D 433 -26.62 1.95 20.46
N TRP D 434 -25.34 2.00 20.08
CA TRP D 434 -24.80 3.14 19.34
C TRP D 434 -24.11 2.66 18.06
N ASP D 435 -23.43 3.58 17.36
CA ASP D 435 -22.72 3.23 16.14
C ASP D 435 -21.21 3.21 16.32
N ALA D 436 -20.69 3.86 17.35
CA ALA D 436 -19.25 3.86 17.65
C ALA D 436 -19.07 4.51 19.02
N LEU D 437 -17.94 4.22 19.65
CA LEU D 437 -17.69 4.75 20.99
C LEU D 437 -16.20 4.98 21.20
N MET D 438 -15.88 5.99 21.99
CA MET D 438 -14.50 6.29 22.32
C MET D 438 -13.98 5.34 23.40
N VAL D 439 -12.67 5.13 23.38
CA VAL D 439 -12.01 4.24 24.33
C VAL D 439 -11.15 5.12 25.23
N VAL D 440 -11.67 5.45 26.40
CA VAL D 440 -10.92 6.25 27.37
C VAL D 440 -9.89 5.35 28.03
N GLU D 441 -8.63 5.78 27.99
CA GLU D 441 -7.52 5.03 28.57
C GLU D 441 -6.85 5.91 29.61
N GLU D 442 -7.24 5.74 30.88
CA GLU D 442 -6.77 6.54 31.99
C GLU D 442 -7.42 7.92 32.02
N GLY D 443 -8.61 8.06 31.42
CA GLY D 443 -9.31 9.32 31.39
C GLY D 443 -9.05 10.15 30.15
N LYS D 444 -8.08 9.77 29.33
CA LYS D 444 -7.75 10.49 28.11
C LYS D 444 -8.12 9.65 26.90
N PRO D 445 -8.94 10.15 25.98
CA PRO D 445 -9.31 9.35 24.81
C PRO D 445 -8.08 8.95 24.01
N VAL D 446 -8.13 7.74 23.46
CA VAL D 446 -6.98 7.17 22.75
C VAL D 446 -7.41 6.67 21.39
N GLY D 447 -8.71 6.67 21.11
CA GLY D 447 -9.19 6.21 19.82
C GLY D 447 -10.69 6.04 19.83
N VAL D 448 -11.20 5.54 18.71
CA VAL D 448 -12.63 5.31 18.52
C VAL D 448 -12.81 3.90 17.97
N ILE D 449 -13.61 3.10 18.67
CA ILE D 449 -13.92 1.73 18.23
C ILE D 449 -15.32 1.75 17.64
N THR D 450 -15.44 1.23 16.42
CA THR D 450 -16.68 1.28 15.66
C THR D 450 -17.05 -0.13 15.20
N ARG D 451 -18.35 -0.34 14.95
CA ARG D 451 -18.85 -1.66 14.57
C ARG D 451 -18.05 -2.25 13.42
N TYR D 452 -17.86 -1.46 12.36
CA TYR D 452 -17.18 -1.94 11.16
C TYR D 452 -15.78 -2.44 11.47
N ASP D 453 -15.16 -1.93 12.53
CA ASP D 453 -13.86 -2.38 12.99
C ASP D 453 -13.97 -3.59 13.92
N LEU D 454 -14.96 -3.59 14.81
CA LEU D 454 -15.15 -4.71 15.72
C LEU D 454 -15.35 -6.01 14.95
N LEU D 455 -16.17 -5.96 13.90
CA LEU D 455 -16.35 -7.15 13.08
C LEU D 455 -15.04 -7.58 12.42
N GLY D 456 -14.34 -6.62 11.79
CA GLY D 456 -13.09 -6.95 11.13
C GLY D 456 -12.10 -7.61 12.06
N PHE D 457 -12.09 -7.21 13.33
CA PHE D 457 -11.21 -7.86 14.30
C PHE D 457 -11.71 -9.26 14.65
N LEU D 458 -12.96 -9.37 15.09
CA LEU D 458 -13.51 -10.67 15.44
C LEU D 458 -13.40 -11.64 14.27
N SER D 459 -13.73 -11.17 13.07
CA SER D 459 -13.77 -12.01 11.88
C SER D 459 -12.38 -12.42 11.41
N GLU D 460 -11.32 -12.01 12.08
CA GLU D 460 -9.97 -12.43 11.71
C GLU D 460 -9.10 -12.88 12.88
N GLY D 461 -9.43 -12.54 14.11
CA GLY D 461 -8.61 -12.91 15.25
C GLY D 461 -9.42 -13.10 16.52
#